data_1LMI
# 
_entry.id   1LMI 
# 
_audit_conform.dict_name       mmcif_pdbx.dic 
_audit_conform.dict_version    5.386 
_audit_conform.dict_location   http://mmcif.pdb.org/dictionaries/ascii/mmcif_pdbx.dic 
# 
loop_
_database_2.database_id 
_database_2.database_code 
_database_2.pdbx_database_accession 
_database_2.pdbx_DOI 
PDB   1LMI         pdb_00001lmi 10.2210/pdb1lmi/pdb 
RCSB  RCSB016085   ?            ?                   
WWPDB D_1000016085 ?            ?                   
# 
loop_
_pdbx_audit_revision_history.ordinal 
_pdbx_audit_revision_history.data_content_type 
_pdbx_audit_revision_history.major_revision 
_pdbx_audit_revision_history.minor_revision 
_pdbx_audit_revision_history.revision_date 
1 'Structure model' 1 0 2002-12-04 
2 'Structure model' 1 1 2008-04-28 
3 'Structure model' 1 2 2011-07-13 
4 'Structure model' 1 3 2024-02-14 
# 
_pdbx_audit_revision_details.ordinal             1 
_pdbx_audit_revision_details.revision_ordinal    1 
_pdbx_audit_revision_details.data_content_type   'Structure model' 
_pdbx_audit_revision_details.provider            repository 
_pdbx_audit_revision_details.type                'Initial release' 
_pdbx_audit_revision_details.description         ? 
_pdbx_audit_revision_details.details             ? 
# 
loop_
_pdbx_audit_revision_group.ordinal 
_pdbx_audit_revision_group.revision_ordinal 
_pdbx_audit_revision_group.data_content_type 
_pdbx_audit_revision_group.group 
1 2 'Structure model' 'Version format compliance' 
2 3 'Structure model' 'Version format compliance' 
3 4 'Structure model' 'Data collection'           
4 4 'Structure model' 'Database references'       
# 
loop_
_pdbx_audit_revision_category.ordinal 
_pdbx_audit_revision_category.revision_ordinal 
_pdbx_audit_revision_category.data_content_type 
_pdbx_audit_revision_category.category 
1 4 'Structure model' chem_comp_atom     
2 4 'Structure model' chem_comp_bond     
3 4 'Structure model' database_2         
4 4 'Structure model' struct_ref_seq_dif 
# 
loop_
_pdbx_audit_revision_item.ordinal 
_pdbx_audit_revision_item.revision_ordinal 
_pdbx_audit_revision_item.data_content_type 
_pdbx_audit_revision_item.item 
1 4 'Structure model' '_database_2.pdbx_DOI'                
2 4 'Structure model' '_database_2.pdbx_database_accession' 
3 4 'Structure model' '_struct_ref_seq_dif.details'         
# 
_pdbx_database_status.status_code                     REL 
_pdbx_database_status.entry_id                        1LMI 
_pdbx_database_status.recvd_initial_deposition_date   2002-05-01 
_pdbx_database_status.deposit_site                    RCSB 
_pdbx_database_status.process_site                    RCSB 
_pdbx_database_status.SG_entry                        Y 
_pdbx_database_status.status_code_sf                  REL 
_pdbx_database_status.pdb_format_compatible           Y 
_pdbx_database_status.status_code_mr                  ? 
_pdbx_database_status.status_code_cs                  ? 
_pdbx_database_status.status_code_nmr_data            ? 
_pdbx_database_status.methods_development_category    ? 
# 
_pdbx_database_related.db_name        TargetDB 
_pdbx_database_related.db_id          Rv1926c 
_pdbx_database_related.details        . 
_pdbx_database_related.content_type   unspecified 
# 
loop_
_audit_author.name 
_audit_author.pdbx_ordinal 
'Goulding, C.W.'                            1 
'Parseghian, A.'                            2 
'Sawaya, M.R.'                              3 
'Cascio, D.'                                4 
'Apostol, M.'                               5 
'Gennaro, M.L.'                             6 
'Eisenberg, D.'                             7 
'TB Structural Genomics Consortium (TBSGC)' 8 
# 
_citation.id                        primary 
_citation.title                     
;Crystal structure of a major secreted protein of Mycobacterium tuberculosis-MPT63 at 
1.5-A resolution
;
_citation.journal_abbrev            'Protein Sci.' 
_citation.journal_volume            11 
_citation.page_first                2887 
_citation.page_last                 2893 
_citation.year                      2002 
_citation.journal_id_ASTM           PRCIEI 
_citation.country                   US 
_citation.journal_id_ISSN           0961-8368 
_citation.journal_id_CSD            0795 
_citation.book_publisher            ? 
_citation.pdbx_database_id_PubMed   12441386 
_citation.pdbx_database_id_DOI      10.1110/ps.0219002 
# 
loop_
_citation_author.citation_id 
_citation_author.name 
_citation_author.ordinal 
_citation_author.identifier_ORCID 
primary 'Goulding, C.W.' 1 ? 
primary 'Parseghian, A.' 2 ? 
primary 'Sawaya, M.R.'   3 ? 
primary 'Cascio, D.'     4 ? 
primary 'Apostol, M.'    5 ? 
primary 'Gennaro, M.L.'  6 ? 
primary 'Eisenberg, D.'  7 ? 
# 
loop_
_entity.id 
_entity.type 
_entity.src_method 
_entity.pdbx_description 
_entity.formula_weight 
_entity.pdbx_number_of_molecules 
_entity.pdbx_ec 
_entity.pdbx_mutation 
_entity.pdbx_fragment 
_entity.details 
1 polymer man 'Immunogenic protein MPT63/MPB63' 13749.392 1   ? ? ? ? 
2 water   nat water                             18.015    172 ? ? ? ? 
# 
_entity_name_com.entity_id   1 
_entity_name_com.name        'Antigen MPT63/MPB63, 16kDa immunoprotective extracellular protein' 
# 
_entity_poly.entity_id                      1 
_entity_poly.type                           'polypeptide(L)' 
_entity_poly.nstd_linkage                   no 
_entity_poly.nstd_monomer                   no 
_entity_poly.pdbx_seq_one_letter_code       
;SAYPITGKLGSELTMTDTVGQVVLGWKVSDLKSSTAVIPGYPVAGQVWEATATVNAIRGSVTPAVSQFNARTADGINYRV
LWQAAGPDTISGATIPQGEQSTGKIYFDVTGPSPTIVAMNNGMEDLLIWEP
;
_entity_poly.pdbx_seq_one_letter_code_can   
;SAYPITGKLGSELTMTDTVGQVVLGWKVSDLKSSTAVIPGYPVAGQVWEATATVNAIRGSVTPAVSQFNARTADGINYRV
LWQAAGPDTISGATIPQGEQSTGKIYFDVTGPSPTIVAMNNGMEDLLIWEP
;
_entity_poly.pdbx_strand_id                 A 
_entity_poly.pdbx_target_identifier         Rv1926c 
# 
_pdbx_entity_nonpoly.entity_id   2 
_pdbx_entity_nonpoly.name        water 
_pdbx_entity_nonpoly.comp_id     HOH 
# 
loop_
_entity_poly_seq.entity_id 
_entity_poly_seq.num 
_entity_poly_seq.mon_id 
_entity_poly_seq.hetero 
1 1   SER n 
1 2   ALA n 
1 3   TYR n 
1 4   PRO n 
1 5   ILE n 
1 6   THR n 
1 7   GLY n 
1 8   LYS n 
1 9   LEU n 
1 10  GLY n 
1 11  SER n 
1 12  GLU n 
1 13  LEU n 
1 14  THR n 
1 15  MET n 
1 16  THR n 
1 17  ASP n 
1 18  THR n 
1 19  VAL n 
1 20  GLY n 
1 21  GLN n 
1 22  VAL n 
1 23  VAL n 
1 24  LEU n 
1 25  GLY n 
1 26  TRP n 
1 27  LYS n 
1 28  VAL n 
1 29  SER n 
1 30  ASP n 
1 31  LEU n 
1 32  LYS n 
1 33  SER n 
1 34  SER n 
1 35  THR n 
1 36  ALA n 
1 37  VAL n 
1 38  ILE n 
1 39  PRO n 
1 40  GLY n 
1 41  TYR n 
1 42  PRO n 
1 43  VAL n 
1 44  ALA n 
1 45  GLY n 
1 46  GLN n 
1 47  VAL n 
1 48  TRP n 
1 49  GLU n 
1 50  ALA n 
1 51  THR n 
1 52  ALA n 
1 53  THR n 
1 54  VAL n 
1 55  ASN n 
1 56  ALA n 
1 57  ILE n 
1 58  ARG n 
1 59  GLY n 
1 60  SER n 
1 61  VAL n 
1 62  THR n 
1 63  PRO n 
1 64  ALA n 
1 65  VAL n 
1 66  SER n 
1 67  GLN n 
1 68  PHE n 
1 69  ASN n 
1 70  ALA n 
1 71  ARG n 
1 72  THR n 
1 73  ALA n 
1 74  ASP n 
1 75  GLY n 
1 76  ILE n 
1 77  ASN n 
1 78  TYR n 
1 79  ARG n 
1 80  VAL n 
1 81  LEU n 
1 82  TRP n 
1 83  GLN n 
1 84  ALA n 
1 85  ALA n 
1 86  GLY n 
1 87  PRO n 
1 88  ASP n 
1 89  THR n 
1 90  ILE n 
1 91  SER n 
1 92  GLY n 
1 93  ALA n 
1 94  THR n 
1 95  ILE n 
1 96  PRO n 
1 97  GLN n 
1 98  GLY n 
1 99  GLU n 
1 100 GLN n 
1 101 SER n 
1 102 THR n 
1 103 GLY n 
1 104 LYS n 
1 105 ILE n 
1 106 TYR n 
1 107 PHE n 
1 108 ASP n 
1 109 VAL n 
1 110 THR n 
1 111 GLY n 
1 112 PRO n 
1 113 SER n 
1 114 PRO n 
1 115 THR n 
1 116 ILE n 
1 117 VAL n 
1 118 ALA n 
1 119 MET n 
1 120 ASN n 
1 121 ASN n 
1 122 GLY n 
1 123 MET n 
1 124 GLU n 
1 125 ASP n 
1 126 LEU n 
1 127 LEU n 
1 128 ILE n 
1 129 TRP n 
1 130 GLU n 
1 131 PRO n 
# 
_entity_src_gen.entity_id                          1 
_entity_src_gen.pdbx_src_id                        1 
_entity_src_gen.pdbx_alt_source_flag               sample 
_entity_src_gen.pdbx_seq_type                      ? 
_entity_src_gen.pdbx_beg_seq_num                   ? 
_entity_src_gen.pdbx_end_seq_num                   ? 
_entity_src_gen.gene_src_common_name               ? 
_entity_src_gen.gene_src_genus                     Mycobacterium 
_entity_src_gen.pdbx_gene_src_gene                 'Rv1926c, MPT63' 
_entity_src_gen.gene_src_species                   ? 
_entity_src_gen.gene_src_strain                    ? 
_entity_src_gen.gene_src_tissue                    H37Rv 
_entity_src_gen.gene_src_tissue_fraction           ? 
_entity_src_gen.gene_src_details                   ? 
_entity_src_gen.pdbx_gene_src_fragment             ? 
_entity_src_gen.pdbx_gene_src_scientific_name      'Mycobacterium tuberculosis' 
_entity_src_gen.pdbx_gene_src_ncbi_taxonomy_id     1773 
_entity_src_gen.pdbx_gene_src_variant              ? 
_entity_src_gen.pdbx_gene_src_cell_line            ? 
_entity_src_gen.pdbx_gene_src_atcc                 ? 
_entity_src_gen.pdbx_gene_src_organ                ? 
_entity_src_gen.pdbx_gene_src_organelle            ? 
_entity_src_gen.pdbx_gene_src_cell                 ? 
_entity_src_gen.pdbx_gene_src_cellular_location    ? 
_entity_src_gen.host_org_common_name               ? 
_entity_src_gen.pdbx_host_org_scientific_name      'Escherichia coli K12' 
_entity_src_gen.pdbx_host_org_ncbi_taxonomy_id     83333 
_entity_src_gen.host_org_genus                     Escherichia 
_entity_src_gen.pdbx_host_org_gene                 ? 
_entity_src_gen.pdbx_host_org_organ                ? 
_entity_src_gen.host_org_species                   'Escherichia coli' 
_entity_src_gen.pdbx_host_org_tissue               ? 
_entity_src_gen.pdbx_host_org_tissue_fraction      ? 
_entity_src_gen.pdbx_host_org_strain               K12 
_entity_src_gen.pdbx_host_org_variant              ? 
_entity_src_gen.pdbx_host_org_cell_line            ? 
_entity_src_gen.pdbx_host_org_atcc                 ? 
_entity_src_gen.pdbx_host_org_culture_collection   ? 
_entity_src_gen.pdbx_host_org_cell                 ? 
_entity_src_gen.pdbx_host_org_organelle            ? 
_entity_src_gen.pdbx_host_org_cellular_location    ? 
_entity_src_gen.pdbx_host_org_vector_type          plasmid 
_entity_src_gen.pdbx_host_org_vector               ? 
_entity_src_gen.host_org_details                   ? 
_entity_src_gen.expression_system_id               ? 
_entity_src_gen.plasmid_name                       pQE30 
_entity_src_gen.plasmid_details                    ? 
_entity_src_gen.pdbx_description                   ? 
# 
loop_
_chem_comp.id 
_chem_comp.type 
_chem_comp.mon_nstd_flag 
_chem_comp.name 
_chem_comp.pdbx_synonyms 
_chem_comp.formula 
_chem_comp.formula_weight 
ALA 'L-peptide linking' y ALANINE         ? 'C3 H7 N O2'     89.093  
ARG 'L-peptide linking' y ARGININE        ? 'C6 H15 N4 O2 1' 175.209 
ASN 'L-peptide linking' y ASPARAGINE      ? 'C4 H8 N2 O3'    132.118 
ASP 'L-peptide linking' y 'ASPARTIC ACID' ? 'C4 H7 N O4'     133.103 
GLN 'L-peptide linking' y GLUTAMINE       ? 'C5 H10 N2 O3'   146.144 
GLU 'L-peptide linking' y 'GLUTAMIC ACID' ? 'C5 H9 N O4'     147.129 
GLY 'peptide linking'   y GLYCINE         ? 'C2 H5 N O2'     75.067  
HOH non-polymer         . WATER           ? 'H2 O'           18.015  
ILE 'L-peptide linking' y ISOLEUCINE      ? 'C6 H13 N O2'    131.173 
LEU 'L-peptide linking' y LEUCINE         ? 'C6 H13 N O2'    131.173 
LYS 'L-peptide linking' y LYSINE          ? 'C6 H15 N2 O2 1' 147.195 
MET 'L-peptide linking' y METHIONINE      ? 'C5 H11 N O2 S'  149.211 
PHE 'L-peptide linking' y PHENYLALANINE   ? 'C9 H11 N O2'    165.189 
PRO 'L-peptide linking' y PROLINE         ? 'C5 H9 N O2'     115.130 
SER 'L-peptide linking' y SERINE          ? 'C3 H7 N O3'     105.093 
THR 'L-peptide linking' y THREONINE       ? 'C4 H9 N O3'     119.119 
TRP 'L-peptide linking' y TRYPTOPHAN      ? 'C11 H12 N2 O2'  204.225 
TYR 'L-peptide linking' y TYROSINE        ? 'C9 H11 N O3'    181.189 
VAL 'L-peptide linking' y VALINE          ? 'C5 H11 N O2'    117.146 
# 
loop_
_pdbx_poly_seq_scheme.asym_id 
_pdbx_poly_seq_scheme.entity_id 
_pdbx_poly_seq_scheme.seq_id 
_pdbx_poly_seq_scheme.mon_id 
_pdbx_poly_seq_scheme.ndb_seq_num 
_pdbx_poly_seq_scheme.pdb_seq_num 
_pdbx_poly_seq_scheme.auth_seq_num 
_pdbx_poly_seq_scheme.pdb_mon_id 
_pdbx_poly_seq_scheme.auth_mon_id 
_pdbx_poly_seq_scheme.pdb_strand_id 
_pdbx_poly_seq_scheme.pdb_ins_code 
_pdbx_poly_seq_scheme.hetero 
A 1 1   SER 1   1   1   SER SER A . n 
A 1 2   ALA 2   2   2   ALA ALA A . n 
A 1 3   TYR 3   3   3   TYR TYR A . n 
A 1 4   PRO 4   4   4   PRO PRO A . n 
A 1 5   ILE 5   5   5   ILE ILE A . n 
A 1 6   THR 6   6   6   THR THR A . n 
A 1 7   GLY 7   7   7   GLY GLY A . n 
A 1 8   LYS 8   8   8   LYS LYS A . n 
A 1 9   LEU 9   9   9   LEU LEU A . n 
A 1 10  GLY 10  10  10  GLY GLY A . n 
A 1 11  SER 11  11  11  SER SER A . n 
A 1 12  GLU 12  12  12  GLU GLU A . n 
A 1 13  LEU 13  13  13  LEU LEU A . n 
A 1 14  THR 14  14  14  THR THR A . n 
A 1 15  MET 15  15  15  MET MET A . n 
A 1 16  THR 16  16  16  THR THR A . n 
A 1 17  ASP 17  17  17  ASP ASP A . n 
A 1 18  THR 18  18  18  THR THR A . n 
A 1 19  VAL 19  19  19  VAL VAL A . n 
A 1 20  GLY 20  20  20  GLY GLY A . n 
A 1 21  GLN 21  21  21  GLN GLN A . n 
A 1 22  VAL 22  22  22  VAL VAL A . n 
A 1 23  VAL 23  23  23  VAL VAL A . n 
A 1 24  LEU 24  24  24  LEU LEU A . n 
A 1 25  GLY 25  25  25  GLY GLY A . n 
A 1 26  TRP 26  26  26  TRP TRP A . n 
A 1 27  LYS 27  27  27  LYS LYS A . n 
A 1 28  VAL 28  28  28  VAL VAL A . n 
A 1 29  SER 29  29  29  SER SER A . n 
A 1 30  ASP 30  30  30  ASP ASP A . n 
A 1 31  LEU 31  31  31  LEU LEU A . n 
A 1 32  LYS 32  32  32  LYS LYS A . n 
A 1 33  SER 33  33  33  SER SER A . n 
A 1 34  SER 34  34  34  SER SER A . n 
A 1 35  THR 35  35  35  THR THR A . n 
A 1 36  ALA 36  36  36  ALA ALA A . n 
A 1 37  VAL 37  37  37  VAL VAL A . n 
A 1 38  ILE 38  38  38  ILE ILE A . n 
A 1 39  PRO 39  39  39  PRO PRO A . n 
A 1 40  GLY 40  40  40  GLY GLY A . n 
A 1 41  TYR 41  41  41  TYR TYR A . n 
A 1 42  PRO 42  42  42  PRO PRO A . n 
A 1 43  VAL 43  43  43  VAL VAL A . n 
A 1 44  ALA 44  44  44  ALA ALA A . n 
A 1 45  GLY 45  45  45  GLY GLY A . n 
A 1 46  GLN 46  46  46  GLN GLN A . n 
A 1 47  VAL 47  47  47  VAL VAL A . n 
A 1 48  TRP 48  48  48  TRP TRP A . n 
A 1 49  GLU 49  49  49  GLU GLU A . n 
A 1 50  ALA 50  50  50  ALA ALA A . n 
A 1 51  THR 51  51  51  THR THR A . n 
A 1 52  ALA 52  52  52  ALA ALA A . n 
A 1 53  THR 53  53  53  THR THR A . n 
A 1 54  VAL 54  54  54  VAL VAL A . n 
A 1 55  ASN 55  55  55  ASN ASN A . n 
A 1 56  ALA 56  56  56  ALA ALA A . n 
A 1 57  ILE 57  57  57  ILE ILE A . n 
A 1 58  ARG 58  58  58  ARG ARG A . n 
A 1 59  GLY 59  59  59  GLY GLY A . n 
A 1 60  SER 60  60  60  SER SER A . n 
A 1 61  VAL 61  61  61  VAL VAL A . n 
A 1 62  THR 62  62  62  THR THR A . n 
A 1 63  PRO 63  63  63  PRO PRO A . n 
A 1 64  ALA 64  64  64  ALA ALA A . n 
A 1 65  VAL 65  65  65  VAL VAL A . n 
A 1 66  SER 66  66  66  SER SER A . n 
A 1 67  GLN 67  67  67  GLN GLN A . n 
A 1 68  PHE 68  68  68  PHE PHE A . n 
A 1 69  ASN 69  69  69  ASN ASN A . n 
A 1 70  ALA 70  70  70  ALA ALA A . n 
A 1 71  ARG 71  71  71  ARG ARG A . n 
A 1 72  THR 72  72  72  THR THR A . n 
A 1 73  ALA 73  73  73  ALA ALA A . n 
A 1 74  ASP 74  74  74  ASP ASP A . n 
A 1 75  GLY 75  75  75  GLY GLY A . n 
A 1 76  ILE 76  76  76  ILE ILE A . n 
A 1 77  ASN 77  77  77  ASN ASN A . n 
A 1 78  TYR 78  78  78  TYR TYR A . n 
A 1 79  ARG 79  79  79  ARG ARG A . n 
A 1 80  VAL 80  80  80  VAL VAL A . n 
A 1 81  LEU 81  81  81  LEU LEU A . n 
A 1 82  TRP 82  82  82  TRP TRP A . n 
A 1 83  GLN 83  83  83  GLN GLN A . n 
A 1 84  ALA 84  84  84  ALA ALA A . n 
A 1 85  ALA 85  85  85  ALA ALA A . n 
A 1 86  GLY 86  86  86  GLY GLY A . n 
A 1 87  PRO 87  87  87  PRO PRO A . n 
A 1 88  ASP 88  88  88  ASP ASP A . n 
A 1 89  THR 89  89  89  THR THR A . n 
A 1 90  ILE 90  90  90  ILE ILE A . n 
A 1 91  SER 91  91  91  SER SER A . n 
A 1 92  GLY 92  92  92  GLY GLY A . n 
A 1 93  ALA 93  93  93  ALA ALA A . n 
A 1 94  THR 94  94  94  THR THR A . n 
A 1 95  ILE 95  95  95  ILE ILE A . n 
A 1 96  PRO 96  96  96  PRO PRO A . n 
A 1 97  GLN 97  97  97  GLN GLN A . n 
A 1 98  GLY 98  98  98  GLY GLY A . n 
A 1 99  GLU 99  99  99  GLU GLU A . n 
A 1 100 GLN 100 100 100 GLN GLN A . n 
A 1 101 SER 101 101 101 SER SER A . n 
A 1 102 THR 102 102 102 THR THR A . n 
A 1 103 GLY 103 103 103 GLY GLY A . n 
A 1 104 LYS 104 104 104 LYS LYS A . n 
A 1 105 ILE 105 105 105 ILE ILE A . n 
A 1 106 TYR 106 106 106 TYR TYR A . n 
A 1 107 PHE 107 107 107 PHE PHE A . n 
A 1 108 ASP 108 108 108 ASP ASP A . n 
A 1 109 VAL 109 109 109 VAL VAL A . n 
A 1 110 THR 110 110 110 THR THR A . n 
A 1 111 GLY 111 111 111 GLY GLY A . n 
A 1 112 PRO 112 112 112 PRO PRO A . n 
A 1 113 SER 113 113 113 SER SER A . n 
A 1 114 PRO 114 114 114 PRO PRO A . n 
A 1 115 THR 115 115 115 THR THR A . n 
A 1 116 ILE 116 116 116 ILE ILE A . n 
A 1 117 VAL 117 117 117 VAL VAL A . n 
A 1 118 ALA 118 118 118 ALA ALA A . n 
A 1 119 MET 119 119 119 MET MET A . n 
A 1 120 ASN 120 120 120 ASN ASN A . n 
A 1 121 ASN 121 121 121 ASN ASN A . n 
A 1 122 GLY 122 122 122 GLY GLY A . n 
A 1 123 MET 123 123 123 MET MET A . n 
A 1 124 GLU 124 124 124 GLU GLU A . n 
A 1 125 ASP 125 125 125 ASP ASP A . n 
A 1 126 LEU 126 126 126 LEU LEU A . n 
A 1 127 LEU 127 127 127 LEU LEU A . n 
A 1 128 ILE 128 128 128 ILE ILE A . n 
A 1 129 TRP 129 129 129 TRP TRP A . n 
A 1 130 GLU 130 130 130 GLU GLU A . n 
A 1 131 PRO 131 131 131 PRO PRO A . n 
# 
loop_
_pdbx_nonpoly_scheme.asym_id 
_pdbx_nonpoly_scheme.entity_id 
_pdbx_nonpoly_scheme.mon_id 
_pdbx_nonpoly_scheme.ndb_seq_num 
_pdbx_nonpoly_scheme.pdb_seq_num 
_pdbx_nonpoly_scheme.auth_seq_num 
_pdbx_nonpoly_scheme.pdb_mon_id 
_pdbx_nonpoly_scheme.auth_mon_id 
_pdbx_nonpoly_scheme.pdb_strand_id 
_pdbx_nonpoly_scheme.pdb_ins_code 
B 2 HOH 1   132 132 HOH HOH A . 
B 2 HOH 2   133 133 HOH HOH A . 
B 2 HOH 3   134 134 HOH HOH A . 
B 2 HOH 4   135 135 HOH HOH A . 
B 2 HOH 5   136 136 HOH HOH A . 
B 2 HOH 6   137 137 HOH HOH A . 
B 2 HOH 7   138 138 HOH HOH A . 
B 2 HOH 8   139 139 HOH HOH A . 
B 2 HOH 9   140 140 HOH HOH A . 
B 2 HOH 10  141 141 HOH HOH A . 
B 2 HOH 11  142 142 HOH HOH A . 
B 2 HOH 12  143 143 HOH HOH A . 
B 2 HOH 13  144 144 HOH HOH A . 
B 2 HOH 14  145 145 HOH HOH A . 
B 2 HOH 15  146 146 HOH HOH A . 
B 2 HOH 16  147 147 HOH HOH A . 
B 2 HOH 17  148 148 HOH HOH A . 
B 2 HOH 18  149 149 HOH HOH A . 
B 2 HOH 19  150 150 HOH HOH A . 
B 2 HOH 20  151 151 HOH HOH A . 
B 2 HOH 21  152 152 HOH HOH A . 
B 2 HOH 22  153 153 HOH HOH A . 
B 2 HOH 23  154 154 HOH HOH A . 
B 2 HOH 24  155 155 HOH HOH A . 
B 2 HOH 25  156 156 HOH HOH A . 
B 2 HOH 26  157 157 HOH HOH A . 
B 2 HOH 27  158 158 HOH HOH A . 
B 2 HOH 28  159 159 HOH HOH A . 
B 2 HOH 29  160 160 HOH HOH A . 
B 2 HOH 30  161 161 HOH HOH A . 
B 2 HOH 31  162 162 HOH HOH A . 
B 2 HOH 32  163 163 HOH HOH A . 
B 2 HOH 33  164 164 HOH HOH A . 
B 2 HOH 34  165 165 HOH HOH A . 
B 2 HOH 35  166 166 HOH HOH A . 
B 2 HOH 36  167 167 HOH HOH A . 
B 2 HOH 37  168 168 HOH HOH A . 
B 2 HOH 38  169 169 HOH HOH A . 
B 2 HOH 39  170 170 HOH HOH A . 
B 2 HOH 40  171 171 HOH HOH A . 
B 2 HOH 41  172 172 HOH HOH A . 
B 2 HOH 42  173 173 HOH HOH A . 
B 2 HOH 43  174 174 HOH HOH A . 
B 2 HOH 44  175 175 HOH HOH A . 
B 2 HOH 45  176 176 HOH HOH A . 
B 2 HOH 46  177 177 HOH HOH A . 
B 2 HOH 47  178 178 HOH HOH A . 
B 2 HOH 48  179 179 HOH HOH A . 
B 2 HOH 49  180 180 HOH HOH A . 
B 2 HOH 50  181 181 HOH HOH A . 
B 2 HOH 51  182 182 HOH HOH A . 
B 2 HOH 52  183 183 HOH HOH A . 
B 2 HOH 53  184 184 HOH HOH A . 
B 2 HOH 54  185 185 HOH HOH A . 
B 2 HOH 55  186 186 HOH HOH A . 
B 2 HOH 56  187 187 HOH HOH A . 
B 2 HOH 57  188 188 HOH HOH A . 
B 2 HOH 58  189 189 HOH HOH A . 
B 2 HOH 59  190 190 HOH HOH A . 
B 2 HOH 60  191 191 HOH HOH A . 
B 2 HOH 61  192 192 HOH HOH A . 
B 2 HOH 62  193 193 HOH HOH A . 
B 2 HOH 63  194 194 HOH HOH A . 
B 2 HOH 64  195 195 HOH HOH A . 
B 2 HOH 65  196 196 HOH HOH A . 
B 2 HOH 66  197 197 HOH HOH A . 
B 2 HOH 67  198 198 HOH HOH A . 
B 2 HOH 68  199 199 HOH HOH A . 
B 2 HOH 69  200 200 HOH HOH A . 
B 2 HOH 70  201 201 HOH HOH A . 
B 2 HOH 71  202 202 HOH HOH A . 
B 2 HOH 72  203 203 HOH HOH A . 
B 2 HOH 73  204 204 HOH HOH A . 
B 2 HOH 74  205 205 HOH HOH A . 
B 2 HOH 75  206 206 HOH HOH A . 
B 2 HOH 76  207 207 HOH HOH A . 
B 2 HOH 77  208 208 HOH HOH A . 
B 2 HOH 78  209 209 HOH HOH A . 
B 2 HOH 79  210 210 HOH HOH A . 
B 2 HOH 80  211 211 HOH HOH A . 
B 2 HOH 81  212 212 HOH HOH A . 
B 2 HOH 82  213 213 HOH HOH A . 
B 2 HOH 83  214 214 HOH HOH A . 
B 2 HOH 84  215 215 HOH HOH A . 
B 2 HOH 85  216 216 HOH HOH A . 
B 2 HOH 86  217 217 HOH HOH A . 
B 2 HOH 87  218 218 HOH HOH A . 
B 2 HOH 88  219 219 HOH HOH A . 
B 2 HOH 89  220 220 HOH HOH A . 
B 2 HOH 90  221 221 HOH HOH A . 
B 2 HOH 91  222 222 HOH HOH A . 
B 2 HOH 92  223 223 HOH HOH A . 
B 2 HOH 93  224 224 HOH HOH A . 
B 2 HOH 94  225 225 HOH HOH A . 
B 2 HOH 95  226 226 HOH HOH A . 
B 2 HOH 96  227 227 HOH HOH A . 
B 2 HOH 97  228 228 HOH HOH A . 
B 2 HOH 98  229 229 HOH HOH A . 
B 2 HOH 99  230 230 HOH HOH A . 
B 2 HOH 100 231 231 HOH HOH A . 
B 2 HOH 101 232 232 HOH HOH A . 
B 2 HOH 102 233 233 HOH HOH A . 
B 2 HOH 103 234 234 HOH HOH A . 
B 2 HOH 104 235 235 HOH HOH A . 
B 2 HOH 105 236 236 HOH HOH A . 
B 2 HOH 106 237 237 HOH HOH A . 
B 2 HOH 107 238 238 HOH HOH A . 
B 2 HOH 108 239 239 HOH HOH A . 
B 2 HOH 109 240 240 HOH HOH A . 
B 2 HOH 110 241 241 HOH HOH A . 
B 2 HOH 111 242 242 HOH HOH A . 
B 2 HOH 112 243 243 HOH HOH A . 
B 2 HOH 113 244 244 HOH HOH A . 
B 2 HOH 114 245 245 HOH HOH A . 
B 2 HOH 115 246 246 HOH HOH A . 
B 2 HOH 116 247 247 HOH HOH A . 
B 2 HOH 117 248 248 HOH HOH A . 
B 2 HOH 118 249 249 HOH HOH A . 
B 2 HOH 119 250 250 HOH HOH A . 
B 2 HOH 120 251 251 HOH HOH A . 
B 2 HOH 121 252 252 HOH HOH A . 
B 2 HOH 122 253 253 HOH HOH A . 
B 2 HOH 123 254 254 HOH HOH A . 
B 2 HOH 124 255 255 HOH HOH A . 
B 2 HOH 125 256 256 HOH HOH A . 
B 2 HOH 126 257 257 HOH HOH A . 
B 2 HOH 127 258 258 HOH HOH A . 
B 2 HOH 128 259 259 HOH HOH A . 
B 2 HOH 129 260 260 HOH HOH A . 
B 2 HOH 130 261 261 HOH HOH A . 
B 2 HOH 131 262 262 HOH HOH A . 
B 2 HOH 132 263 263 HOH HOH A . 
B 2 HOH 133 264 264 HOH HOH A . 
B 2 HOH 134 265 265 HOH HOH A . 
B 2 HOH 135 266 266 HOH HOH A . 
B 2 HOH 136 267 267 HOH HOH A . 
B 2 HOH 137 268 268 HOH HOH A . 
B 2 HOH 138 269 269 HOH HOH A . 
B 2 HOH 139 270 270 HOH HOH A . 
B 2 HOH 140 271 271 HOH HOH A . 
B 2 HOH 141 272 272 HOH HOH A . 
B 2 HOH 142 273 273 HOH HOH A . 
B 2 HOH 143 274 274 HOH HOH A . 
B 2 HOH 144 275 275 HOH HOH A . 
B 2 HOH 145 276 276 HOH HOH A . 
B 2 HOH 146 277 277 HOH HOH A . 
B 2 HOH 147 278 278 HOH HOH A . 
B 2 HOH 148 279 279 HOH HOH A . 
B 2 HOH 149 280 280 HOH HOH A . 
B 2 HOH 150 281 281 HOH HOH A . 
B 2 HOH 151 282 282 HOH HOH A . 
B 2 HOH 152 283 283 HOH HOH A . 
B 2 HOH 153 284 284 HOH HOH A . 
B 2 HOH 154 285 285 HOH HOH A . 
B 2 HOH 155 286 286 HOH HOH A . 
B 2 HOH 156 287 287 HOH HOH A . 
B 2 HOH 157 288 288 HOH HOH A . 
B 2 HOH 158 289 289 HOH HOH A . 
B 2 HOH 159 290 290 HOH HOH A . 
B 2 HOH 160 291 291 HOH HOH A . 
B 2 HOH 161 292 292 HOH HOH A . 
B 2 HOH 162 293 293 HOH HOH A . 
B 2 HOH 163 294 294 HOH HOH A . 
B 2 HOH 164 295 295 HOH HOH A . 
B 2 HOH 165 296 296 HOH HOH A . 
B 2 HOH 166 297 297 HOH HOH A . 
B 2 HOH 167 298 298 HOH HOH A . 
B 2 HOH 168 299 299 HOH HOH A . 
B 2 HOH 169 300 300 HOH HOH A . 
B 2 HOH 170 301 301 HOH HOH A . 
B 2 HOH 171 302 302 HOH HOH A . 
B 2 HOH 172 303 303 HOH HOH A . 
# 
_pdbx_unobs_or_zero_occ_atoms.id               1 
_pdbx_unobs_or_zero_occ_atoms.PDB_model_num    1 
_pdbx_unobs_or_zero_occ_atoms.polymer_flag     Y 
_pdbx_unobs_or_zero_occ_atoms.occupancy_flag   1 
_pdbx_unobs_or_zero_occ_atoms.auth_asym_id     A 
_pdbx_unobs_or_zero_occ_atoms.auth_comp_id     THR 
_pdbx_unobs_or_zero_occ_atoms.auth_seq_id      14 
_pdbx_unobs_or_zero_occ_atoms.PDB_ins_code     ? 
_pdbx_unobs_or_zero_occ_atoms.auth_atom_id     CG2 
_pdbx_unobs_or_zero_occ_atoms.label_alt_id     ? 
_pdbx_unobs_or_zero_occ_atoms.label_asym_id    A 
_pdbx_unobs_or_zero_occ_atoms.label_comp_id    THR 
_pdbx_unobs_or_zero_occ_atoms.label_seq_id     14 
_pdbx_unobs_or_zero_occ_atoms.label_atom_id    CG2 
# 
loop_
_software.name 
_software.classification 
_software.version 
_software.citation_id 
_software.pdbx_ordinal 
DENZO     'data reduction' . ? 1 
SCALEPACK 'data scaling'   . ? 2 
MLPHARE   phasing          . ? 3 
SHELXL-97 refinement       . ? 4 
# 
_cell.entry_id           1LMI 
_cell.length_a           43.129 
_cell.length_b           43.129 
_cell.length_c           228.798 
_cell.angle_alpha        90.00 
_cell.angle_beta         90.00 
_cell.angle_gamma        120.00 
_cell.Z_PDB              12 
_cell.pdbx_unique_axis   ? 
# 
_symmetry.entry_id                         1LMI 
_symmetry.space_group_name_H-M             'P 65 2 2' 
_symmetry.pdbx_full_space_group_name_H-M   ? 
_symmetry.cell_setting                     ? 
_symmetry.Int_Tables_number                179 
# 
_exptl.entry_id          1LMI 
_exptl.method            'X-RAY DIFFRACTION' 
_exptl.crystals_number   1 
# 
_exptl_crystal.id                    1 
_exptl_crystal.density_meas          ? 
_exptl_crystal.density_Matthews      1.65 
_exptl_crystal.density_percent_sol   25.6 
_exptl_crystal.description           ? 
# 
_exptl_crystal_grow.crystal_id      1 
_exptl_crystal_grow.method          'VAPOR DIFFUSION, HANGING DROP' 
_exptl_crystal_grow.temp            298 
_exptl_crystal_grow.temp_details    ? 
_exptl_crystal_grow.pH              7.0 
_exptl_crystal_grow.pdbx_details    
'26.5% PEG4000, 0.1M Tris/HCl, 15% glycerol, pH 7.0, VAPOR DIFFUSION, HANGING DROP, temperature 298K' 
_exptl_crystal_grow.pdbx_pH_range   . 
# 
_diffrn.id                     1 
_diffrn.ambient_temp           190 
_diffrn.ambient_temp_details   ? 
_diffrn.crystal_id             1 
# 
_diffrn_detector.diffrn_id              1 
_diffrn_detector.detector               CCD 
_diffrn_detector.type                   'ADSC QUANTUM 4' 
_diffrn_detector.pdbx_collection_date   2000-10-10 
_diffrn_detector.details                ? 
# 
_diffrn_radiation.diffrn_id                        1 
_diffrn_radiation.wavelength_id                    1 
_diffrn_radiation.pdbx_monochromatic_or_laue_m_l   M 
_diffrn_radiation.monochromator                    'Si 111 CHANNEL' 
_diffrn_radiation.pdbx_diffrn_protocol             MAD 
_diffrn_radiation.pdbx_scattering_type             x-ray 
# 
_diffrn_radiation_wavelength.id           1 
_diffrn_radiation_wavelength.wavelength   0.9792 
_diffrn_radiation_wavelength.wt           1.0 
# 
_diffrn_source.diffrn_id                   1 
_diffrn_source.source                      SYNCHROTRON 
_diffrn_source.type                        'NSLS BEAMLINE X8C' 
_diffrn_source.pdbx_synchrotron_site       NSLS 
_diffrn_source.pdbx_synchrotron_beamline   X8C 
_diffrn_source.pdbx_wavelength             ? 
_diffrn_source.pdbx_wavelength_list        0.9792 
# 
_reflns.entry_id                     1LMI 
_reflns.observed_criterion_sigma_I   -3.00 
_reflns.observed_criterion_sigma_F   -1.00 
_reflns.d_resolution_low             37.35 
_reflns.d_resolution_high            1.50 
_reflns.number_obs                   20397 
_reflns.number_all                   20397 
_reflns.percent_possible_obs         82.4 
_reflns.pdbx_Rmerge_I_obs            0.062 
_reflns.pdbx_Rsym_value              ? 
_reflns.pdbx_netI_over_sigmaI        29.9 
_reflns.B_iso_Wilson_estimate        ? 
_reflns.pdbx_redundancy              18 
_reflns.R_free_details               ? 
_reflns.limit_h_max                  ? 
_reflns.limit_h_min                  ? 
_reflns.limit_k_max                  ? 
_reflns.limit_k_min                  ? 
_reflns.limit_l_max                  ? 
_reflns.limit_l_min                  ? 
_reflns.observed_criterion_F_max     ? 
_reflns.observed_criterion_F_min     ? 
_reflns.pdbx_diffrn_id               1 
_reflns.pdbx_ordinal                 1 
# 
_reflns_shell.d_res_high             1.49 
_reflns_shell.d_res_low              1.58 
_reflns_shell.percent_possible_all   92.9 
_reflns_shell.Rmerge_I_obs           0.19 
_reflns_shell.pdbx_Rsym_value        ? 
_reflns_shell.meanI_over_sigI_obs    6.18 
_reflns_shell.pdbx_redundancy        14 
_reflns_shell.percent_possible_obs   ? 
_reflns_shell.number_unique_all      3282 
_reflns_shell.pdbx_diffrn_id         ? 
_reflns_shell.pdbx_ordinal           1 
# 
_refine.entry_id                                 1LMI 
_refine.ls_number_reflns_obs                     19363 
_refine.ls_number_reflns_all                     20397 
_refine.pdbx_ls_sigma_I                          -3.00 
_refine.pdbx_ls_sigma_F                          0.00 
_refine.pdbx_data_cutoff_high_absF               ? 
_refine.pdbx_data_cutoff_low_absF                ? 
_refine.ls_d_res_low                             10.00 
_refine.ls_d_res_high                            1.50 
_refine.ls_percent_reflns_obs                    90.7 
_refine.ls_R_factor_obs                          0.1981 
_refine.ls_R_factor_all                          0.1981 
_refine.ls_R_factor_R_work                       0.197 
_refine.ls_R_factor_R_free                       0.2524 
_refine.ls_R_factor_R_free_error                 ? 
_refine.ls_R_factor_R_free_error_details         ? 
_refine.ls_percent_reflns_R_free                 ? 
_refine.ls_number_reflns_R_free                  1034 
_refine.ls_number_parameters                     4555 
_refine.ls_number_restraints                     4024 
_refine.occupancy_min                            ? 
_refine.occupancy_max                            ? 
_refine.correlation_coeff_Fo_to_Fc               ? 
_refine.correlation_coeff_Fo_to_Fc_free          ? 
_refine.B_iso_mean                               ? 
_refine.aniso_B[1][1]                            ? 
_refine.aniso_B[2][2]                            ? 
_refine.aniso_B[3][3]                            ? 
_refine.aniso_B[1][2]                            ? 
_refine.aniso_B[1][3]                            ? 
_refine.aniso_B[2][3]                            ? 
_refine.solvent_model_details                    'MOEWS & KRETSINGER, J.MOL.BIOL.91(1973)201-228' 
_refine.solvent_model_param_ksol                 ? 
_refine.solvent_model_param_bsol                 ? 
_refine.pdbx_solvent_vdw_probe_radii             ? 
_refine.pdbx_solvent_ion_probe_radii             ? 
_refine.pdbx_solvent_shrinkage_radii             ? 
_refine.pdbx_ls_cross_valid_method               'FREE R' 
_refine.details                                  ? 
_refine.pdbx_starting_model                      ? 
_refine.pdbx_method_to_determine_struct          'AB INITIO' 
_refine.pdbx_isotropic_thermal_model             ? 
_refine.pdbx_stereochemistry_target_values       'Engh & Huber' 
_refine.pdbx_stereochem_target_val_spec_case     ? 
_refine.pdbx_R_Free_selection_details            RANDOM 
_refine.pdbx_overall_ESU_R_Free                  ? 
_refine.overall_SU_B                             ? 
_refine.ls_redundancy_reflns_obs                 ? 
_refine.B_iso_min                                ? 
_refine.B_iso_max                                ? 
_refine.overall_SU_R_Cruickshank_DPI             ? 
_refine.overall_SU_R_free                        ? 
_refine.overall_SU_ML                            ? 
_refine.pdbx_overall_ESU_R                       ? 
_refine.pdbx_data_cutoff_high_rms_absF           ? 
_refine.pdbx_refine_id                           'X-RAY DIFFRACTION' 
_refine.pdbx_diffrn_id                           1 
_refine.pdbx_TLS_residual_ADP_flag               ? 
_refine.pdbx_overall_phase_error                 ? 
_refine.pdbx_overall_SU_R_free_Cruickshank_DPI   ? 
_refine.pdbx_overall_SU_R_Blow_DPI               ? 
_refine.pdbx_overall_SU_R_free_Blow_DPI          ? 
# 
_refine_analyze.entry_id                        1LMI 
_refine_analyze.Luzzati_coordinate_error_obs    ? 
_refine_analyze.Luzzati_sigma_a_obs             ? 
_refine_analyze.Luzzati_d_res_low_obs           ? 
_refine_analyze.Luzzati_coordinate_error_free   ? 
_refine_analyze.Luzzati_sigma_a_free            ? 
_refine_analyze.Luzzati_d_res_low_free          ? 
_refine_analyze.number_disordered_residues      0 
_refine_analyze.occupancy_sum_hydrogen          0.00 
_refine_analyze.occupancy_sum_non_hydrogen      1141.00 
_refine_analyze.pdbx_Luzzati_d_res_high_obs     ? 
_refine_analyze.pdbx_refine_id                  'X-RAY DIFFRACTION' 
# 
_refine_hist.pdbx_refine_id                   'X-RAY DIFFRACTION' 
_refine_hist.cycle_id                         LAST 
_refine_hist.pdbx_number_atoms_protein        967 
_refine_hist.pdbx_number_atoms_nucleic_acid   0 
_refine_hist.pdbx_number_atoms_ligand         0 
_refine_hist.number_atoms_solvent             172 
_refine_hist.number_atoms_total               1139 
_refine_hist.d_res_high                       1.50 
_refine_hist.d_res_low                        10.00 
# 
loop_
_refine_ls_restr.type 
_refine_ls_restr.dev_ideal 
_refine_ls_restr.dev_ideal_target 
_refine_ls_restr.weight 
_refine_ls_restr.number 
_refine_ls_restr.pdbx_refine_id 
_refine_ls_restr.pdbx_restraint_function 
s_bond_d               0.037  ? ? ? 'X-RAY DIFFRACTION' ? 
s_angle_d              0.043  ? ? ? 'X-RAY DIFFRACTION' ? 
s_similar_dist         0.000  ? ? ? 'X-RAY DIFFRACTION' ? 
s_from_restr_planes    0.0414 ? ? ? 'X-RAY DIFFRACTION' ? 
s_zero_chiral_vol      0.058  ? ? ? 'X-RAY DIFFRACTION' ? 
s_non_zero_chiral_vol  0.059  ? ? ? 'X-RAY DIFFRACTION' ? 
s_anti_bump_dis_restr  0.159  ? ? ? 'X-RAY DIFFRACTION' ? 
s_rigid_bond_adp_cmpnt 0.000  ? ? ? 'X-RAY DIFFRACTION' ? 
s_similar_adp_cmpnt    0.062  ? ? ? 'X-RAY DIFFRACTION' ? 
s_approx_iso_adps      0.000  ? ? ? 'X-RAY DIFFRACTION' ? 
# 
_pdbx_refine.entry_id                                    1LMI 
_pdbx_refine.R_factor_all_no_cutoff                      0.1981 
_pdbx_refine.R_factor_obs_no_cutoff                      0.197 
_pdbx_refine.free_R_factor_no_cutoff                     0.2524 
_pdbx_refine.free_R_val_test_set_size_perc_no_cutoff     ? 
_pdbx_refine.free_R_val_test_set_ct_no_cutoff            ? 
_pdbx_refine.R_factor_all_4sig_cutoff                    0.1933 
_pdbx_refine.R_factor_obs_4sig_cutoff                    ? 
_pdbx_refine.free_R_factor_4sig_cutoff                   ? 
_pdbx_refine.free_R_val_test_set_size_perc_4sig_cutoff   ? 
_pdbx_refine.free_R_val_test_set_ct_4sig_cutoff          ? 
_pdbx_refine.number_reflns_obs_4sig_cutoff               18476 
_pdbx_refine.number_reflns_obs_no_cutoff                 ? 
_pdbx_refine.pdbx_refine_id                              'X-RAY DIFFRACTION' 
_pdbx_refine.free_R_error_no_cutoff                      ? 
# 
_struct.entry_id                  1LMI 
_struct.title                     
'1.5 ANGSTROM RESOLUTION CRYSTAL STRUCTURE OF A SECRETED PROTEIN FROM MYCOBACTERIUM TUBERCULOSIS-MPT63' 
_struct.pdbx_model_details        ? 
_struct.pdbx_CASP_flag            ? 
_struct.pdbx_model_type_details   ? 
# 
_struct_keywords.entry_id        1LMI 
_struct_keywords.pdbx_keywords   'IMMUNE SYSTEM' 
_struct_keywords.text            
'beta-sandwich, Structural Genomics, PSI, Protein Structure Initiative, TB Structural Genomics Consortium, TBSGC, IMMUNE SYSTEM' 
# 
loop_
_struct_asym.id 
_struct_asym.pdbx_blank_PDB_chainid_flag 
_struct_asym.pdbx_modified 
_struct_asym.entity_id 
_struct_asym.details 
A N N 1 ? 
B N N 2 ? 
# 
_struct_ref.id                         1 
_struct_ref.db_name                    UNP 
_struct_ref.db_code                    MP63_MYCTU 
_struct_ref.entity_id                  1 
_struct_ref.pdbx_seq_one_letter_code   
;AYPITGKLGSELTMTDTVGQVVLGWKVSDLKSSTAVIPGYPVAGQVWEATATVNAIRGSVTPAVSQFNARTADGINYRVL
WQAAGPDTISGATIPQGEQSTGKIYFDVTGPSPTIVAMNNGMEDLLIWEP
;
_struct_ref.pdbx_align_begin           30 
_struct_ref.pdbx_db_accession          P97155 
_struct_ref.pdbx_db_isoform            ? 
# 
_struct_ref_seq.align_id                      1 
_struct_ref_seq.ref_id                        1 
_struct_ref_seq.pdbx_PDB_id_code              1LMI 
_struct_ref_seq.pdbx_strand_id                A 
_struct_ref_seq.seq_align_beg                 2 
_struct_ref_seq.pdbx_seq_align_beg_ins_code   ? 
_struct_ref_seq.seq_align_end                 131 
_struct_ref_seq.pdbx_seq_align_end_ins_code   ? 
_struct_ref_seq.pdbx_db_accession             P97155 
_struct_ref_seq.db_align_beg                  30 
_struct_ref_seq.pdbx_db_align_beg_ins_code    ? 
_struct_ref_seq.db_align_end                  159 
_struct_ref_seq.pdbx_db_align_end_ins_code    ? 
_struct_ref_seq.pdbx_auth_seq_align_beg       2 
_struct_ref_seq.pdbx_auth_seq_align_end       131 
# 
_struct_ref_seq_dif.align_id                     1 
_struct_ref_seq_dif.pdbx_pdb_id_code             1LMI 
_struct_ref_seq_dif.mon_id                       SER 
_struct_ref_seq_dif.pdbx_pdb_strand_id           A 
_struct_ref_seq_dif.seq_num                      1 
_struct_ref_seq_dif.pdbx_pdb_ins_code            ? 
_struct_ref_seq_dif.pdbx_seq_db_name             UNP 
_struct_ref_seq_dif.pdbx_seq_db_accession_code   P97155 
_struct_ref_seq_dif.db_mon_id                    ? 
_struct_ref_seq_dif.pdbx_seq_db_seq_num          ? 
_struct_ref_seq_dif.details                      'cloning artifact' 
_struct_ref_seq_dif.pdbx_auth_seq_num            1 
_struct_ref_seq_dif.pdbx_ordinal                 1 
# 
_pdbx_struct_assembly.id                   1 
_pdbx_struct_assembly.details              author_defined_assembly 
_pdbx_struct_assembly.method_details       ? 
_pdbx_struct_assembly.oligomeric_details   monomeric 
_pdbx_struct_assembly.oligomeric_count     1 
# 
_pdbx_struct_assembly_gen.assembly_id       1 
_pdbx_struct_assembly_gen.oper_expression   1 
_pdbx_struct_assembly_gen.asym_id_list      A,B 
# 
_pdbx_struct_oper_list.id                   1 
_pdbx_struct_oper_list.type                 'identity operation' 
_pdbx_struct_oper_list.name                 1_555 
_pdbx_struct_oper_list.symmetry_operation   x,y,z 
_pdbx_struct_oper_list.matrix[1][1]         1.0000000000 
_pdbx_struct_oper_list.matrix[1][2]         0.0000000000 
_pdbx_struct_oper_list.matrix[1][3]         0.0000000000 
_pdbx_struct_oper_list.vector[1]            0.0000000000 
_pdbx_struct_oper_list.matrix[2][1]         0.0000000000 
_pdbx_struct_oper_list.matrix[2][2]         1.0000000000 
_pdbx_struct_oper_list.matrix[2][3]         0.0000000000 
_pdbx_struct_oper_list.vector[2]            0.0000000000 
_pdbx_struct_oper_list.matrix[3][1]         0.0000000000 
_pdbx_struct_oper_list.matrix[3][2]         0.0000000000 
_pdbx_struct_oper_list.matrix[3][3]         1.0000000000 
_pdbx_struct_oper_list.vector[3]            0.0000000000 
# 
_struct_conf.conf_type_id            HELX_P 
_struct_conf.id                      HELX_P1 
_struct_conf.pdbx_PDB_helix_id       1 
_struct_conf.beg_label_comp_id       ALA 
_struct_conf.beg_label_asym_id       A 
_struct_conf.beg_label_seq_id        64 
_struct_conf.pdbx_beg_PDB_ins_code   ? 
_struct_conf.end_label_comp_id       SER 
_struct_conf.end_label_asym_id       A 
_struct_conf.end_label_seq_id        66 
_struct_conf.pdbx_end_PDB_ins_code   ? 
_struct_conf.beg_auth_comp_id        ALA 
_struct_conf.beg_auth_asym_id        A 
_struct_conf.beg_auth_seq_id         64 
_struct_conf.end_auth_comp_id        SER 
_struct_conf.end_auth_asym_id        A 
_struct_conf.end_auth_seq_id         66 
_struct_conf.pdbx_PDB_helix_class    5 
_struct_conf.details                 ? 
_struct_conf.pdbx_PDB_helix_length   3 
# 
_struct_conf_type.id          HELX_P 
_struct_conf_type.criteria    ? 
_struct_conf_type.reference   ? 
# 
_struct_mon_prot_cis.pdbx_id                1 
_struct_mon_prot_cis.label_comp_id          TYR 
_struct_mon_prot_cis.label_seq_id           3 
_struct_mon_prot_cis.label_asym_id          A 
_struct_mon_prot_cis.label_alt_id           . 
_struct_mon_prot_cis.pdbx_PDB_ins_code      ? 
_struct_mon_prot_cis.auth_comp_id           TYR 
_struct_mon_prot_cis.auth_seq_id            3 
_struct_mon_prot_cis.auth_asym_id           A 
_struct_mon_prot_cis.pdbx_label_comp_id_2   PRO 
_struct_mon_prot_cis.pdbx_label_seq_id_2    4 
_struct_mon_prot_cis.pdbx_label_asym_id_2   A 
_struct_mon_prot_cis.pdbx_PDB_ins_code_2    ? 
_struct_mon_prot_cis.pdbx_auth_comp_id_2    PRO 
_struct_mon_prot_cis.pdbx_auth_seq_id_2     4 
_struct_mon_prot_cis.pdbx_auth_asym_id_2    A 
_struct_mon_prot_cis.pdbx_PDB_model_num     1 
_struct_mon_prot_cis.pdbx_omega_angle       5.50 
# 
loop_
_struct_sheet.id 
_struct_sheet.type 
_struct_sheet.number_strands 
_struct_sheet.details 
A ? 5 ? 
B ? 4 ? 
# 
loop_
_struct_sheet_order.sheet_id 
_struct_sheet_order.range_id_1 
_struct_sheet_order.range_id_2 
_struct_sheet_order.offset 
_struct_sheet_order.sense 
A 1 2 ? parallel      
A 2 3 ? anti-parallel 
A 3 4 ? anti-parallel 
A 4 5 ? anti-parallel 
B 1 2 ? anti-parallel 
B 2 3 ? anti-parallel 
B 3 4 ? anti-parallel 
# 
loop_
_struct_sheet_range.sheet_id 
_struct_sheet_range.id 
_struct_sheet_range.beg_label_comp_id 
_struct_sheet_range.beg_label_asym_id 
_struct_sheet_range.beg_label_seq_id 
_struct_sheet_range.pdbx_beg_PDB_ins_code 
_struct_sheet_range.end_label_comp_id 
_struct_sheet_range.end_label_asym_id 
_struct_sheet_range.end_label_seq_id 
_struct_sheet_range.pdbx_end_PDB_ins_code 
_struct_sheet_range.beg_auth_comp_id 
_struct_sheet_range.beg_auth_asym_id 
_struct_sheet_range.beg_auth_seq_id 
_struct_sheet_range.end_auth_comp_id 
_struct_sheet_range.end_auth_asym_id 
_struct_sheet_range.end_auth_seq_id 
A 1 ILE A 5   ? LYS A 8   ? ILE A 5   LYS A 8   
A 2 ASP A 125 ? GLU A 130 ? ASP A 125 GLU A 130 
A 3 ILE A 116 ? ASN A 120 ? ILE A 116 ASN A 120 
A 4 PHE A 68  ? ARG A 71  ? PHE A 68  ARG A 71  
A 5 ASN A 77  ? ARG A 79  ? ASN A 77  ARG A 79  
B 1 GLU A 12  ? ASP A 17  ? GLU A 12  ASP A 17  
B 2 VAL A 22  ? SER A 33  ? VAL A 22  SER A 33  
B 3 GLN A 46  ? ARG A 58  ? GLN A 46  ARG A 58  
B 4 GLN A 100 ? VAL A 109 ? GLN A 100 VAL A 109 
# 
loop_
_pdbx_struct_sheet_hbond.sheet_id 
_pdbx_struct_sheet_hbond.range_id_1 
_pdbx_struct_sheet_hbond.range_id_2 
_pdbx_struct_sheet_hbond.range_1_label_atom_id 
_pdbx_struct_sheet_hbond.range_1_label_comp_id 
_pdbx_struct_sheet_hbond.range_1_label_asym_id 
_pdbx_struct_sheet_hbond.range_1_label_seq_id 
_pdbx_struct_sheet_hbond.range_1_PDB_ins_code 
_pdbx_struct_sheet_hbond.range_1_auth_atom_id 
_pdbx_struct_sheet_hbond.range_1_auth_comp_id 
_pdbx_struct_sheet_hbond.range_1_auth_asym_id 
_pdbx_struct_sheet_hbond.range_1_auth_seq_id 
_pdbx_struct_sheet_hbond.range_2_label_atom_id 
_pdbx_struct_sheet_hbond.range_2_label_comp_id 
_pdbx_struct_sheet_hbond.range_2_label_asym_id 
_pdbx_struct_sheet_hbond.range_2_label_seq_id 
_pdbx_struct_sheet_hbond.range_2_PDB_ins_code 
_pdbx_struct_sheet_hbond.range_2_auth_atom_id 
_pdbx_struct_sheet_hbond.range_2_auth_comp_id 
_pdbx_struct_sheet_hbond.range_2_auth_asym_id 
_pdbx_struct_sheet_hbond.range_2_auth_seq_id 
A 1 2 N ILE A 5   ? N ILE A 5   O LEU A 126 ? O LEU A 126 
A 2 3 O LEU A 127 ? O LEU A 127 N MET A 119 ? N MET A 119 
A 3 4 O ALA A 118 ? O ALA A 118 N ASN A 69  ? N ASN A 69  
A 4 5 N ALA A 70  ? N ALA A 70  O TYR A 78  ? O TYR A 78  
B 1 2 N ASP A 17  ? N ASP A 17  O VAL A 22  ? O VAL A 22  
B 2 3 N SER A 29  ? N SER A 29  O THR A 51  ? O THR A 51  
B 3 4 N GLN A 46  ? N GLN A 46  O VAL A 109 ? O VAL A 109 
# 
loop_
_pdbx_validate_rmsd_bond.id 
_pdbx_validate_rmsd_bond.PDB_model_num 
_pdbx_validate_rmsd_bond.auth_atom_id_1 
_pdbx_validate_rmsd_bond.auth_asym_id_1 
_pdbx_validate_rmsd_bond.auth_comp_id_1 
_pdbx_validate_rmsd_bond.auth_seq_id_1 
_pdbx_validate_rmsd_bond.PDB_ins_code_1 
_pdbx_validate_rmsd_bond.label_alt_id_1 
_pdbx_validate_rmsd_bond.auth_atom_id_2 
_pdbx_validate_rmsd_bond.auth_asym_id_2 
_pdbx_validate_rmsd_bond.auth_comp_id_2 
_pdbx_validate_rmsd_bond.auth_seq_id_2 
_pdbx_validate_rmsd_bond.PDB_ins_code_2 
_pdbx_validate_rmsd_bond.label_alt_id_2 
_pdbx_validate_rmsd_bond.bond_value 
_pdbx_validate_rmsd_bond.bond_target_value 
_pdbx_validate_rmsd_bond.bond_deviation 
_pdbx_validate_rmsd_bond.bond_standard_deviation 
_pdbx_validate_rmsd_bond.linker_flag 
1 1 CD A PRO 4  ? ? N A PRO 4  ? ? 2.194 1.474 0.720 0.014 N 
2 1 CA A TRP 82 ? ? C A TRP 82 ? ? 2.389 1.525 0.864 0.026 N 
# 
loop_
_pdbx_validate_rmsd_angle.id 
_pdbx_validate_rmsd_angle.PDB_model_num 
_pdbx_validate_rmsd_angle.auth_atom_id_1 
_pdbx_validate_rmsd_angle.auth_asym_id_1 
_pdbx_validate_rmsd_angle.auth_comp_id_1 
_pdbx_validate_rmsd_angle.auth_seq_id_1 
_pdbx_validate_rmsd_angle.PDB_ins_code_1 
_pdbx_validate_rmsd_angle.label_alt_id_1 
_pdbx_validate_rmsd_angle.auth_atom_id_2 
_pdbx_validate_rmsd_angle.auth_asym_id_2 
_pdbx_validate_rmsd_angle.auth_comp_id_2 
_pdbx_validate_rmsd_angle.auth_seq_id_2 
_pdbx_validate_rmsd_angle.PDB_ins_code_2 
_pdbx_validate_rmsd_angle.label_alt_id_2 
_pdbx_validate_rmsd_angle.auth_atom_id_3 
_pdbx_validate_rmsd_angle.auth_asym_id_3 
_pdbx_validate_rmsd_angle.auth_comp_id_3 
_pdbx_validate_rmsd_angle.auth_seq_id_3 
_pdbx_validate_rmsd_angle.PDB_ins_code_3 
_pdbx_validate_rmsd_angle.label_alt_id_3 
_pdbx_validate_rmsd_angle.angle_value 
_pdbx_validate_rmsd_angle.angle_target_value 
_pdbx_validate_rmsd_angle.angle_deviation 
_pdbx_validate_rmsd_angle.angle_standard_deviation 
_pdbx_validate_rmsd_angle.linker_flag 
1 1 CA A PRO 4  ? ? N  A PRO 4  ? ? CD  A PRO 4  ? ? 92.76  111.50 -18.74 1.40 N 
2 1 N  A PRO 4  ? ? CD A PRO 4  ? ? CG  A PRO 4  ? ? 76.06  103.80 -27.74 1.20 N 
3 1 C  A PRO 39 ? ? N  A GLY 40 ? ? CA  A GLY 40 ? ? 137.76 122.30 15.46  2.10 Y 
4 1 NE A ARG 79 ? ? CZ A ARG 79 ? ? NH2 A ARG 79 ? ? 117.26 120.30 -3.04  0.50 N 
5 1 N  A TRP 82 ? ? CA A TRP 82 ? ? C   A TRP 82 ? ? 94.80  111.00 -16.20 2.70 N 
6 1 CA A TRP 82 ? ? C  A TRP 82 ? ? O   A TRP 82 ? ? 92.89  120.10 -27.21 2.10 N 
7 1 CA A TRP 82 ? ? C  A TRP 82 ? ? N   A GLN 83 ? ? 101.05 117.20 -16.15 2.20 Y 
8 1 O  A TRP 82 ? ? C  A TRP 82 ? ? N   A GLN 83 ? ? 153.67 122.70 30.97  1.60 Y 
9 1 C  A TRP 82 ? ? N  A GLN 83 ? ? CA  A GLN 83 ? ? 140.05 121.70 18.35  2.50 Y 
# 
loop_
_pdbx_validate_torsion.id 
_pdbx_validate_torsion.PDB_model_num 
_pdbx_validate_torsion.auth_comp_id 
_pdbx_validate_torsion.auth_asym_id 
_pdbx_validate_torsion.auth_seq_id 
_pdbx_validate_torsion.PDB_ins_code 
_pdbx_validate_torsion.label_alt_id 
_pdbx_validate_torsion.phi 
_pdbx_validate_torsion.psi 
1 1 PRO A 39 ? ? -122.37 -132.18 
2 1 ALA A 84 ? ? -122.52 -73.43  
3 1 ALA A 85 ? ? -75.04  -95.35  
# 
loop_
_pdbx_validate_peptide_omega.id 
_pdbx_validate_peptide_omega.PDB_model_num 
_pdbx_validate_peptide_omega.auth_comp_id_1 
_pdbx_validate_peptide_omega.auth_asym_id_1 
_pdbx_validate_peptide_omega.auth_seq_id_1 
_pdbx_validate_peptide_omega.PDB_ins_code_1 
_pdbx_validate_peptide_omega.label_alt_id_1 
_pdbx_validate_peptide_omega.auth_comp_id_2 
_pdbx_validate_peptide_omega.auth_asym_id_2 
_pdbx_validate_peptide_omega.auth_seq_id_2 
_pdbx_validate_peptide_omega.PDB_ins_code_2 
_pdbx_validate_peptide_omega.label_alt_id_2 
_pdbx_validate_peptide_omega.omega 
1 1 ILE A 38 ? ? PRO A 39 ? ? -75.49  
2 1 PRO A 39 ? ? GLY A 40 ? ? -119.24 
3 1 TRP A 82 ? ? GLN A 83 ? ? -33.01  
4 1 GLN A 83 ? ? ALA A 84 ? ? -32.85  
# 
loop_
_pdbx_validate_main_chain_plane.id 
_pdbx_validate_main_chain_plane.PDB_model_num 
_pdbx_validate_main_chain_plane.auth_comp_id 
_pdbx_validate_main_chain_plane.auth_asym_id 
_pdbx_validate_main_chain_plane.auth_seq_id 
_pdbx_validate_main_chain_plane.PDB_ins_code 
_pdbx_validate_main_chain_plane.label_alt_id 
_pdbx_validate_main_chain_plane.improper_torsion_angle 
1 1 TRP A 82 ? ? -12.57 
2 1 GLN A 83 ? ? -19.70 
3 1 ALA A 85 ? ? -10.45 
# 
_pdbx_SG_project.id                    1 
_pdbx_SG_project.project_name          'PSI, Protein Structure Initiative' 
_pdbx_SG_project.full_name_of_center   'TB Structural Genomics Consortium' 
_pdbx_SG_project.initial_of_center     TBSGC 
# 
loop_
_pdbx_struct_special_symmetry.id 
_pdbx_struct_special_symmetry.PDB_model_num 
_pdbx_struct_special_symmetry.auth_asym_id 
_pdbx_struct_special_symmetry.auth_comp_id 
_pdbx_struct_special_symmetry.auth_seq_id 
_pdbx_struct_special_symmetry.PDB_ins_code 
_pdbx_struct_special_symmetry.label_asym_id 
_pdbx_struct_special_symmetry.label_comp_id 
_pdbx_struct_special_symmetry.label_seq_id 
1 1 A HOH 203 ? B HOH . 
2 1 A HOH 213 ? B HOH . 
# 
loop_
_chem_comp_atom.comp_id 
_chem_comp_atom.atom_id 
_chem_comp_atom.type_symbol 
_chem_comp_atom.pdbx_aromatic_flag 
_chem_comp_atom.pdbx_stereo_config 
_chem_comp_atom.pdbx_ordinal 
ALA N    N N N 1   
ALA CA   C N S 2   
ALA C    C N N 3   
ALA O    O N N 4   
ALA CB   C N N 5   
ALA OXT  O N N 6   
ALA H    H N N 7   
ALA H2   H N N 8   
ALA HA   H N N 9   
ALA HB1  H N N 10  
ALA HB2  H N N 11  
ALA HB3  H N N 12  
ALA HXT  H N N 13  
ARG N    N N N 14  
ARG CA   C N S 15  
ARG C    C N N 16  
ARG O    O N N 17  
ARG CB   C N N 18  
ARG CG   C N N 19  
ARG CD   C N N 20  
ARG NE   N N N 21  
ARG CZ   C N N 22  
ARG NH1  N N N 23  
ARG NH2  N N N 24  
ARG OXT  O N N 25  
ARG H    H N N 26  
ARG H2   H N N 27  
ARG HA   H N N 28  
ARG HB2  H N N 29  
ARG HB3  H N N 30  
ARG HG2  H N N 31  
ARG HG3  H N N 32  
ARG HD2  H N N 33  
ARG HD3  H N N 34  
ARG HE   H N N 35  
ARG HH11 H N N 36  
ARG HH12 H N N 37  
ARG HH21 H N N 38  
ARG HH22 H N N 39  
ARG HXT  H N N 40  
ASN N    N N N 41  
ASN CA   C N S 42  
ASN C    C N N 43  
ASN O    O N N 44  
ASN CB   C N N 45  
ASN CG   C N N 46  
ASN OD1  O N N 47  
ASN ND2  N N N 48  
ASN OXT  O N N 49  
ASN H    H N N 50  
ASN H2   H N N 51  
ASN HA   H N N 52  
ASN HB2  H N N 53  
ASN HB3  H N N 54  
ASN HD21 H N N 55  
ASN HD22 H N N 56  
ASN HXT  H N N 57  
ASP N    N N N 58  
ASP CA   C N S 59  
ASP C    C N N 60  
ASP O    O N N 61  
ASP CB   C N N 62  
ASP CG   C N N 63  
ASP OD1  O N N 64  
ASP OD2  O N N 65  
ASP OXT  O N N 66  
ASP H    H N N 67  
ASP H2   H N N 68  
ASP HA   H N N 69  
ASP HB2  H N N 70  
ASP HB3  H N N 71  
ASP HD2  H N N 72  
ASP HXT  H N N 73  
GLN N    N N N 74  
GLN CA   C N S 75  
GLN C    C N N 76  
GLN O    O N N 77  
GLN CB   C N N 78  
GLN CG   C N N 79  
GLN CD   C N N 80  
GLN OE1  O N N 81  
GLN NE2  N N N 82  
GLN OXT  O N N 83  
GLN H    H N N 84  
GLN H2   H N N 85  
GLN HA   H N N 86  
GLN HB2  H N N 87  
GLN HB3  H N N 88  
GLN HG2  H N N 89  
GLN HG3  H N N 90  
GLN HE21 H N N 91  
GLN HE22 H N N 92  
GLN HXT  H N N 93  
GLU N    N N N 94  
GLU CA   C N S 95  
GLU C    C N N 96  
GLU O    O N N 97  
GLU CB   C N N 98  
GLU CG   C N N 99  
GLU CD   C N N 100 
GLU OE1  O N N 101 
GLU OE2  O N N 102 
GLU OXT  O N N 103 
GLU H    H N N 104 
GLU H2   H N N 105 
GLU HA   H N N 106 
GLU HB2  H N N 107 
GLU HB3  H N N 108 
GLU HG2  H N N 109 
GLU HG3  H N N 110 
GLU HE2  H N N 111 
GLU HXT  H N N 112 
GLY N    N N N 113 
GLY CA   C N N 114 
GLY C    C N N 115 
GLY O    O N N 116 
GLY OXT  O N N 117 
GLY H    H N N 118 
GLY H2   H N N 119 
GLY HA2  H N N 120 
GLY HA3  H N N 121 
GLY HXT  H N N 122 
HOH O    O N N 123 
HOH H1   H N N 124 
HOH H2   H N N 125 
ILE N    N N N 126 
ILE CA   C N S 127 
ILE C    C N N 128 
ILE O    O N N 129 
ILE CB   C N S 130 
ILE CG1  C N N 131 
ILE CG2  C N N 132 
ILE CD1  C N N 133 
ILE OXT  O N N 134 
ILE H    H N N 135 
ILE H2   H N N 136 
ILE HA   H N N 137 
ILE HB   H N N 138 
ILE HG12 H N N 139 
ILE HG13 H N N 140 
ILE HG21 H N N 141 
ILE HG22 H N N 142 
ILE HG23 H N N 143 
ILE HD11 H N N 144 
ILE HD12 H N N 145 
ILE HD13 H N N 146 
ILE HXT  H N N 147 
LEU N    N N N 148 
LEU CA   C N S 149 
LEU C    C N N 150 
LEU O    O N N 151 
LEU CB   C N N 152 
LEU CG   C N N 153 
LEU CD1  C N N 154 
LEU CD2  C N N 155 
LEU OXT  O N N 156 
LEU H    H N N 157 
LEU H2   H N N 158 
LEU HA   H N N 159 
LEU HB2  H N N 160 
LEU HB3  H N N 161 
LEU HG   H N N 162 
LEU HD11 H N N 163 
LEU HD12 H N N 164 
LEU HD13 H N N 165 
LEU HD21 H N N 166 
LEU HD22 H N N 167 
LEU HD23 H N N 168 
LEU HXT  H N N 169 
LYS N    N N N 170 
LYS CA   C N S 171 
LYS C    C N N 172 
LYS O    O N N 173 
LYS CB   C N N 174 
LYS CG   C N N 175 
LYS CD   C N N 176 
LYS CE   C N N 177 
LYS NZ   N N N 178 
LYS OXT  O N N 179 
LYS H    H N N 180 
LYS H2   H N N 181 
LYS HA   H N N 182 
LYS HB2  H N N 183 
LYS HB3  H N N 184 
LYS HG2  H N N 185 
LYS HG3  H N N 186 
LYS HD2  H N N 187 
LYS HD3  H N N 188 
LYS HE2  H N N 189 
LYS HE3  H N N 190 
LYS HZ1  H N N 191 
LYS HZ2  H N N 192 
LYS HZ3  H N N 193 
LYS HXT  H N N 194 
MET N    N N N 195 
MET CA   C N S 196 
MET C    C N N 197 
MET O    O N N 198 
MET CB   C N N 199 
MET CG   C N N 200 
MET SD   S N N 201 
MET CE   C N N 202 
MET OXT  O N N 203 
MET H    H N N 204 
MET H2   H N N 205 
MET HA   H N N 206 
MET HB2  H N N 207 
MET HB3  H N N 208 
MET HG2  H N N 209 
MET HG3  H N N 210 
MET HE1  H N N 211 
MET HE2  H N N 212 
MET HE3  H N N 213 
MET HXT  H N N 214 
PHE N    N N N 215 
PHE CA   C N S 216 
PHE C    C N N 217 
PHE O    O N N 218 
PHE CB   C N N 219 
PHE CG   C Y N 220 
PHE CD1  C Y N 221 
PHE CD2  C Y N 222 
PHE CE1  C Y N 223 
PHE CE2  C Y N 224 
PHE CZ   C Y N 225 
PHE OXT  O N N 226 
PHE H    H N N 227 
PHE H2   H N N 228 
PHE HA   H N N 229 
PHE HB2  H N N 230 
PHE HB3  H N N 231 
PHE HD1  H N N 232 
PHE HD2  H N N 233 
PHE HE1  H N N 234 
PHE HE2  H N N 235 
PHE HZ   H N N 236 
PHE HXT  H N N 237 
PRO N    N N N 238 
PRO CA   C N S 239 
PRO C    C N N 240 
PRO O    O N N 241 
PRO CB   C N N 242 
PRO CG   C N N 243 
PRO CD   C N N 244 
PRO OXT  O N N 245 
PRO H    H N N 246 
PRO HA   H N N 247 
PRO HB2  H N N 248 
PRO HB3  H N N 249 
PRO HG2  H N N 250 
PRO HG3  H N N 251 
PRO HD2  H N N 252 
PRO HD3  H N N 253 
PRO HXT  H N N 254 
SER N    N N N 255 
SER CA   C N S 256 
SER C    C N N 257 
SER O    O N N 258 
SER CB   C N N 259 
SER OG   O N N 260 
SER OXT  O N N 261 
SER H    H N N 262 
SER H2   H N N 263 
SER HA   H N N 264 
SER HB2  H N N 265 
SER HB3  H N N 266 
SER HG   H N N 267 
SER HXT  H N N 268 
THR N    N N N 269 
THR CA   C N S 270 
THR C    C N N 271 
THR O    O N N 272 
THR CB   C N R 273 
THR OG1  O N N 274 
THR CG2  C N N 275 
THR OXT  O N N 276 
THR H    H N N 277 
THR H2   H N N 278 
THR HA   H N N 279 
THR HB   H N N 280 
THR HG1  H N N 281 
THR HG21 H N N 282 
THR HG22 H N N 283 
THR HG23 H N N 284 
THR HXT  H N N 285 
TRP N    N N N 286 
TRP CA   C N S 287 
TRP C    C N N 288 
TRP O    O N N 289 
TRP CB   C N N 290 
TRP CG   C Y N 291 
TRP CD1  C Y N 292 
TRP CD2  C Y N 293 
TRP NE1  N Y N 294 
TRP CE2  C Y N 295 
TRP CE3  C Y N 296 
TRP CZ2  C Y N 297 
TRP CZ3  C Y N 298 
TRP CH2  C Y N 299 
TRP OXT  O N N 300 
TRP H    H N N 301 
TRP H2   H N N 302 
TRP HA   H N N 303 
TRP HB2  H N N 304 
TRP HB3  H N N 305 
TRP HD1  H N N 306 
TRP HE1  H N N 307 
TRP HE3  H N N 308 
TRP HZ2  H N N 309 
TRP HZ3  H N N 310 
TRP HH2  H N N 311 
TRP HXT  H N N 312 
TYR N    N N N 313 
TYR CA   C N S 314 
TYR C    C N N 315 
TYR O    O N N 316 
TYR CB   C N N 317 
TYR CG   C Y N 318 
TYR CD1  C Y N 319 
TYR CD2  C Y N 320 
TYR CE1  C Y N 321 
TYR CE2  C Y N 322 
TYR CZ   C Y N 323 
TYR OH   O N N 324 
TYR OXT  O N N 325 
TYR H    H N N 326 
TYR H2   H N N 327 
TYR HA   H N N 328 
TYR HB2  H N N 329 
TYR HB3  H N N 330 
TYR HD1  H N N 331 
TYR HD2  H N N 332 
TYR HE1  H N N 333 
TYR HE2  H N N 334 
TYR HH   H N N 335 
TYR HXT  H N N 336 
VAL N    N N N 337 
VAL CA   C N S 338 
VAL C    C N N 339 
VAL O    O N N 340 
VAL CB   C N N 341 
VAL CG1  C N N 342 
VAL CG2  C N N 343 
VAL OXT  O N N 344 
VAL H    H N N 345 
VAL H2   H N N 346 
VAL HA   H N N 347 
VAL HB   H N N 348 
VAL HG11 H N N 349 
VAL HG12 H N N 350 
VAL HG13 H N N 351 
VAL HG21 H N N 352 
VAL HG22 H N N 353 
VAL HG23 H N N 354 
VAL HXT  H N N 355 
# 
loop_
_chem_comp_bond.comp_id 
_chem_comp_bond.atom_id_1 
_chem_comp_bond.atom_id_2 
_chem_comp_bond.value_order 
_chem_comp_bond.pdbx_aromatic_flag 
_chem_comp_bond.pdbx_stereo_config 
_chem_comp_bond.pdbx_ordinal 
ALA N   CA   sing N N 1   
ALA N   H    sing N N 2   
ALA N   H2   sing N N 3   
ALA CA  C    sing N N 4   
ALA CA  CB   sing N N 5   
ALA CA  HA   sing N N 6   
ALA C   O    doub N N 7   
ALA C   OXT  sing N N 8   
ALA CB  HB1  sing N N 9   
ALA CB  HB2  sing N N 10  
ALA CB  HB3  sing N N 11  
ALA OXT HXT  sing N N 12  
ARG N   CA   sing N N 13  
ARG N   H    sing N N 14  
ARG N   H2   sing N N 15  
ARG CA  C    sing N N 16  
ARG CA  CB   sing N N 17  
ARG CA  HA   sing N N 18  
ARG C   O    doub N N 19  
ARG C   OXT  sing N N 20  
ARG CB  CG   sing N N 21  
ARG CB  HB2  sing N N 22  
ARG CB  HB3  sing N N 23  
ARG CG  CD   sing N N 24  
ARG CG  HG2  sing N N 25  
ARG CG  HG3  sing N N 26  
ARG CD  NE   sing N N 27  
ARG CD  HD2  sing N N 28  
ARG CD  HD3  sing N N 29  
ARG NE  CZ   sing N N 30  
ARG NE  HE   sing N N 31  
ARG CZ  NH1  sing N N 32  
ARG CZ  NH2  doub N N 33  
ARG NH1 HH11 sing N N 34  
ARG NH1 HH12 sing N N 35  
ARG NH2 HH21 sing N N 36  
ARG NH2 HH22 sing N N 37  
ARG OXT HXT  sing N N 38  
ASN N   CA   sing N N 39  
ASN N   H    sing N N 40  
ASN N   H2   sing N N 41  
ASN CA  C    sing N N 42  
ASN CA  CB   sing N N 43  
ASN CA  HA   sing N N 44  
ASN C   O    doub N N 45  
ASN C   OXT  sing N N 46  
ASN CB  CG   sing N N 47  
ASN CB  HB2  sing N N 48  
ASN CB  HB3  sing N N 49  
ASN CG  OD1  doub N N 50  
ASN CG  ND2  sing N N 51  
ASN ND2 HD21 sing N N 52  
ASN ND2 HD22 sing N N 53  
ASN OXT HXT  sing N N 54  
ASP N   CA   sing N N 55  
ASP N   H    sing N N 56  
ASP N   H2   sing N N 57  
ASP CA  C    sing N N 58  
ASP CA  CB   sing N N 59  
ASP CA  HA   sing N N 60  
ASP C   O    doub N N 61  
ASP C   OXT  sing N N 62  
ASP CB  CG   sing N N 63  
ASP CB  HB2  sing N N 64  
ASP CB  HB3  sing N N 65  
ASP CG  OD1  doub N N 66  
ASP CG  OD2  sing N N 67  
ASP OD2 HD2  sing N N 68  
ASP OXT HXT  sing N N 69  
GLN N   CA   sing N N 70  
GLN N   H    sing N N 71  
GLN N   H2   sing N N 72  
GLN CA  C    sing N N 73  
GLN CA  CB   sing N N 74  
GLN CA  HA   sing N N 75  
GLN C   O    doub N N 76  
GLN C   OXT  sing N N 77  
GLN CB  CG   sing N N 78  
GLN CB  HB2  sing N N 79  
GLN CB  HB3  sing N N 80  
GLN CG  CD   sing N N 81  
GLN CG  HG2  sing N N 82  
GLN CG  HG3  sing N N 83  
GLN CD  OE1  doub N N 84  
GLN CD  NE2  sing N N 85  
GLN NE2 HE21 sing N N 86  
GLN NE2 HE22 sing N N 87  
GLN OXT HXT  sing N N 88  
GLU N   CA   sing N N 89  
GLU N   H    sing N N 90  
GLU N   H2   sing N N 91  
GLU CA  C    sing N N 92  
GLU CA  CB   sing N N 93  
GLU CA  HA   sing N N 94  
GLU C   O    doub N N 95  
GLU C   OXT  sing N N 96  
GLU CB  CG   sing N N 97  
GLU CB  HB2  sing N N 98  
GLU CB  HB3  sing N N 99  
GLU CG  CD   sing N N 100 
GLU CG  HG2  sing N N 101 
GLU CG  HG3  sing N N 102 
GLU CD  OE1  doub N N 103 
GLU CD  OE2  sing N N 104 
GLU OE2 HE2  sing N N 105 
GLU OXT HXT  sing N N 106 
GLY N   CA   sing N N 107 
GLY N   H    sing N N 108 
GLY N   H2   sing N N 109 
GLY CA  C    sing N N 110 
GLY CA  HA2  sing N N 111 
GLY CA  HA3  sing N N 112 
GLY C   O    doub N N 113 
GLY C   OXT  sing N N 114 
GLY OXT HXT  sing N N 115 
HOH O   H1   sing N N 116 
HOH O   H2   sing N N 117 
ILE N   CA   sing N N 118 
ILE N   H    sing N N 119 
ILE N   H2   sing N N 120 
ILE CA  C    sing N N 121 
ILE CA  CB   sing N N 122 
ILE CA  HA   sing N N 123 
ILE C   O    doub N N 124 
ILE C   OXT  sing N N 125 
ILE CB  CG1  sing N N 126 
ILE CB  CG2  sing N N 127 
ILE CB  HB   sing N N 128 
ILE CG1 CD1  sing N N 129 
ILE CG1 HG12 sing N N 130 
ILE CG1 HG13 sing N N 131 
ILE CG2 HG21 sing N N 132 
ILE CG2 HG22 sing N N 133 
ILE CG2 HG23 sing N N 134 
ILE CD1 HD11 sing N N 135 
ILE CD1 HD12 sing N N 136 
ILE CD1 HD13 sing N N 137 
ILE OXT HXT  sing N N 138 
LEU N   CA   sing N N 139 
LEU N   H    sing N N 140 
LEU N   H2   sing N N 141 
LEU CA  C    sing N N 142 
LEU CA  CB   sing N N 143 
LEU CA  HA   sing N N 144 
LEU C   O    doub N N 145 
LEU C   OXT  sing N N 146 
LEU CB  CG   sing N N 147 
LEU CB  HB2  sing N N 148 
LEU CB  HB3  sing N N 149 
LEU CG  CD1  sing N N 150 
LEU CG  CD2  sing N N 151 
LEU CG  HG   sing N N 152 
LEU CD1 HD11 sing N N 153 
LEU CD1 HD12 sing N N 154 
LEU CD1 HD13 sing N N 155 
LEU CD2 HD21 sing N N 156 
LEU CD2 HD22 sing N N 157 
LEU CD2 HD23 sing N N 158 
LEU OXT HXT  sing N N 159 
LYS N   CA   sing N N 160 
LYS N   H    sing N N 161 
LYS N   H2   sing N N 162 
LYS CA  C    sing N N 163 
LYS CA  CB   sing N N 164 
LYS CA  HA   sing N N 165 
LYS C   O    doub N N 166 
LYS C   OXT  sing N N 167 
LYS CB  CG   sing N N 168 
LYS CB  HB2  sing N N 169 
LYS CB  HB3  sing N N 170 
LYS CG  CD   sing N N 171 
LYS CG  HG2  sing N N 172 
LYS CG  HG3  sing N N 173 
LYS CD  CE   sing N N 174 
LYS CD  HD2  sing N N 175 
LYS CD  HD3  sing N N 176 
LYS CE  NZ   sing N N 177 
LYS CE  HE2  sing N N 178 
LYS CE  HE3  sing N N 179 
LYS NZ  HZ1  sing N N 180 
LYS NZ  HZ2  sing N N 181 
LYS NZ  HZ3  sing N N 182 
LYS OXT HXT  sing N N 183 
MET N   CA   sing N N 184 
MET N   H    sing N N 185 
MET N   H2   sing N N 186 
MET CA  C    sing N N 187 
MET CA  CB   sing N N 188 
MET CA  HA   sing N N 189 
MET C   O    doub N N 190 
MET C   OXT  sing N N 191 
MET CB  CG   sing N N 192 
MET CB  HB2  sing N N 193 
MET CB  HB3  sing N N 194 
MET CG  SD   sing N N 195 
MET CG  HG2  sing N N 196 
MET CG  HG3  sing N N 197 
MET SD  CE   sing N N 198 
MET CE  HE1  sing N N 199 
MET CE  HE2  sing N N 200 
MET CE  HE3  sing N N 201 
MET OXT HXT  sing N N 202 
PHE N   CA   sing N N 203 
PHE N   H    sing N N 204 
PHE N   H2   sing N N 205 
PHE CA  C    sing N N 206 
PHE CA  CB   sing N N 207 
PHE CA  HA   sing N N 208 
PHE C   O    doub N N 209 
PHE C   OXT  sing N N 210 
PHE CB  CG   sing N N 211 
PHE CB  HB2  sing N N 212 
PHE CB  HB3  sing N N 213 
PHE CG  CD1  doub Y N 214 
PHE CG  CD2  sing Y N 215 
PHE CD1 CE1  sing Y N 216 
PHE CD1 HD1  sing N N 217 
PHE CD2 CE2  doub Y N 218 
PHE CD2 HD2  sing N N 219 
PHE CE1 CZ   doub Y N 220 
PHE CE1 HE1  sing N N 221 
PHE CE2 CZ   sing Y N 222 
PHE CE2 HE2  sing N N 223 
PHE CZ  HZ   sing N N 224 
PHE OXT HXT  sing N N 225 
PRO N   CA   sing N N 226 
PRO N   CD   sing N N 227 
PRO N   H    sing N N 228 
PRO CA  C    sing N N 229 
PRO CA  CB   sing N N 230 
PRO CA  HA   sing N N 231 
PRO C   O    doub N N 232 
PRO C   OXT  sing N N 233 
PRO CB  CG   sing N N 234 
PRO CB  HB2  sing N N 235 
PRO CB  HB3  sing N N 236 
PRO CG  CD   sing N N 237 
PRO CG  HG2  sing N N 238 
PRO CG  HG3  sing N N 239 
PRO CD  HD2  sing N N 240 
PRO CD  HD3  sing N N 241 
PRO OXT HXT  sing N N 242 
SER N   CA   sing N N 243 
SER N   H    sing N N 244 
SER N   H2   sing N N 245 
SER CA  C    sing N N 246 
SER CA  CB   sing N N 247 
SER CA  HA   sing N N 248 
SER C   O    doub N N 249 
SER C   OXT  sing N N 250 
SER CB  OG   sing N N 251 
SER CB  HB2  sing N N 252 
SER CB  HB3  sing N N 253 
SER OG  HG   sing N N 254 
SER OXT HXT  sing N N 255 
THR N   CA   sing N N 256 
THR N   H    sing N N 257 
THR N   H2   sing N N 258 
THR CA  C    sing N N 259 
THR CA  CB   sing N N 260 
THR CA  HA   sing N N 261 
THR C   O    doub N N 262 
THR C   OXT  sing N N 263 
THR CB  OG1  sing N N 264 
THR CB  CG2  sing N N 265 
THR CB  HB   sing N N 266 
THR OG1 HG1  sing N N 267 
THR CG2 HG21 sing N N 268 
THR CG2 HG22 sing N N 269 
THR CG2 HG23 sing N N 270 
THR OXT HXT  sing N N 271 
TRP N   CA   sing N N 272 
TRP N   H    sing N N 273 
TRP N   H2   sing N N 274 
TRP CA  C    sing N N 275 
TRP CA  CB   sing N N 276 
TRP CA  HA   sing N N 277 
TRP C   O    doub N N 278 
TRP C   OXT  sing N N 279 
TRP CB  CG   sing N N 280 
TRP CB  HB2  sing N N 281 
TRP CB  HB3  sing N N 282 
TRP CG  CD1  doub Y N 283 
TRP CG  CD2  sing Y N 284 
TRP CD1 NE1  sing Y N 285 
TRP CD1 HD1  sing N N 286 
TRP CD2 CE2  doub Y N 287 
TRP CD2 CE3  sing Y N 288 
TRP NE1 CE2  sing Y N 289 
TRP NE1 HE1  sing N N 290 
TRP CE2 CZ2  sing Y N 291 
TRP CE3 CZ3  doub Y N 292 
TRP CE3 HE3  sing N N 293 
TRP CZ2 CH2  doub Y N 294 
TRP CZ2 HZ2  sing N N 295 
TRP CZ3 CH2  sing Y N 296 
TRP CZ3 HZ3  sing N N 297 
TRP CH2 HH2  sing N N 298 
TRP OXT HXT  sing N N 299 
TYR N   CA   sing N N 300 
TYR N   H    sing N N 301 
TYR N   H2   sing N N 302 
TYR CA  C    sing N N 303 
TYR CA  CB   sing N N 304 
TYR CA  HA   sing N N 305 
TYR C   O    doub N N 306 
TYR C   OXT  sing N N 307 
TYR CB  CG   sing N N 308 
TYR CB  HB2  sing N N 309 
TYR CB  HB3  sing N N 310 
TYR CG  CD1  doub Y N 311 
TYR CG  CD2  sing Y N 312 
TYR CD1 CE1  sing Y N 313 
TYR CD1 HD1  sing N N 314 
TYR CD2 CE2  doub Y N 315 
TYR CD2 HD2  sing N N 316 
TYR CE1 CZ   doub Y N 317 
TYR CE1 HE1  sing N N 318 
TYR CE2 CZ   sing Y N 319 
TYR CE2 HE2  sing N N 320 
TYR CZ  OH   sing N N 321 
TYR OH  HH   sing N N 322 
TYR OXT HXT  sing N N 323 
VAL N   CA   sing N N 324 
VAL N   H    sing N N 325 
VAL N   H2   sing N N 326 
VAL CA  C    sing N N 327 
VAL CA  CB   sing N N 328 
VAL CA  HA   sing N N 329 
VAL C   O    doub N N 330 
VAL C   OXT  sing N N 331 
VAL CB  CG1  sing N N 332 
VAL CB  CG2  sing N N 333 
VAL CB  HB   sing N N 334 
VAL CG1 HG11 sing N N 335 
VAL CG1 HG12 sing N N 336 
VAL CG1 HG13 sing N N 337 
VAL CG2 HG21 sing N N 338 
VAL CG2 HG22 sing N N 339 
VAL CG2 HG23 sing N N 340 
VAL OXT HXT  sing N N 341 
# 
_atom_sites.entry_id                    1LMI 
_atom_sites.fract_transf_matrix[1][1]   0.02200499 
_atom_sites.fract_transf_matrix[1][2]   -0.00179987 
_atom_sites.fract_transf_matrix[1][3]   0.01514408 
_atom_sites.fract_transf_matrix[2][1]   0.00424766 
_atom_sites.fract_transf_matrix[2][2]   -0.02183466 
_atom_sites.fract_transf_matrix[2][3]   0.01489961 
_atom_sites.fract_transf_matrix[3][1]   0.00213951 
_atom_sites.fract_transf_matrix[3][2]   -0.00185568 
_atom_sites.fract_transf_matrix[3][3]   -0.00332935 
_atom_sites.fract_transf_vector[1]      0.942720 
_atom_sites.fract_transf_vector[2]      0.459776 
_atom_sites.fract_transf_vector[3]      0.039739 
# 
loop_
_atom_type.symbol 
C 
N 
O 
S 
# 
loop_
_atom_site.group_PDB 
_atom_site.id 
_atom_site.type_symbol 
_atom_site.label_atom_id 
_atom_site.label_alt_id 
_atom_site.label_comp_id 
_atom_site.label_asym_id 
_atom_site.label_entity_id 
_atom_site.label_seq_id 
_atom_site.pdbx_PDB_ins_code 
_atom_site.Cartn_x 
_atom_site.Cartn_y 
_atom_site.Cartn_z 
_atom_site.occupancy 
_atom_site.B_iso_or_equiv 
_atom_site.pdbx_formal_charge 
_atom_site.auth_seq_id 
_atom_site.auth_comp_id 
_atom_site.auth_asym_id 
_atom_site.auth_atom_id 
_atom_site.pdbx_PDB_model_num 
ATOM   1    N N   . SER A 1 1   ? 4.769   -21.068 3.498   1.00 30.33  ? 1   SER A N   1 
ATOM   2    C CA  . SER A 1 1   ? 5.345   -19.787 3.873   1.00 25.19  ? 1   SER A CA  1 
ATOM   3    C C   . SER A 1 1   ? 4.600   -19.179 5.063   1.00 33.21  ? 1   SER A C   1 
ATOM   4    O O   . SER A 1 1   ? 3.373   -19.296 5.073   1.00 32.24  ? 1   SER A O   1 
ATOM   5    C CB  . SER A 1 1   ? 5.280   -18.790 2.714   1.00 21.03  ? 1   SER A CB  1 
ATOM   6    O OG  . SER A 1 1   ? 5.786   -17.529 3.116   1.00 20.58  ? 1   SER A OG  1 
ATOM   7    N N   . ALA A 1 2   ? 5.329   -18.569 5.985   1.00 28.07  ? 2   ALA A N   1 
ATOM   8    C CA  . ALA A 1 2   ? 4.750   -17.893 7.135   1.00 26.97  ? 2   ALA A CA  1 
ATOM   9    C C   . ALA A 1 2   ? 4.104   -16.576 6.711   1.00 28.85  ? 2   ALA A C   1 
ATOM   10   O O   . ALA A 1 2   ? 3.376   -15.975 7.477   1.00 23.82  ? 2   ALA A O   1 
ATOM   11   C CB  . ALA A 1 2   ? 5.763   -17.614 8.225   1.00 29.75  ? 2   ALA A CB  1 
ATOM   12   N N   . TYR A 1 3   ? 4.371   -16.124 5.478   1.00 22.36  ? 3   TYR A N   1 
ATOM   13   C CA  . TYR A 1 3   ? 3.628   -14.937 5.066   1.00 18.79  ? 3   TYR A CA  1 
ATOM   14   C C   . TYR A 1 3   ? 2.208   -15.321 4.619   1.00 24.57  ? 3   TYR A C   1 
ATOM   15   O O   . TYR A 1 3   ? 2.005   -16.454 4.194   1.00 25.54  ? 3   TYR A O   1 
ATOM   16   C CB  . TYR A 1 3   ? 4.371   -14.248 3.945   1.00 18.01  ? 3   TYR A CB  1 
ATOM   17   C CG  . TYR A 1 3   ? 5.575   -13.465 4.410   1.00 19.30  ? 3   TYR A CG  1 
ATOM   18   C CD1 . TYR A 1 3   ? 6.856   -13.860 4.096   1.00 18.05  ? 3   TYR A CD1 1 
ATOM   19   C CD2 . TYR A 1 3   ? 5.420   -12.298 5.163   1.00 15.89  ? 3   TYR A CD2 1 
ATOM   20   C CE1 . TYR A 1 3   ? 7.976   -13.158 4.504   1.00 21.86  ? 3   TYR A CE1 1 
ATOM   21   C CE2 . TYR A 1 3   ? 6.529   -11.587 5.573   1.00 20.83  ? 3   TYR A CE2 1 
ATOM   22   C CZ  . TYR A 1 3   ? 7.796   -12.006 5.254   1.00 33.14  ? 3   TYR A CZ  1 
ATOM   23   O OH  . TYR A 1 3   ? 8.881   -11.263 5.688   1.00 28.58  ? 3   TYR A OH  1 
ATOM   24   N N   . PRO A 1 4   ? 1.382   -14.356 4.726   1.00 21.10  ? 4   PRO A N   1 
ATOM   25   C CA  . PRO A 1 4   ? 1.456   -12.973 5.067   1.00 16.82  ? 4   PRO A CA  1 
ATOM   26   C C   . PRO A 1 4   ? 1.246   -12.702 6.568   1.00 17.98  ? 4   PRO A C   1 
ATOM   27   O O   . PRO A 1 4   ? 0.677   -13.533 7.250   1.00 23.58  ? 4   PRO A O   1 
ATOM   28   C CB  . PRO A 1 4   ? 0.339   -12.251 4.299   1.00 26.36  ? 4   PRO A CB  1 
ATOM   29   C CG  . PRO A 1 4   ? -0.356  -13.335 3.544   1.00 35.75  ? 4   PRO A CG  1 
ATOM   30   C CD  . PRO A 1 4   ? -0.807  -14.311 4.577   1.00 35.00  ? 4   PRO A CD  1 
ATOM   31   N N   . ILE A 1 5   ? 1.699   -11.518 6.941   1.00 16.07  ? 5   ILE A N   1 
ATOM   32   C CA  . ILE A 1 5   ? 1.475   -10.894 8.234   1.00 14.20  ? 5   ILE A CA  1 
ATOM   33   C C   . ILE A 1 5   ? 0.196   -10.059 8.090   1.00 13.88  ? 5   ILE A C   1 
ATOM   34   O O   . ILE A 1 5   ? 0.143   -9.231  7.182   1.00 14.17  ? 5   ILE A O   1 
ATOM   35   C CB  . ILE A 1 5   ? 2.682   -10.056 8.674   1.00 18.88  ? 5   ILE A CB  1 
ATOM   36   C CG1 . ILE A 1 5   ? 3.931   -10.933 8.828   1.00 20.00  ? 5   ILE A CG1 1 
ATOM   37   C CG2 . ILE A 1 5   ? 2.370   -9.265  9.931   1.00 18.48  ? 5   ILE A CG2 1 
ATOM   38   C CD1 . ILE A 1 5   ? 5.227   -10.263 9.117   1.00 23.79  ? 5   ILE A CD1 1 
ATOM   39   N N   . THR A 1 6   ? -0.791  -10.310 8.920   1.00 19.56  ? 6   THR A N   1 
ATOM   40   C CA  . THR A 1 6   ? -2.097  -9.689  8.832   1.00 15.14  ? 6   THR A CA  1 
ATOM   41   C C   . THR A 1 6   ? -2.348  -8.862  10.073  1.00 17.15  ? 6   THR A C   1 
ATOM   42   O O   . THR A 1 6   ? -2.030  -9.309  11.187  1.00 20.71  ? 6   THR A O   1 
ATOM   43   C CB  . THR A 1 6   ? -3.222  -10.739 8.693   1.00 16.85  ? 6   THR A CB  1 
ATOM   44   O OG1 . THR A 1 6   ? -2.957  -11.515 7.522   1.00 25.71  ? 6   THR A OG1 1 
ATOM   45   C CG2 . THR A 1 6   ? -4.598  -10.125 8.517   1.00 17.99  ? 6   THR A CG2 1 
ATOM   46   N N   . GLY A 1 7   ? -2.941  -7.694  9.864   1.00 14.84  ? 7   GLY A N   1 
ATOM   47   C CA  . GLY A 1 7   ? -3.405  -6.927  11.017  1.00 13.78  ? 7   GLY A CA  1 
ATOM   48   C C   . GLY A 1 7   ? -4.514  -5.991  10.603  1.00 12.32  ? 7   GLY A C   1 
ATOM   49   O O   . GLY A 1 7   ? -5.169  -6.237  9.589   1.00 15.41  ? 7   GLY A O   1 
ATOM   50   N N   . LYS A 1 8   ? -4.750  -4.935  11.343  1.00 12.51  ? 8   LYS A N   1 
ATOM   51   C CA  . LYS A 1 8   ? -5.878  -4.044  11.167  1.00 13.50  ? 8   LYS A CA  1 
ATOM   52   C C   . LYS A 1 8   ? -5.498  -2.781  10.409  1.00 9.15   ? 8   LYS A C   1 
ATOM   53   O O   . LYS A 1 8   ? -4.411  -2.252  10.638  1.00 13.00  ? 8   LYS A O   1 
ATOM   54   C CB  . LYS A 1 8   ? -6.431  -3.628  12.545  1.00 16.38  ? 8   LYS A CB  1 
ATOM   55   C CG  . LYS A 1 8   ? -7.219  -4.755  13.190  1.00 27.33  ? 8   LYS A CG  1 
ATOM   56   C CD  . LYS A 1 8   ? -6.349  -5.896  13.685  1.00 35.01  ? 8   LYS A CD  1 
ATOM   57   C CE  . LYS A 1 8   ? -5.897  -5.690  15.120  1.00 85.76  ? 8   LYS A CE  1 
ATOM   58   N NZ  . LYS A 1 8   ? -6.411  -6.723  16.060  1.00 71.64  ? 8   LYS A NZ  1 
ATOM   59   N N   . LEU A 1 9   ? -6.396  -2.329  9.542   1.00 9.52   ? 9   LEU A N   1 
ATOM   60   C CA  . LEU A 1 9   ? -6.284  -0.958  9.046   1.00 10.47  ? 9   LEU A CA  1 
ATOM   61   C C   . LEU A 1 9   ? -6.103  -0.016  10.219  1.00 9.65   ? 9   LEU A C   1 
ATOM   62   O O   . LEU A 1 9   ? -6.840  -0.172  11.213  1.00 11.49  ? 9   LEU A O   1 
ATOM   63   C CB  . LEU A 1 9   ? -7.528  -0.590  8.234   1.00 10.12  ? 9   LEU A CB  1 
ATOM   64   C CG  . LEU A 1 9   ? -7.598  -1.290  6.869   1.00 7.94   ? 9   LEU A CG  1 
ATOM   65   C CD1 . LEU A 1 9   ? -9.038  -1.418  6.410   1.00 15.13  ? 9   LEU A CD1 1 
ATOM   66   C CD2 . LEU A 1 9   ? -6.734  -0.557  5.851   1.00 9.84   ? 9   LEU A CD2 1 
ATOM   67   N N   . GLY A 1 10  ? -5.174  0.907   10.074  1.00 11.12  ? 10  GLY A N   1 
ATOM   68   C CA  . GLY A 1 10  ? -4.796  1.838   11.134  1.00 11.19  ? 10  GLY A CA  1 
ATOM   69   C C   . GLY A 1 10  ? -3.530  1.382   11.849  1.00 12.41  ? 10  GLY A C   1 
ATOM   70   O O   . GLY A 1 10  ? -2.930  2.202   12.565  1.00 11.77  ? 10  GLY A O   1 
ATOM   71   N N   . SER A 1 11  ? -3.115  0.128   11.698  1.00 10.64  ? 11  SER A N   1 
ATOM   72   C CA  . SER A 1 11  ? -1.944  -0.391  12.405  1.00 11.62  ? 11  SER A CA  1 
ATOM   73   C C   . SER A 1 11  ? -0.711  -0.469  11.508  1.00 11.36  ? 11  SER A C   1 
ATOM   74   O O   . SER A 1 11  ? -0.809  -0.668  10.306  1.00 11.54  ? 11  SER A O   1 
ATOM   75   C CB  . SER A 1 11  ? -2.179  -1.782  12.951  1.00 12.69  ? 11  SER A CB  1 
ATOM   76   O OG  . SER A 1 11  ? -3.172  -1.739  13.981  1.00 20.57  ? 11  SER A OG  1 
ATOM   77   N N   . GLU A 1 12  ? 0.442   -0.322  12.132  1.00 10.53  ? 12  GLU A N   1 
ATOM   78   C CA  . GLU A 1 12  ? 1.728   -0.511  11.470  1.00 9.58   ? 12  GLU A CA  1 
ATOM   79   C C   . GLU A 1 12  ? 2.221   -1.934  11.660  1.00 11.96  ? 12  GLU A C   1 
ATOM   80   O O   . GLU A 1 12  ? 2.311   -2.410  12.803  1.00 13.44  ? 12  GLU A O   1 
ATOM   81   C CB  . GLU A 1 12  ? 2.753   0.476   12.044  1.00 11.74  ? 12  GLU A CB  1 
ATOM   82   C CG  . GLU A 1 12  ? 4.040   0.476   11.201  1.00 10.73  ? 12  GLU A CG  1 
ATOM   83   C CD  . GLU A 1 12  ? 4.838   1.713   11.562  1.00 9.77   ? 12  GLU A CD  1 
ATOM   84   O OE1 . GLU A 1 12  ? 4.252   2.819   11.459  1.00 12.03  ? 12  GLU A OE1 1 
ATOM   85   O OE2 . GLU A 1 12  ? 6.007   1.536   11.992  1.00 11.65  ? 12  GLU A OE2 1 
ATOM   86   N N   . LEU A 1 13  ? 2.481   -2.601  10.531  1.00 10.87  ? 13  LEU A N   1 
ATOM   87   C CA  . LEU A 1 13  ? 2.972   -3.981  10.541  1.00 10.91  ? 13  LEU A CA  1 
ATOM   88   C C   . LEU A 1 13  ? 4.464   -4.006  10.214  1.00 14.40  ? 13  LEU A C   1 
ATOM   89   O O   . LEU A 1 13  ? 4.856   -3.255  9.304   1.00 14.30  ? 13  LEU A O   1 
ATOM   90   C CB  . LEU A 1 13  ? 2.178   -4.820  9.525   1.00 9.98   ? 13  LEU A CB  1 
ATOM   91   C CG  . LEU A 1 13  ? 0.648   -4.747  9.642   1.00 10.56  ? 13  LEU A CG  1 
ATOM   92   C CD1 . LEU A 1 13  ? -0.065  -5.547  8.539   1.00 11.72  ? 13  LEU A CD1 1 
ATOM   93   C CD2 . LEU A 1 13  ? 0.218   -5.237  11.013  1.00 16.69  ? 13  LEU A CD2 1 
ATOM   94   N N   . THR A 1 14  ? 5.237   -4.815  10.900  1.00 13.04  ? 14  THR A N   1 
ATOM   95   C CA  . THR A 1 14  ? 6.696   -4.931  10.771  1.00 11.81  ? 14  THR A CA  1 
ATOM   96   C C   . THR A 1 14  ? 7.068   -6.100  9.904   1.00 14.29  ? 14  THR A C   1 
ATOM   97   O O   . THR A 1 14  ? 6.558   -7.219  10.043  1.00 18.29  ? 14  THR A O   1 
ATOM   98   C CB  . THR A 1 14  ? 7.278   -5.121  12.203  1.00 17.77  ? 14  THR A CB  1 
ATOM   99   O OG1 . THR A 1 14  ? 7.045   -3.866  12.897  1.00 31.09  ? 14  THR A OG1 1 
ATOM   100  N N   . MET A 1 15  ? 7.976   -5.907  8.947   1.00 14.72  ? 15  MET A N   1 
ATOM   101  C CA  . MET A 1 15  ? 8.454   -7.095  8.237   1.00 19.16  ? 15  MET A CA  1 
ATOM   102  C C   . MET A 1 15  ? 9.975   -6.998  8.212   1.00 15.37  ? 15  MET A C   1 
ATOM   103  O O   . MET A 1 15  ? 10.583  -5.955  8.009   1.00 13.08  ? 15  MET A O   1 
ATOM   104  C CB  . MET A 1 15  ? 7.768   -7.216  6.889   1.00 24.98  ? 15  MET A CB  1 
ATOM   105  C CG  . MET A 1 15  ? 8.559   -7.235  5.629   1.00 21.93  ? 15  MET A CG  1 
ATOM   106  S SD  . MET A 1 15  ? 7.491   -7.482  4.152   1.00 24.28  ? 15  MET A SD  1 
ATOM   107  C CE  . MET A 1 15  ? 7.418   -5.774  3.594   1.00 27.17  ? 15  MET A CE  1 
ATOM   108  N N   . THR A 1 16  ? 10.545  -8.168  8.458   1.00 13.87  ? 16  THR A N   1 
ATOM   109  C CA  . THR A 1 16  ? 11.994  -8.292  8.480   1.00 11.94  ? 16  THR A CA  1 
ATOM   110  C C   . THR A 1 16  ? 12.412  -8.907  7.157   1.00 14.61  ? 16  THR A C   1 
ATOM   111  O O   . THR A 1 16  ? 11.936  -9.996  6.796   1.00 20.92  ? 16  THR A O   1 
ATOM   112  C CB  . THR A 1 16  ? 12.412  -9.127  9.691   1.00 18.09  ? 16  THR A CB  1 
ATOM   113  O OG1 . THR A 1 16  ? 12.191  -8.370  10.906  1.00 24.18  ? 16  THR A OG1 1 
ATOM   114  C CG2 . THR A 1 16  ? 13.892  -9.422  9.732   1.00 18.51  ? 16  THR A CG2 1 
ATOM   115  N N   . ASP A 1 17  ? 13.289  -8.240  6.427   1.00 15.31  ? 17  ASP A N   1 
ATOM   116  C CA  . ASP A 1 17  ? 13.814  -8.842  5.200   1.00 16.84  ? 17  ASP A CA  1 
ATOM   117  C C   . ASP A 1 17  ? 15.331  -9.019  5.254   1.00 15.00  ? 17  ASP A C   1 
ATOM   118  O O   . ASP A 1 17  ? 16.093  -8.151  4.851   1.00 19.35  ? 17  ASP A O   1 
ATOM   119  C CB  . ASP A 1 17  ? 13.414  -7.973  3.997   1.00 17.02  ? 17  ASP A CB  1 
ATOM   120  C CG  . ASP A 1 17  ? 14.130  -8.423  2.740   1.00 23.21  ? 17  ASP A CG  1 
ATOM   121  O OD1 . ASP A 1 17  ? 14.585  -9.583  2.637   1.00 20.13  ? 17  ASP A OD1 1 
ATOM   122  O OD2 . ASP A 1 17  ? 14.261  -7.592  1.820   1.00 28.08  ? 17  ASP A OD2 1 
ATOM   123  N N   . THR A 1 18  ? 15.737  -10.200 5.710   1.00 21.08  ? 18  THR A N   1 
ATOM   124  C CA  . THR A 1 18  ? 17.171  -10.412 5.899   1.00 19.45  ? 18  THR A CA  1 
ATOM   125  C C   . THR A 1 18  ? 17.900  -10.619 4.579   1.00 26.43  ? 18  THR A C   1 
ATOM   126  O O   . THR A 1 18  ? 19.127  -10.458 4.489   1.00 45.65  ? 18  THR A O   1 
ATOM   127  C CB  . THR A 1 18  ? 17.442  -11.572 6.863   1.00 28.08  ? 18  THR A CB  1 
ATOM   128  O OG1 . THR A 1 18  ? 16.829  -11.285 8.122   1.00 36.29  ? 18  THR A OG1 1 
ATOM   129  C CG2 . THR A 1 18  ? 18.942  -11.676 7.120   1.00 24.01  ? 18  THR A CG2 1 
ATOM   130  N N   . VAL A 1 19  ? 17.214  -10.941 3.485   1.00 21.34  ? 19  VAL A N   1 
ATOM   131  C CA  . VAL A 1 19  ? 17.961  -10.943 2.215   1.00 16.77  ? 19  VAL A CA  1 
ATOM   132  C C   . VAL A 1 19  ? 18.428  -9.554  1.861   1.00 19.62  ? 19  VAL A C   1 
ATOM   133  O O   . VAL A 1 19  ? 19.533  -9.336  1.360   1.00 22.11  ? 19  VAL A O   1 
ATOM   134  C CB  . VAL A 1 19  ? 17.092  -11.511 1.081   1.00 17.51  ? 19  VAL A CB  1 
ATOM   135  C CG1 . VAL A 1 19  ? 17.686  -11.181 -0.282  1.00 20.76  ? 19  VAL A CG1 1 
ATOM   136  C CG2 . VAL A 1 19  ? 16.949  -13.032 1.232   1.00 19.14  ? 19  VAL A CG2 1 
ATOM   137  N N   . GLY A 1 20  ? 17.531  -8.580  2.098   1.00 17.98  ? 20  GLY A N   1 
ATOM   138  C CA  . GLY A 1 20  ? 17.873  -7.196  1.834   1.00 17.60  ? 20  GLY A CA  1 
ATOM   139  C C   . GLY A 1 20  ? 18.491  -6.453  3.017   1.00 16.13  ? 20  GLY A C   1 
ATOM   140  O O   . GLY A 1 20  ? 18.839  -5.292  2.848   1.00 23.73  ? 20  GLY A O   1 
ATOM   141  N N   . GLN A 1 21  ? 18.615  -7.116  4.154   1.00 18.85  ? 21  GLN A N   1 
ATOM   142  C CA  . GLN A 1 21  ? 19.155  -6.574  5.383   1.00 23.43  ? 21  GLN A CA  1 
ATOM   143  C C   . GLN A 1 21  ? 18.369  -5.339  5.806   1.00 18.46  ? 21  GLN A C   1 
ATOM   144  O O   . GLN A 1 21  ? 18.926  -4.342  6.246   1.00 25.03  ? 21  GLN A O   1 
ATOM   145  C CB  . GLN A 1 21  ? 20.626  -6.156  5.215   1.00 32.68  ? 21  GLN A CB  1 
ATOM   146  C CG  . GLN A 1 21  ? 21.503  -6.740  6.315   1.00 43.66  ? 21  GLN A CG  1 
ATOM   147  C CD  . GLN A 1 21  ? 21.224  -8.236  6.433   1.00 38.50  ? 21  GLN A CD  1 
ATOM   148  O OE1 . GLN A 1 21  ? 21.137  -8.757  7.535   1.00 24.60  ? 21  GLN A OE1 1 
ATOM   149  N NE2 . GLN A 1 21  ? 21.079  -8.871  5.278   1.00 40.76  ? 21  GLN A NE2 1 
ATOM   150  N N   . VAL A 1 22  ? 17.053  -5.436  5.619   1.00 16.90  ? 22  VAL A N   1 
ATOM   151  C CA  . VAL A 1 22  ? 16.236  -4.289  6.031   1.00 15.29  ? 22  VAL A CA  1 
ATOM   152  C C   . VAL A 1 22  ? 15.112  -4.811  6.925   1.00 12.02  ? 22  VAL A C   1 
ATOM   153  O O   . VAL A 1 22  ? 14.737  -5.981  6.867   1.00 15.10  ? 22  VAL A O   1 
ATOM   154  C CB  . VAL A 1 22  ? 15.590  -3.467  4.904   1.00 14.76  ? 22  VAL A CB  1 
ATOM   155  C CG1 . VAL A 1 22  ? 16.668  -2.704  4.134   1.00 21.21  ? 22  VAL A CG1 1 
ATOM   156  C CG2 . VAL A 1 22  ? 14.753  -4.287  3.933   1.00 17.83  ? 22  VAL A CG2 1 
ATOM   157  N N   . VAL A 1 23  ? 14.615  -3.897  7.745   1.00 14.19  ? 23  VAL A N   1 
ATOM   158  C CA  . VAL A 1 23  ? 13.387  -4.072  8.503   1.00 9.67   ? 23  VAL A CA  1 
ATOM   159  C C   . VAL A 1 23  ? 12.533  -2.843  8.219   1.00 14.04  ? 23  VAL A C   1 
ATOM   160  O O   . VAL A 1 23  ? 13.021  -1.707  8.260   1.00 13.90  ? 23  VAL A O   1 
ATOM   161  C CB  . VAL A 1 23  ? 13.628  -4.186  10.014  1.00 12.21  ? 23  VAL A CB  1 
ATOM   162  C CG1 . VAL A 1 23  ? 12.321  -4.348  10.784  1.00 14.69  ? 23  VAL A CG1 1 
ATOM   163  C CG2 . VAL A 1 23  ? 14.588  -5.339  10.295  1.00 11.99  ? 23  VAL A CG2 1 
ATOM   164  N N   . LEU A 1 24  ? 11.263  -3.083  7.911   1.00 12.77  ? 24  LEU A N   1 
ATOM   165  C CA  . LEU A 1 24  ? 10.462  -1.877  7.671   1.00 13.01  ? 24  LEU A CA  1 
ATOM   166  C C   . LEU A 1 24  ? 9.097   -2.068  8.328   1.00 12.25  ? 24  LEU A C   1 
ATOM   167  O O   . LEU A 1 24  ? 8.641   -3.164  8.651   1.00 14.64  ? 24  LEU A O   1 
ATOM   168  C CB  . LEU A 1 24  ? 10.415  -1.542  6.193   1.00 18.57  ? 24  LEU A CB  1 
ATOM   169  C CG  . LEU A 1 24  ? 9.861   -2.563  5.218   1.00 22.92  ? 24  LEU A CG  1 
ATOM   170  C CD1 . LEU A 1 24  ? 9.631   -1.907  3.870   1.00 14.48  ? 24  LEU A CD1 1 
ATOM   171  C CD2 . LEU A 1 24  ? 10.774  -3.773  5.039   1.00 40.52  ? 24  LEU A CD2 1 
ATOM   172  N N   . GLY A 1 25  ? 8.490   -0.895  8.543   1.00 12.13  ? 25  GLY A N   1 
ATOM   173  C CA  . GLY A 1 25  ? 7.129   -0.873  9.094   1.00 9.90   ? 25  GLY A CA  1 
ATOM   174  C C   . GLY A 1 25  ? 6.237   -0.240  8.058   1.00 13.47  ? 25  GLY A C   1 
ATOM   175  O O   . GLY A 1 25  ? 6.654   0.766   7.480   1.00 13.20  ? 25  GLY A O   1 
ATOM   176  N N   . TRP A 1 26  ? 5.072   -0.786  7.792   1.00 9.15   ? 26  TRP A N   1 
ATOM   177  C CA  . TRP A 1 26  ? 4.122   -0.088  6.954   1.00 8.16   ? 26  TRP A CA  1 
ATOM   178  C C   . TRP A 1 26  ? 2.792   0.071   7.725   1.00 8.76   ? 26  TRP A C   1 
ATOM   179  O O   . TRP A 1 26  ? 2.287   -0.908  8.273   1.00 10.09  ? 26  TRP A O   1 
ATOM   180  C CB  . TRP A 1 26  ? 3.822   -0.842  5.667   1.00 11.89  ? 26  TRP A CB  1 
ATOM   181  C CG  . TRP A 1 26  ? 4.709   -0.698  4.469   1.00 10.51  ? 26  TRP A CG  1 
ATOM   182  C CD1 . TRP A 1 26  ? 5.685   -1.570  4.053   1.00 9.82   ? 26  TRP A CD1 1 
ATOM   183  C CD2 . TRP A 1 26  ? 4.652   0.395   3.541   1.00 11.18  ? 26  TRP A CD2 1 
ATOM   184  N NE1 . TRP A 1 26  ? 6.244   -1.034  2.880   1.00 11.69  ? 26  TRP A NE1 1 
ATOM   185  C CE2 . TRP A 1 26  ? 5.632   0.148   2.567   1.00 11.34  ? 26  TRP A CE2 1 
ATOM   186  C CE3 . TRP A 1 26  ? 3.867   1.558   3.458   1.00 12.91  ? 26  TRP A CE3 1 
ATOM   187  C CZ2 . TRP A 1 26  ? 5.862   1.017   1.501   1.00 9.51   ? 26  TRP A CZ2 1 
ATOM   188  C CZ3 . TRP A 1 26  ? 4.106   2.416   2.394   1.00 13.33  ? 26  TRP A CZ3 1 
ATOM   189  C CH2 . TRP A 1 26  ? 5.084   2.142   1.443   1.00 12.35  ? 26  TRP A CH2 1 
ATOM   190  N N   . LYS A 1 27  ? 2.279   1.297   7.696   1.00 9.24   ? 27  LYS A N   1 
ATOM   191  C CA  . LYS A 1 27  ? 0.942   1.590   8.198   1.00 9.86   ? 27  LYS A CA  1 
ATOM   192  C C   . LYS A 1 27  ? 0.038   1.869   6.988   1.00 9.98   ? 27  LYS A C   1 
ATOM   193  O O   . LYS A 1 27  ? 0.448   2.643   6.111   1.00 10.28  ? 27  LYS A O   1 
ATOM   194  C CB  . LYS A 1 27  ? 0.906   2.796   9.119   1.00 8.81   ? 27  LYS A CB  1 
ATOM   195  C CG  . LYS A 1 27  ? -0.490  3.127   9.679   1.00 11.58  ? 27  LYS A CG  1 
ATOM   196  C CD  . LYS A 1 27  ? -0.424  4.401   10.531  1.00 11.71  ? 27  LYS A CD  1 
ATOM   197  C CE  . LYS A 1 27  ? -1.815  4.947   10.793  1.00 13.50  ? 27  LYS A CE  1 
ATOM   198  N NZ  . LYS A 1 27  ? -1.824  6.015   11.835  1.00 11.33  ? 27  LYS A NZ  1 
ATOM   199  N N   . VAL A 1 28  ? -1.140  1.261   7.013   1.00 9.03   ? 28  VAL A N   1 
ATOM   200  C CA  . VAL A 1 28  ? -2.165  1.619   6.017   1.00 10.61  ? 28  VAL A CA  1 
ATOM   201  C C   . VAL A 1 28  ? -3.440  1.942   6.786   1.00 8.57   ? 28  VAL A C   1 
ATOM   202  O O   . VAL A 1 28  ? -3.835  1.232   7.739   1.00 12.10  ? 28  VAL A O   1 
ATOM   203  C CB  . VAL A 1 28  ? -2.393  0.517   4.974   1.00 8.93   ? 28  VAL A CB  1 
ATOM   204  C CG1 . VAL A 1 28  ? -3.505  0.897   4.003   1.00 13.95  ? 28  VAL A CG1 1 
ATOM   205  C CG2 . VAL A 1 28  ? -1.111  0.275   4.186   1.00 11.02  ? 28  VAL A CG2 1 
ATOM   206  N N   . SER A 1 29  ? -4.033  3.100   6.414   1.00 9.19   ? 29  SER A N   1 
ATOM   207  C CA  . SER A 1 29  ? -5.260  3.523   7.083   1.00 8.81   ? 29  SER A CA  1 
ATOM   208  C C   . SER A 1 29  ? -6.106  4.354   6.129   1.00 13.48  ? 29  SER A C   1 
ATOM   209  O O   . SER A 1 29  ? -5.675  4.750   5.042   1.00 11.61  ? 29  SER A O   1 
ATOM   210  C CB  . SER A 1 29  ? -4.954  4.356   8.349   1.00 14.07  ? 29  SER A CB  1 
ATOM   211  O OG  . SER A 1 29  ? -4.277  5.533   7.958   1.00 19.09  ? 29  SER A OG  1 
ATOM   212  N N   . ASP A 1 30  ? -7.346  4.665   6.517   1.00 10.86  ? 30  ASP A N   1 
ATOM   213  C CA  . ASP A 1 30  ? -8.155  5.605   5.737   1.00 11.44  ? 30  ASP A CA  1 
ATOM   214  C C   . ASP A 1 30  ? -8.336  5.151   4.266   1.00 10.71  ? 30  ASP A C   1 
ATOM   215  O O   . ASP A 1 30  ? -8.251  5.900   3.289   1.00 10.85  ? 30  ASP A O   1 
ATOM   216  C CB  . ASP A 1 30  ? -7.597  7.020   5.804   1.00 11.41  ? 30  ASP A CB  1 
ATOM   217  C CG  . ASP A 1 30  ? -7.343  7.524   7.206   1.00 13.17  ? 30  ASP A CG  1 
ATOM   218  O OD1 . ASP A 1 30  ? -8.248  8.158   7.793   1.00 16.80  ? 30  ASP A OD1 1 
ATOM   219  O OD2 . ASP A 1 30  ? -6.244  7.309   7.763   1.00 18.71  ? 30  ASP A OD2 1 
ATOM   220  N N   . LEU A 1 31  ? -8.642  3.861   4.104   1.00 9.50   ? 31  LEU A N   1 
ATOM   221  C CA  . LEU A 1 31  ? -9.082  3.312   2.845   1.00 9.64   ? 31  LEU A CA  1 
ATOM   222  C C   . LEU A 1 31  ? -10.530 3.715   2.565   1.00 12.92  ? 31  LEU A C   1 
ATOM   223  O O   . LEU A 1 31  ? -11.439 3.348   3.336   1.00 11.67  ? 31  LEU A O   1 
ATOM   224  C CB  . LEU A 1 31  ? -8.970  1.784   2.886   1.00 10.69  ? 31  LEU A CB  1 
ATOM   225  C CG  . LEU A 1 31  ? -9.594  1.040   1.702   1.00 11.46  ? 31  LEU A CG  1 
ATOM   226  C CD1 . LEU A 1 31  ? -8.814  1.256   0.410   1.00 9.66   ? 31  LEU A CD1 1 
ATOM   227  C CD2 . LEU A 1 31  ? -9.698  -0.442  2.003   1.00 10.38  ? 31  LEU A CD2 1 
ATOM   228  N N   . LYS A 1 32  ? -10.731 4.457   1.489   1.00 10.57  ? 32  LYS A N   1 
ATOM   229  C CA  . LYS A 1 32  ? -12.072 5.033   1.284   1.00 11.86  ? 32  LYS A CA  1 
ATOM   230  C C   . LYS A 1 32  ? -12.295 5.502   -0.141  1.00 10.68  ? 32  LYS A C   1 
ATOM   231  O O   . LYS A 1 32  ? -11.307 5.686   -0.861  1.00 10.75  ? 32  LYS A O   1 
ATOM   232  C CB  . LYS A 1 32  ? -12.261 6.213   2.244   1.00 11.91  ? 32  LYS A CB  1 
ATOM   233  C CG  . LYS A 1 32  ? -11.306 7.381   2.020   1.00 10.37  ? 32  LYS A CG  1 
ATOM   234  C CD  . LYS A 1 32  ? -11.510 8.415   3.127   1.00 13.03  ? 32  LYS A CD  1 
ATOM   235  C CE  . LYS A 1 32  ? -10.433 9.475   3.105   1.00 21.51  ? 32  LYS A CE  1 
ATOM   236  N NZ  . LYS A 1 32  ? -10.528 10.337  4.335   1.00 18.33  ? 32  LYS A NZ  1 
ATOM   237  N N   . SER A 1 33  ? -13.562 5.648   -0.513  1.00 11.31  ? 33  SER A N   1 
ATOM   238  C CA  . SER A 1 33  ? -13.842 6.260   -1.823  1.00 11.99  ? 33  SER A CA  1 
ATOM   239  C C   . SER A 1 33  ? -13.202 7.632   -1.877  1.00 13.31  ? 33  SER A C   1 
ATOM   240  O O   . SER A 1 33  ? -13.249 8.400   -0.923  1.00 13.21  ? 33  SER A O   1 
ATOM   241  C CB  . SER A 1 33  ? -15.349 6.337   -2.065  1.00 10.05  ? 33  SER A CB  1 
ATOM   242  O OG  . SER A 1 33  ? -15.506 6.848   -3.416  1.00 15.51  ? 33  SER A OG  1 
ATOM   243  N N   . SER A 1 34  ? -12.586 7.963   -3.017  1.00 14.96  ? 34  SER A N   1 
ATOM   244  C CA  . SER A 1 34  ? -11.840 9.195   -3.149  1.00 13.81  ? 34  SER A CA  1 
ATOM   245  C C   . SER A 1 34  ? -12.598 10.155  -4.080  1.00 17.26  ? 34  SER A C   1 
ATOM   246  O O   . SER A 1 34  ? -13.338 9.729   -4.954  1.00 19.54  ? 34  SER A O   1 
ATOM   247  C CB  . SER A 1 34  ? -10.447 8.932   -3.723  1.00 13.25  ? 34  SER A CB  1 
ATOM   248  O OG  . SER A 1 34  ? -9.560  10.031  -3.673  1.00 12.42  ? 34  SER A OG  1 
ATOM   249  N N   . THR A 1 35  ? -12.373 11.420  -3.846  1.00 19.19  ? 35  THR A N   1 
ATOM   250  C CA  . THR A 1 35  ? -12.784 12.473  -4.762  1.00 23.62  ? 35  THR A CA  1 
ATOM   251  C C   . THR A 1 35  ? -11.598 12.868  -5.643  1.00 32.54  ? 35  THR A C   1 
ATOM   252  O O   . THR A 1 35  ? -11.774 13.694  -6.536  1.00 32.03  ? 35  THR A O   1 
ATOM   253  C CB  . THR A 1 35  ? -13.236 13.733  -4.010  1.00 29.84  ? 35  THR A CB  1 
ATOM   254  O OG1 . THR A 1 35  ? -12.100 14.227  -3.276  1.00 25.15  ? 35  THR A OG1 1 
ATOM   255  C CG2 . THR A 1 35  ? -14.318 13.431  -2.984  1.00 33.70  ? 35  THR A CG2 1 
ATOM   256  N N   . ALA A 1 36  ? -10.410 12.320  -5.384  1.00 27.28  ? 36  ALA A N   1 
ATOM   257  C CA  . ALA A 1 36  ? -9.264  12.613  -6.239  1.00 24.71  ? 36  ALA A CA  1 
ATOM   258  C C   . ALA A 1 36  ? -9.627  12.343  -7.702  1.00 21.69  ? 36  ALA A C   1 
ATOM   259  O O   . ALA A 1 36  ? -10.302 11.383  -8.033  1.00 28.91  ? 36  ALA A O   1 
ATOM   260  C CB  . ALA A 1 36  ? -8.009  11.806  -5.928  1.00 18.45  ? 36  ALA A CB  1 
ATOM   261  N N   . VAL A 1 37  ? -9.148  13.238  -8.550  1.00 28.71  ? 37  VAL A N   1 
ATOM   262  C CA  . VAL A 1 37  ? -9.133  12.989  -9.993  1.00 36.63  ? 37  VAL A CA  1 
ATOM   263  C C   . VAL A 1 37  ? -7.657  12.706  -10.257 1.00 26.45  ? 37  VAL A C   1 
ATOM   264  O O   . VAL A 1 37  ? -6.799  13.486  -9.822  1.00 30.69  ? 37  VAL A O   1 
ATOM   265  C CB  . VAL A 1 37  ? -9.754  14.146  -10.770 1.00 38.95  ? 37  VAL A CB  1 
ATOM   266  C CG1 . VAL A 1 37  ? -9.420  15.480  -10.106 1.00 39.91  ? 37  VAL A CG1 1 
ATOM   267  C CG2 . VAL A 1 37  ? -9.303  14.181  -12.220 1.00 46.23  ? 37  VAL A CG2 1 
ATOM   268  N N   . ILE A 1 38  ? -7.366  11.574  -10.870 1.00 35.41  ? 38  ILE A N   1 
ATOM   269  C CA  . ILE A 1 38  ? -5.954  11.135  -10.783 1.00 51.58  ? 38  ILE A CA  1 
ATOM   270  C C   . ILE A 1 38  ? -5.093  12.113  -11.557 1.00 63.66  ? 38  ILE A C   1 
ATOM   271  O O   . ILE A 1 38  ? -4.253  12.832  -11.037 1.00 102.28 ? 38  ILE A O   1 
ATOM   272  C CB  . ILE A 1 38  ? -5.858  9.672   -11.242 1.00 41.49  ? 38  ILE A CB  1 
ATOM   273  C CG1 . ILE A 1 38  ? -6.471  8.697   -10.223 1.00 39.63  ? 38  ILE A CG1 1 
ATOM   274  C CG2 . ILE A 1 38  ? -4.439  9.269   -11.594 1.00 28.37  ? 38  ILE A CG2 1 
ATOM   275  C CD1 . ILE A 1 38  ? -5.561  8.338   -9.075  1.00 37.42  ? 38  ILE A CD1 1 
ATOM   276  N N   . PRO A 1 39  ? -5.426  12.202  -12.810 1.00 54.76  ? 39  PRO A N   1 
ATOM   277  C CA  . PRO A 1 39  ? -5.253  11.389  -13.983 1.00 49.09  ? 39  PRO A CA  1 
ATOM   278  C C   . PRO A 1 39  ? -4.524  12.182  -15.057 1.00 45.60  ? 39  PRO A C   1 
ATOM   279  O O   . PRO A 1 39  ? -3.517  12.818  -14.771 1.00 43.08  ? 39  PRO A O   1 
ATOM   280  C CB  . PRO A 1 39  ? -6.751  11.157  -14.252 1.00 28.62  ? 39  PRO A CB  1 
ATOM   281  C CG  . PRO A 1 39  ? -7.230  12.583  -14.222 1.00 42.45  ? 39  PRO A CG  1 
ATOM   282  C CD  . PRO A 1 39  ? -6.301  13.335  -13.292 1.00 52.60  ? 39  PRO A CD  1 
ATOM   283  N N   . GLY A 1 40  ? -5.058  12.131  -16.238 1.00 36.25  ? 40  GLY A N   1 
ATOM   284  C CA  . GLY A 1 40  ? -4.692  11.699  -17.536 1.00 25.24  ? 40  GLY A CA  1 
ATOM   285  C C   . GLY A 1 40  ? -4.645  10.168  -17.452 1.00 30.98  ? 40  GLY A C   1 
ATOM   286  O O   . GLY A 1 40  ? -4.081  9.530   -18.326 1.00 45.29  ? 40  GLY A O   1 
ATOM   287  N N   . TYR A 1 41  ? -5.257  9.615   -16.399 1.00 29.09  ? 41  TYR A N   1 
ATOM   288  C CA  . TYR A 1 41  ? -5.340  8.175   -16.198 1.00 28.73  ? 41  TYR A CA  1 
ATOM   289  C C   . TYR A 1 41  ? -6.693  7.678   -16.725 1.00 28.23  ? 41  TYR A C   1 
ATOM   290  O O   . TYR A 1 41  ? -7.701  8.349   -16.460 1.00 23.38  ? 41  TYR A O   1 
ATOM   291  C CB  . TYR A 1 41  ? -5.165  7.748   -14.720 1.00 24.91  ? 41  TYR A CB  1 
ATOM   292  C CG  . TYR A 1 41  ? -5.245  6.226   -14.638 1.00 21.18  ? 41  TYR A CG  1 
ATOM   293  C CD1 . TYR A 1 41  ? -6.384  5.520   -14.281 1.00 23.28  ? 41  TYR A CD1 1 
ATOM   294  C CD2 . TYR A 1 41  ? -4.111  5.496   -14.950 1.00 30.11  ? 41  TYR A CD2 1 
ATOM   295  C CE1 . TYR A 1 41  ? -6.437  4.138   -14.221 1.00 20.64  ? 41  TYR A CE1 1 
ATOM   296  C CE2 . TYR A 1 41  ? -4.126  4.117   -14.904 1.00 34.38  ? 41  TYR A CE2 1 
ATOM   297  C CZ  . TYR A 1 41  ? -5.282  3.454   -14.539 1.00 33.04  ? 41  TYR A CZ  1 
ATOM   298  O OH  . TYR A 1 41  ? -5.257  2.081   -14.505 1.00 39.30  ? 41  TYR A OH  1 
ATOM   299  N N   . PRO A 1 42  ? -6.754  6.549   -17.423 1.00 35.70  ? 42  PRO A N   1 
ATOM   300  C CA  . PRO A 1 42  ? -8.054  6.022   -17.891 1.00 24.79  ? 42  PRO A CA  1 
ATOM   301  C C   . PRO A 1 42  ? -8.831  5.246   -16.834 1.00 21.51  ? 42  PRO A C   1 
ATOM   302  O O   . PRO A 1 42  ? -8.988  4.036   -16.848 1.00 20.65  ? 42  PRO A O   1 
ATOM   303  C CB  . PRO A 1 42  ? -7.608  5.102   -19.043 1.00 30.46  ? 42  PRO A CB  1 
ATOM   304  C CG  . PRO A 1 42  ? -6.303  4.543   -18.581 1.00 23.33  ? 42  PRO A CG  1 
ATOM   305  C CD  . PRO A 1 42  ? -5.640  5.699   -17.876 1.00 29.53  ? 42  PRO A CD  1 
ATOM   306  N N   . VAL A 1 43  ? -9.401  5.959   -15.864 1.00 17.51  ? 43  VAL A N   1 
ATOM   307  C CA  . VAL A 1 43  ? -10.262 5.403   -14.813 1.00 18.18  ? 43  VAL A CA  1 
ATOM   308  C C   . VAL A 1 43  ? -11.507 4.730   -15.342 1.00 16.59  ? 43  VAL A C   1 
ATOM   309  O O   . VAL A 1 43  ? -12.249 5.392   -16.115 1.00 18.43  ? 43  VAL A O   1 
ATOM   310  C CB  . VAL A 1 43  ? -10.680 6.588   -13.906 1.00 19.59  ? 43  VAL A CB  1 
ATOM   311  C CG1 . VAL A 1 43  ? -11.722 6.153   -12.871 1.00 22.39  ? 43  VAL A CG1 1 
ATOM   312  C CG2 . VAL A 1 43  ? -9.480  7.221   -13.216 1.00 24.30  ? 43  VAL A CG2 1 
ATOM   313  N N   . ALA A 1 44  ? -11.790 3.489   -14.977 1.00 19.53  ? 44  ALA A N   1 
ATOM   314  C CA  . ALA A 1 44  ? -12.973 2.788   -15.442 1.00 18.64  ? 44  ALA A CA  1 
ATOM   315  C C   . ALA A 1 44  ? -14.087 2.786   -14.403 1.00 23.32  ? 44  ALA A C   1 
ATOM   316  O O   . ALA A 1 44  ? -15.266 2.629   -14.736 1.00 21.45  ? 44  ALA A O   1 
ATOM   317  C CB  . ALA A 1 44  ? -12.685 1.333   -15.810 1.00 16.98  ? 44  ALA A CB  1 
ATOM   318  N N   . GLY A 1 45  ? -13.703 2.932   -13.142 1.00 16.68  ? 45  GLY A N   1 
ATOM   319  C CA  . GLY A 1 45  ? -14.712 2.856   -12.097 1.00 15.37  ? 45  GLY A CA  1 
ATOM   320  C C   . GLY A 1 45  ? -14.631 4.092   -11.211 1.00 14.31  ? 45  GLY A C   1 
ATOM   321  O O   . GLY A 1 45  ? -14.630 5.239   -11.668 1.00 17.17  ? 45  GLY A O   1 
ATOM   322  N N   . GLN A 1 46  ? -14.576 3.808   -9.902  1.00 14.19  ? 46  GLN A N   1 
ATOM   323  C CA  . GLN A 1 46  ? -14.482 4.851   -8.902  1.00 17.57  ? 46  GLN A CA  1 
ATOM   324  C C   . GLN A 1 46  ? -13.081 4.911   -8.269  1.00 12.54  ? 46  GLN A C   1 
ATOM   325  O O   . GLN A 1 46  ? -12.641 3.865   -7.798  1.00 13.14  ? 46  GLN A O   1 
ATOM   326  C CB  . GLN A 1 46  ? -15.513 4.560   -7.805  1.00 14.96  ? 46  GLN A CB  1 
ATOM   327  C CG  . GLN A 1 46  ? -15.386 5.509   -6.616  1.00 16.93  ? 46  GLN A CG  1 
ATOM   328  C CD  . GLN A 1 46  ? -15.810 6.916   -6.946  1.00 23.58  ? 46  GLN A CD  1 
ATOM   329  O OE1 . GLN A 1 46  ? -16.886 7.143   -7.513  1.00 27.51  ? 46  GLN A OE1 1 
ATOM   330  N NE2 . GLN A 1 46  ? -15.001 7.898   -6.593  1.00 21.98  ? 46  GLN A NE2 1 
ATOM   331  N N   . VAL A 1 47  ? -12.493 6.092   -8.227  1.00 12.63  ? 47  VAL A N   1 
ATOM   332  C CA  . VAL A 1 47  ? -11.164 6.145   -7.592  1.00 13.37  ? 47  VAL A CA  1 
ATOM   333  C C   . VAL A 1 47  ? -11.316 5.983   -6.070  1.00 16.03  ? 47  VAL A C   1 
ATOM   334  O O   . VAL A 1 47  ? -12.163 6.637   -5.471  1.00 15.44  ? 47  VAL A O   1 
ATOM   335  C CB  . VAL A 1 47  ? -10.413 7.435   -7.876  1.00 17.02  ? 47  VAL A CB  1 
ATOM   336  C CG1 . VAL A 1 47  ? -9.063  7.461   -7.163  1.00 14.01  ? 47  VAL A CG1 1 
ATOM   337  C CG2 . VAL A 1 47  ? -10.224 7.631   -9.383  1.00 19.22  ? 47  VAL A CG2 1 
ATOM   338  N N   . TRP A 1 48  ? -10.509 5.090   -5.520  1.00 11.05  ? 48  TRP A N   1 
ATOM   339  C CA  . TRP A 1 48  ? -10.398 4.929   -4.068  1.00 10.64  ? 48  TRP A CA  1 
ATOM   340  C C   . TRP A 1 48  ? -8.989  5.348   -3.661  1.00 12.88  ? 48  TRP A C   1 
ATOM   341  O O   . TRP A 1 48  ? -8.048  5.455   -4.458  1.00 10.74  ? 48  TRP A O   1 
ATOM   342  C CB  . TRP A 1 48  ? -10.659 3.484   -3.628  1.00 11.44  ? 48  TRP A CB  1 
ATOM   343  C CG  . TRP A 1 48  ? -12.135 3.240   -3.468  1.00 10.52  ? 48  TRP A CG  1 
ATOM   344  C CD1 . TRP A 1 48  ? -13.087 3.461   -4.432  1.00 12.81  ? 48  TRP A CD1 1 
ATOM   345  C CD2 . TRP A 1 48  ? -12.789 2.758   -2.298  1.00 9.87   ? 48  TRP A CD2 1 
ATOM   346  N NE1 . TRP A 1 48  ? -14.325 3.119   -3.915  1.00 14.67  ? 48  TRP A NE1 1 
ATOM   347  C CE2 . TRP A 1 48  ? -14.161 2.689   -2.611  1.00 11.15  ? 48  TRP A CE2 1 
ATOM   348  C CE3 . TRP A 1 48  ? -12.368 2.355   -1.006  1.00 10.96  ? 48  TRP A CE3 1 
ATOM   349  C CZ2 . TRP A 1 48  ? -15.113 2.256   -1.708  1.00 12.25  ? 48  TRP A CZ2 1 
ATOM   350  C CZ3 . TRP A 1 48  ? -13.321 1.927   -0.119  1.00 10.26  ? 48  TRP A CZ3 1 
ATOM   351  C CH2 . TRP A 1 48  ? -14.679 1.874   -0.460  1.00 13.34  ? 48  TRP A CH2 1 
ATOM   352  N N   . GLU A 1 49  ? -8.827  5.617   -2.368  1.00 10.92  ? 49  GLU A N   1 
ATOM   353  C CA  . GLU A 1 49  ? -7.543  5.988   -1.822  1.00 11.85  ? 49  GLU A CA  1 
ATOM   354  C C   . GLU A 1 49  ? -7.308  5.257   -0.485  1.00 10.00  ? 49  GLU A C   1 
ATOM   355  O O   . GLU A 1 49  ? -8.231  4.759   0.142   1.00 10.03  ? 49  GLU A O   1 
ATOM   356  C CB  . GLU A 1 49  ? -7.421  7.496   -1.601  1.00 11.53  ? 49  GLU A CB  1 
ATOM   357  C CG  . GLU A 1 49  ? -8.436  8.049   -0.594  1.00 13.40  ? 49  GLU A CG  1 
ATOM   358  C CD  . GLU A 1 49  ? -8.227  9.503   -0.268  1.00 13.98  ? 49  GLU A CD  1 
ATOM   359  O OE1 . GLU A 1 49  ? -8.502  10.379  -1.133  1.00 18.74  ? 49  GLU A OE1 1 
ATOM   360  O OE2 . GLU A 1 49  ? -7.775  9.828   0.835   1.00 14.54  ? 49  GLU A OE2 1 
ATOM   361  N N   . ALA A 1 50  ? -6.025  5.218   -0.105  1.00 8.77   ? 50  ALA A N   1 
ATOM   362  C CA  . ALA A 1 50  ? -5.676  4.895   1.272   1.00 9.70   ? 50  ALA A CA  1 
ATOM   363  C C   . ALA A 1 50  ? -4.482  5.810   1.621   1.00 10.63  ? 50  ALA A C   1 
ATOM   364  O O   . ALA A 1 50  ? -3.813  6.395   0.763   1.00 9.38   ? 50  ALA A O   1 
ATOM   365  C CB  . ALA A 1 50  ? -5.363  3.441   1.526   1.00 10.65  ? 50  ALA A CB  1 
ATOM   366  N N   . THR A 1 51  ? -4.210  5.952   2.911   1.00 10.28  ? 51  THR A N   1 
ATOM   367  C CA  . THR A 1 51  ? -3.046  6.676   3.394   1.00 9.79   ? 51  THR A CA  1 
ATOM   368  C C   . THR A 1 51  ? -2.031  5.690   3.958   1.00 9.96   ? 51  THR A C   1 
ATOM   369  O O   . THR A 1 51  ? -2.319  4.926   4.884   1.00 11.56  ? 51  THR A O   1 
ATOM   370  C CB  . THR A 1 51  ? -3.437  7.680   4.477   1.00 12.54  ? 51  THR A CB  1 
ATOM   371  O OG1 . THR A 1 51  ? -4.344  8.651   3.903   1.00 12.73  ? 51  THR A OG1 1 
ATOM   372  C CG2 . THR A 1 51  ? -2.202  8.397   4.998   1.00 15.59  ? 51  THR A CG2 1 
ATOM   373  N N   . ALA A 1 52  ? -0.847  5.673   3.362   1.00 9.73   ? 52  ALA A N   1 
ATOM   374  C CA  . ALA A 1 52  ? 0.193   4.701   3.686   1.00 10.02  ? 52  ALA A CA  1 
ATOM   375  C C   . ALA A 1 52  ? 1.451   5.421   4.172   1.00 11.45  ? 52  ALA A C   1 
ATOM   376  O O   . ALA A 1 52  ? 1.776   6.492   3.648   1.00 12.12  ? 52  ALA A O   1 
ATOM   377  C CB  . ALA A 1 52  ? 0.536   3.850   2.490   1.00 11.50  ? 52  ALA A CB  1 
ATOM   378  N N   . THR A 1 53  ? 2.071   4.813   5.159   1.00 8.87   ? 53  THR A N   1 
ATOM   379  C CA  . THR A 1 53  ? 3.297   5.336   5.769   1.00 12.14  ? 53  THR A CA  1 
ATOM   380  C C   . THR A 1 53  ? 4.327   4.211   5.891   1.00 9.21   ? 53  THR A C   1 
ATOM   381  O O   . THR A 1 53  ? 4.013   3.144   6.439   1.00 10.69  ? 53  THR A O   1 
ATOM   382  C CB  . THR A 1 53  ? 3.035   5.908   7.169   1.00 10.70  ? 53  THR A CB  1 
ATOM   383  O OG1 . THR A 1 53  ? 1.961   6.875   7.106   1.00 13.31  ? 53  THR A OG1 1 
ATOM   384  C CG2 . THR A 1 53  ? 4.260   6.655   7.699   1.00 12.20  ? 53  THR A CG2 1 
ATOM   385  N N   . VAL A 1 54  ? 5.539   4.436   5.377   1.00 9.67   ? 54  VAL A N   1 
ATOM   386  C CA  . VAL A 1 54  ? 6.623   3.460   5.514   1.00 9.31   ? 54  VAL A CA  1 
ATOM   387  C C   . VAL A 1 54  ? 7.654   3.993   6.505   1.00 8.83   ? 54  VAL A C   1 
ATOM   388  O O   . VAL A 1 54  ? 7.935   5.211   6.546   1.00 11.70  ? 54  VAL A O   1 
ATOM   389  C CB  . VAL A 1 54  ? 7.233   3.104   4.159   1.00 11.61  ? 54  VAL A CB  1 
ATOM   390  C CG1 . VAL A 1 54  ? 7.835   4.314   3.458   1.00 14.24  ? 54  VAL A CG1 1 
ATOM   391  C CG2 . VAL A 1 54  ? 8.267   2.004   4.401   1.00 12.05  ? 54  VAL A CG2 1 
ATOM   392  N N   . ASN A 1 55  ? 8.166   3.100   7.298   1.00 8.96   ? 55  ASN A N   1 
ATOM   393  C CA  . ASN A 1 55  ? 9.079   3.385   8.406   1.00 9.95   ? 55  ASN A CA  1 
ATOM   394  C C   . ASN A 1 55  ? 10.356  2.587   8.204   1.00 8.65   ? 55  ASN A C   1 
ATOM   395  O O   . ASN A 1 55  ? 10.277  1.366   8.184   1.00 10.30  ? 55  ASN A O   1 
ATOM   396  C CB  . ASN A 1 55  ? 8.379   2.996   9.707   1.00 8.99   ? 55  ASN A CB  1 
ATOM   397  C CG  . ASN A 1 55  ? 9.175   3.359   10.933  1.00 11.89  ? 55  ASN A CG  1 
ATOM   398  O OD1 . ASN A 1 55  ? 10.266  3.926   10.836  1.00 13.83  ? 55  ASN A OD1 1 
ATOM   399  N ND2 . ASN A 1 55  ? 8.606   3.025   12.095  1.00 10.95  ? 55  ASN A ND2 1 
ATOM   400  N N   . ALA A 1 56  ? 11.482  3.267   8.023   1.00 11.82  ? 56  ALA A N   1 
ATOM   401  C CA  . ALA A 1 56  ? 12.752  2.552   7.800   1.00 10.21  ? 56  ALA A CA  1 
ATOM   402  C C   . ALA A 1 56  ? 13.333  2.153   9.145   1.00 11.06  ? 56  ALA A C   1 
ATOM   403  O O   . ALA A 1 56  ? 14.050  2.898   9.813   1.00 13.26  ? 56  ALA A O   1 
ATOM   404  C CB  . ALA A 1 56  ? 13.628  3.447   6.972   1.00 10.28  ? 56  ALA A CB  1 
ATOM   405  N N   . ILE A 1 57  ? 13.010  0.968   9.625   1.00 10.21  ? 57  ILE A N   1 
ATOM   406  C CA  . ILE A 1 57  ? 13.397  0.585   10.989  1.00 10.47  ? 57  ILE A CA  1 
ATOM   407  C C   . ILE A 1 57  ? 14.851  0.135   11.004  1.00 14.28  ? 57  ILE A C   1 
ATOM   408  O O   . ILE A 1 57  ? 15.582  0.486   11.932  1.00 12.95  ? 57  ILE A O   1 
ATOM   409  C CB  . ILE A 1 57  ? 12.435  -0.494  11.493  1.00 10.50  ? 57  ILE A CB  1 
ATOM   410  C CG1 . ILE A 1 57  ? 11.016  0.075   11.680  1.00 12.74  ? 57  ILE A CG1 1 
ATOM   411  C CG2 . ILE A 1 57  ? 12.944  -1.176  12.747  1.00 15.35  ? 57  ILE A CG2 1 
ATOM   412  C CD1 . ILE A 1 57  ? 9.950   -0.960  12.015  1.00 14.02  ? 57  ILE A CD1 1 
ATOM   413  N N   . ARG A 1 58  ? 15.244  -0.636  9.983   1.00 11.73  ? 58  ARG A N   1 
ATOM   414  C CA  . ARG A 1 58  ? 16.632  -1.078  9.866   1.00 14.96  ? 58  ARG A CA  1 
ATOM   415  C C   . ARG A 1 58  ? 17.037  -0.907  8.398   1.00 16.85  ? 58  ARG A C   1 
ATOM   416  O O   . ARG A 1 58  ? 16.326  -1.471  7.558   1.00 14.32  ? 58  ARG A O   1 
ATOM   417  C CB  . ARG A 1 58  ? 16.846  -2.522  10.314  1.00 14.28  ? 58  ARG A CB  1 
ATOM   418  C CG  . ARG A 1 58  ? 18.302  -2.976  10.137  1.00 17.10  ? 58  ARG A CG  1 
ATOM   419  C CD  . ARG A 1 58  ? 18.453  -4.458  10.495  1.00 25.21  ? 58  ARG A CD  1 
ATOM   420  N NE  . ARG A 1 58  ? 19.864  -4.856  10.566  1.00 31.86  ? 58  ARG A NE  1 
ATOM   421  C CZ  . ARG A 1 58  ? 20.435  -5.838  9.887   1.00 33.94  ? 58  ARG A CZ  1 
ATOM   422  N NH1 . ARG A 1 58  ? 19.707  -6.572  9.049   1.00 23.90  ? 58  ARG A NH1 1 
ATOM   423  N NH2 . ARG A 1 58  ? 21.737  -6.118  10.031  1.00 26.67  ? 58  ARG A NH2 1 
ATOM   424  N N   . GLY A 1 59  ? 18.112  -0.162  8.158   1.00 14.93  ? 59  GLY A N   1 
ATOM   425  C CA  . GLY A 1 59  ? 18.581  0.120   6.829   1.00 13.21  ? 59  GLY A CA  1 
ATOM   426  C C   . GLY A 1 59  ? 17.818  1.228   6.125   1.00 18.79  ? 59  GLY A C   1 
ATOM   427  O O   . GLY A 1 59  ? 16.788  1.701   6.621   1.00 14.55  ? 59  GLY A O   1 
ATOM   428  N N   . SER A 1 60  ? 18.346  1.618   4.967   1.00 14.76  ? 60  SER A N   1 
ATOM   429  C CA  . SER A 1 60  ? 17.696  2.525   4.052   1.00 15.15  ? 60  SER A CA  1 
ATOM   430  C C   . SER A 1 60  ? 16.628  1.736   3.283   1.00 18.03  ? 60  SER A C   1 
ATOM   431  O O   . SER A 1 60  ? 16.941  0.633   2.857   1.00 21.19  ? 60  SER A O   1 
ATOM   432  C CB  . SER A 1 60  ? 18.683  3.140   3.055   1.00 22.39  ? 60  SER A CB  1 
ATOM   433  O OG  . SER A 1 60  ? 19.385  2.116   2.363   1.00 42.92  ? 60  SER A OG  1 
ATOM   434  N N   . VAL A 1 61  ? 15.437  2.301   3.165   1.00 14.81  ? 61  VAL A N   1 
ATOM   435  C CA  . VAL A 1 61  ? 14.310  1.634   2.516   1.00 15.74  ? 61  VAL A CA  1 
ATOM   436  C C   . VAL A 1 61  ? 13.802  2.457   1.348   1.00 16.02  ? 61  VAL A C   1 
ATOM   437  O O   . VAL A 1 61  ? 13.599  3.668   1.456   1.00 14.49  ? 61  VAL A O   1 
ATOM   438  C CB  . VAL A 1 61  ? 13.192  1.442   3.567   1.00 16.95  ? 61  VAL A CB  1 
ATOM   439  C CG1 . VAL A 1 61  ? 11.933  0.860   2.959   1.00 22.03  ? 61  VAL A CG1 1 
ATOM   440  C CG2 . VAL A 1 61  ? 13.731  0.587   4.714   1.00 20.09  ? 61  VAL A CG2 1 
ATOM   441  N N   . THR A 1 62  ? 13.582  1.802   0.215   1.00 16.02  ? 62  THR A N   1 
ATOM   442  C CA  . THR A 1 62  ? 12.923  2.325   -0.952  1.00 15.78  ? 62  THR A CA  1 
ATOM   443  C C   . THR A 1 62  ? 11.557  1.658   -1.037  1.00 18.41  ? 62  THR A C   1 
ATOM   444  O O   . THR A 1 62  ? 11.436  0.452   -1.273  1.00 20.17  ? 62  THR A O   1 
ATOM   445  C CB  . THR A 1 62  ? 13.735  2.077   -2.229  1.00 21.87  ? 62  THR A CB  1 
ATOM   446  O OG1 . THR A 1 62  ? 15.080  2.537   -2.000  1.00 24.62  ? 62  THR A OG1 1 
ATOM   447  C CG2 . THR A 1 62  ? 13.178  2.871   -3.397  1.00 21.13  ? 62  THR A CG2 1 
ATOM   448  N N   . PRO A 1 63  ? 10.470  2.374   -0.782  1.00 15.53  ? 63  PRO A N   1 
ATOM   449  C CA  . PRO A 1 63  ? 9.179   1.695   -0.595  1.00 15.97  ? 63  PRO A CA  1 
ATOM   450  C C   . PRO A 1 63  ? 8.682   1.101   -1.918  1.00 14.79  ? 63  PRO A C   1 
ATOM   451  O O   . PRO A 1 63  ? 8.776   1.727   -2.972  1.00 15.51  ? 63  PRO A O   1 
ATOM   452  C CB  . PRO A 1 63  ? 8.267   2.793   -0.075  1.00 17.51  ? 63  PRO A CB  1 
ATOM   453  C CG  . PRO A 1 63  ? 8.887   4.072   -0.522  1.00 22.26  ? 63  PRO A CG  1 
ATOM   454  C CD  . PRO A 1 63  ? 10.371  3.838   -0.589  1.00 21.44  ? 63  PRO A CD  1 
ATOM   455  N N   . ALA A 1 64  ? 8.173   -0.119  -1.816  1.00 16.19  ? 64  ALA A N   1 
ATOM   456  C CA  . ALA A 1 64  ? 7.782   -0.839  -3.036  1.00 15.55  ? 64  ALA A CA  1 
ATOM   457  C C   . ALA A 1 64  ? 6.309   -0.577  -3.286  1.00 16.38  ? 64  ALA A C   1 
ATOM   458  O O   . ALA A 1 64  ? 5.459   -1.458  -3.124  1.00 14.41  ? 64  ALA A O   1 
ATOM   459  C CB  . ALA A 1 64  ? 8.051   -2.313  -2.829  1.00 17.77  ? 64  ALA A CB  1 
ATOM   460  N N   . VAL A 1 65  ? 6.030   0.681   -3.635  1.00 15.56  ? 65  VAL A N   1 
ATOM   461  C CA  . VAL A 1 65  ? 4.632   1.116   -3.678  1.00 11.43  ? 65  VAL A CA  1 
ATOM   462  C C   . VAL A 1 65  ? 3.805   0.356   -4.689  1.00 11.86  ? 65  VAL A C   1 
ATOM   463  O O   . VAL A 1 65  ? 2.603   0.151   -4.480  1.00 11.31  ? 65  VAL A O   1 
ATOM   464  C CB  . VAL A 1 65  ? 4.580   2.633   -3.994  1.00 13.07  ? 65  VAL A CB  1 
ATOM   465  C CG1 . VAL A 1 65  ? 3.153   3.137   -4.059  1.00 19.43  ? 65  VAL A CG1 1 
ATOM   466  C CG2 . VAL A 1 65  ? 5.402   3.423   -2.979  1.00 15.12  ? 65  VAL A CG2 1 
ATOM   467  N N   . SER A 1 66  ? 4.394   -0.111  -5.796  1.00 11.88  ? 66  SER A N   1 
ATOM   468  C CA  . SER A 1 66  ? 3.699   -0.888  -6.786  1.00 11.20  ? 66  SER A CA  1 
ATOM   469  C C   . SER A 1 66  ? 3.202   -2.230  -6.251  1.00 11.21  ? 66  SER A C   1 
ATOM   470  O O   . SER A 1 66  ? 2.392   -2.887  -6.918  1.00 12.82  ? 66  SER A O   1 
ATOM   471  C CB  . SER A 1 66  ? 4.586   -1.129  -8.014  1.00 16.21  ? 66  SER A CB  1 
ATOM   472  O OG  . SER A 1 66  ? 5.807   -1.757  -7.641  1.00 19.90  ? 66  SER A OG  1 
ATOM   473  N N   . GLN A 1 67  ? 3.594   -2.672  -5.061  1.00 9.61   ? 67  GLN A N   1 
ATOM   474  C CA  . GLN A 1 67  ? 3.156   -3.917  -4.443  1.00 9.07   ? 67  GLN A CA  1 
ATOM   475  C C   . GLN A 1 67  ? 1.776   -3.801  -3.808  1.00 8.70   ? 67  GLN A C   1 
ATOM   476  O O   . GLN A 1 67  ? 1.225   -4.835  -3.426  1.00 10.19  ? 67  GLN A O   1 
ATOM   477  C CB  . GLN A 1 67  ? 4.164   -4.405  -3.373  1.00 9.45   ? 67  GLN A CB  1 
ATOM   478  C CG  . GLN A 1 67  ? 5.517   -4.807  -3.942  1.00 13.35  ? 67  GLN A CG  1 
ATOM   479  C CD  . GLN A 1 67  ? 6.388   -5.460  -2.884  1.00 17.21  ? 67  GLN A CD  1 
ATOM   480  O OE1 . GLN A 1 67  ? 6.086   -5.431  -1.698  1.00 21.97  ? 67  GLN A OE1 1 
ATOM   481  N NE2 . GLN A 1 67  ? 7.472   -6.081  -3.354  1.00 16.75  ? 67  GLN A NE2 1 
ATOM   482  N N   . PHE A 1 68  ? 1.226   -2.581  -3.712  1.00 9.56   ? 68  PHE A N   1 
ATOM   483  C CA  . PHE A 1 68  ? -0.064  -2.414  -3.040  1.00 8.81   ? 68  PHE A CA  1 
ATOM   484  C C   . PHE A 1 68  ? -1.253  -2.793  -3.915  1.00 10.74  ? 68  PHE A C   1 
ATOM   485  O O   . PHE A 1 68  ? -1.268  -2.720  -5.165  1.00 10.35  ? 68  PHE A O   1 
ATOM   486  C CB  . PHE A 1 68  ? -0.281  -0.971  -2.597  1.00 10.84  ? 68  PHE A CB  1 
ATOM   487  C CG  . PHE A 1 68  ? 0.383   -0.561  -1.298  1.00 10.37  ? 68  PHE A CG  1 
ATOM   488  C CD1 . PHE A 1 68  ? 0.036   -1.195  -0.131  1.00 10.10  ? 68  PHE A CD1 1 
ATOM   489  C CD2 . PHE A 1 68  ? 1.305   0.457   -1.276  1.00 13.37  ? 68  PHE A CD2 1 
ATOM   490  C CE1 . PHE A 1 68  ? 0.633   -0.814  1.060   1.00 13.79  ? 68  PHE A CE1 1 
ATOM   491  C CE2 . PHE A 1 68  ? 1.912   0.840   -0.096  1.00 12.52  ? 68  PHE A CE2 1 
ATOM   492  C CZ  . PHE A 1 68  ? 1.573   0.196   1.070   1.00 13.84  ? 68  PHE A CZ  1 
ATOM   493  N N   . ASN A 1 69  ? -2.318  -3.219  -3.224  1.00 8.10   ? 69  ASN A N   1 
ATOM   494  C CA  . ASN A 1 69  ? -3.562  -3.679  -3.794  1.00 11.02  ? 69  ASN A CA  1 
ATOM   495  C C   . ASN A 1 69  ? -4.695  -3.437  -2.780  1.00 11.85  ? 69  ASN A C   1 
ATOM   496  O O   . ASN A 1 69  ? -4.430  -3.498  -1.562  1.00 10.07  ? 69  ASN A O   1 
ATOM   497  C CB  . ASN A 1 69  ? -3.567  -5.178  -4.119  1.00 11.51  ? 69  ASN A CB  1 
ATOM   498  C CG  . ASN A 1 69  ? -2.445  -5.626  -5.038  1.00 11.39  ? 69  ASN A CG  1 
ATOM   499  O OD1 . ASN A 1 69  ? -2.671  -5.591  -6.251  1.00 11.54  ? 69  ASN A OD1 1 
ATOM   500  N ND2 . ASN A 1 69  ? -1.282  -5.967  -4.478  1.00 9.79   ? 69  ASN A ND2 1 
ATOM   501  N N   . ALA A 1 70  ? -5.881  -3.169  -3.309  1.00 10.08  ? 70  ALA A N   1 
ATOM   502  C CA  . ALA A 1 70  ? -7.103  -3.083  -2.510  1.00 8.02   ? 70  ALA A CA  1 
ATOM   503  C C   . ALA A 1 70  ? -7.957  -4.289  -2.831  1.00 12.53  ? 70  ALA A C   1 
ATOM   504  O O   . ALA A 1 70  ? -8.072  -4.681  -3.993  1.00 13.71  ? 70  ALA A O   1 
ATOM   505  C CB  . ALA A 1 70  ? -7.791  -1.756  -2.737  1.00 9.35   ? 70  ALA A CB  1 
ATOM   506  N N   . ARG A 1 71  ? -8.533  -4.915  -1.797  1.00 10.87  ? 71  ARG A N   1 
ATOM   507  C CA  . ARG A 1 71  ? -9.298  -6.132  -2.039  1.00 11.87  ? 71  ARG A CA  1 
ATOM   508  C C   . ARG A 1 71  ? -10.623 -6.115  -1.300  1.00 10.70  ? 71  ARG A C   1 
ATOM   509  O O   . ARG A 1 71  ? -10.799 -5.381  -0.330  1.00 11.30  ? 71  ARG A O   1 
ATOM   510  C CB  . ARG A 1 71  ? -8.518  -7.368  -1.589  1.00 13.02  ? 71  ARG A CB  1 
ATOM   511  C CG  . ARG A 1 71  ? -7.162  -7.515  -2.275  1.00 12.77  ? 71  ARG A CG  1 
ATOM   512  C CD  . ARG A 1 71  ? -6.528  -8.820  -1.755  1.00 14.68  ? 71  ARG A CD  1 
ATOM   513  N NE  . ARG A 1 71  ? -5.298  -9.054  -2.513  1.00 15.51  ? 71  ARG A NE  1 
ATOM   514  C CZ  . ARG A 1 71  ? -4.345  -9.881  -2.109  1.00 12.97  ? 71  ARG A CZ  1 
ATOM   515  N NH1 . ARG A 1 71  ? -4.469  -10.556 -0.984  1.00 13.95  ? 71  ARG A NH1 1 
ATOM   516  N NH2 . ARG A 1 71  ? -3.253  -10.040 -2.860  1.00 14.29  ? 71  ARG A NH2 1 
ATOM   517  N N   . THR A 1 72  ? -11.516 -6.957  -1.788  1.00 12.41  ? 72  THR A N   1 
ATOM   518  C CA  . THR A 1 72  ? -12.718 -7.354  -1.085  1.00 11.90  ? 72  THR A CA  1 
ATOM   519  C C   . THR A 1 72  ? -12.454 -8.634  -0.289  1.00 13.58  ? 72  THR A C   1 
ATOM   520  O O   . THR A 1 72  ? -11.474 -9.349  -0.511  1.00 15.42  ? 72  THR A O   1 
ATOM   521  C CB  . THR A 1 72  ? -13.931 -7.632  -1.991  1.00 13.45  ? 72  THR A CB  1 
ATOM   522  O OG1 . THR A 1 72  ? -13.601 -8.836  -2.723  1.00 15.49  ? 72  THR A OG1 1 
ATOM   523  C CG2 . THR A 1 72  ? -14.155 -6.486  -2.935  1.00 12.58  ? 72  THR A CG2 1 
ATOM   524  N N   . ALA A 1 73  ? -13.323 -8.932  0.681   1.00 12.95  ? 73  ALA A N   1 
ATOM   525  C CA  . ALA A 1 73  ? -13.093 -10.107 1.504   1.00 14.86  ? 73  ALA A CA  1 
ATOM   526  C C   . ALA A 1 73  ? -13.020 -11.416 0.728   1.00 26.81  ? 73  ALA A C   1 
ATOM   527  O O   . ALA A 1 73  ? -12.293 -12.323 1.155   1.00 34.84  ? 73  ALA A O   1 
ATOM   528  C CB  . ALA A 1 73  ? -14.219 -10.249 2.527   1.00 19.76  ? 73  ALA A CB  1 
ATOM   529  N N   . ASP A 1 74  ? -13.760 -11.519 -0.375  1.00 30.68  ? 74  ASP A N   1 
ATOM   530  C CA  . ASP A 1 74  ? -13.735 -12.806 -1.093  1.00 40.00  ? 74  ASP A CA  1 
ATOM   531  C C   . ASP A 1 74  ? -12.538 -12.890 -2.026  1.00 41.46  ? 74  ASP A C   1 
ATOM   532  O O   . ASP A 1 74  ? -12.188 -13.951 -2.555  1.00 30.54  ? 74  ASP A O   1 
ATOM   533  C CB  . ASP A 1 74  ? -15.042 -13.025 -1.842  1.00 34.58  ? 74  ASP A CB  1 
ATOM   534  C CG  . ASP A 1 74  ? -15.389 -11.939 -2.834  1.00 44.50  ? 74  ASP A CG  1 
ATOM   535  O OD1 . ASP A 1 74  ? -14.486 -11.174 -3.230  1.00 48.52  ? 74  ASP A OD1 1 
ATOM   536  O OD2 . ASP A 1 74  ? -16.576 -11.858 -3.224  1.00 46.23  ? 74  ASP A OD2 1 
ATOM   537  N N   . GLY A 1 75  ? -11.884 -11.744 -2.230  1.00 27.19  ? 75  GLY A N   1 
ATOM   538  C CA  . GLY A 1 75  ? -10.651 -11.743 -2.974  1.00 23.38  ? 75  GLY A CA  1 
ATOM   539  C C   . GLY A 1 75  ? -10.633 -11.002 -4.290  1.00 25.02  ? 75  GLY A C   1 
ATOM   540  O O   . GLY A 1 75  ? -9.608  -11.131 -4.977  1.00 24.34  ? 75  GLY A O   1 
ATOM   541  N N   . ILE A 1 76  ? -11.655 -10.226 -4.658  1.00 14.21  ? 76  ILE A N   1 
ATOM   542  C CA  . ILE A 1 76  ? -11.480 -9.325  -5.798  1.00 14.89  ? 76  ILE A CA  1 
ATOM   543  C C   . ILE A 1 76  ? -10.367 -8.334  -5.484  1.00 13.72  ? 76  ILE A C   1 
ATOM   544  O O   . ILE A 1 76  ? -10.233 -7.832  -4.360  1.00 13.90  ? 76  ILE A O   1 
ATOM   545  C CB  . ILE A 1 76  ? -12.762 -8.564  -6.158  1.00 16.89  ? 76  ILE A CB  1 
ATOM   546  C CG1 . ILE A 1 76  ? -13.787 -9.483  -6.851  1.00 25.01  ? 76  ILE A CG1 1 
ATOM   547  C CG2 . ILE A 1 76  ? -12.488 -7.346  -7.004  1.00 24.90  ? 76  ILE A CG2 1 
ATOM   548  C CD1 . ILE A 1 76  ? -14.955 -8.689  -7.408  1.00 41.77  ? 76  ILE A CD1 1 
ATOM   549  N N   . ASN A 1 77  ? -9.515  -8.071  -6.468  1.00 13.45  ? 77  ASN A N   1 
ATOM   550  C CA  . ASN A 1 77  ? -8.296  -7.299  -6.292  1.00 13.73  ? 77  ASN A CA  1 
ATOM   551  C C   . ASN A 1 77  ? -8.220  -6.116  -7.245  1.00 15.66  ? 77  ASN A C   1 
ATOM   552  O O   . ASN A 1 77  ? -8.517  -6.277  -8.428  1.00 15.01  ? 77  ASN A O   1 
ATOM   553  C CB  . ASN A 1 77  ? -7.073  -8.210  -6.537  1.00 14.77  ? 77  ASN A CB  1 
ATOM   554  C CG  . ASN A 1 77  ? -5.734  -7.572  -6.238  1.00 11.50  ? 77  ASN A CG  1 
ATOM   555  O OD1 . ASN A 1 77  ? -5.232  -7.628  -5.099  1.00 13.67  ? 77  ASN A OD1 1 
ATOM   556  N ND2 . ASN A 1 77  ? -5.127  -6.971  -7.239  1.00 14.03  ? 77  ASN A ND2 1 
ATOM   557  N N   . TYR A 1 78  ? -7.821  -4.967  -6.714  1.00 11.03  ? 78  TYR A N   1 
ATOM   558  C CA  . TYR A 1 78  ? -7.649  -3.764  -7.485  1.00 9.46   ? 78  TYR A CA  1 
ATOM   559  C C   . TYR A 1 78  ? -6.197  -3.303  -7.277  1.00 13.49  ? 78  TYR A C   1 
ATOM   560  O O   . TYR A 1 78  ? -5.797  -3.021  -6.135  1.00 12.09  ? 78  TYR A O   1 
ATOM   561  C CB  . TYR A 1 78  ? -8.611  -2.649  -7.091  1.00 10.38  ? 78  TYR A CB  1 
ATOM   562  C CG  . TYR A 1 78  ? -10.070 -3.063  -6.986  1.00 12.84  ? 78  TYR A CG  1 
ATOM   563  C CD1 . TYR A 1 78  ? -10.762 -3.389  -8.170  1.00 13.98  ? 78  TYR A CD1 1 
ATOM   564  C CD2 . TYR A 1 78  ? -10.732 -3.130  -5.781  1.00 12.17  ? 78  TYR A CD2 1 
ATOM   565  C CE1 . TYR A 1 78  ? -12.092 -3.773  -8.105  1.00 16.23  ? 78  TYR A CE1 1 
ATOM   566  C CE2 . TYR A 1 78  ? -12.081 -3.507  -5.703  1.00 12.29  ? 78  TYR A CE2 1 
ATOM   567  C CZ  . TYR A 1 78  ? -12.720 -3.824  -6.876  1.00 14.71  ? 78  TYR A CZ  1 
ATOM   568  O OH  . TYR A 1 78  ? -14.058 -4.199  -6.848  1.00 16.15  ? 78  TYR A OH  1 
ATOM   569  N N   . ARG A 1 79  ? -5.424  -3.253  -8.340  1.00 12.35  ? 79  ARG A N   1 
ATOM   570  C CA  . ARG A 1 79  ? -4.043  -2.827  -8.292  1.00 12.66  ? 79  ARG A CA  1 
ATOM   571  C C   . ARG A 1 79  ? -3.928  -1.366  -7.884  1.00 11.10  ? 79  ARG A C   1 
ATOM   572  O O   . ARG A 1 79  ? -4.745  -0.523  -8.280  1.00 12.82  ? 79  ARG A O   1 
ATOM   573  C CB  . ARG A 1 79  ? -3.379  -2.984  -9.673  1.00 12.89  ? 79  ARG A CB  1 
ATOM   574  C CG  . ARG A 1 79  ? -3.304  -4.414  -10.192 1.00 15.04  ? 79  ARG A CG  1 
ATOM   575  C CD  . ARG A 1 79  ? -2.211  -5.252  -9.524  1.00 13.24  ? 79  ARG A CD  1 
ATOM   576  N NE  . ARG A 1 79  ? -0.893  -4.703  -9.789  1.00 19.81  ? 79  ARG A NE  1 
ATOM   577  C CZ  . ARG A 1 79  ? -0.089  -4.149  -8.884  1.00 18.80  ? 79  ARG A CZ  1 
ATOM   578  N NH1 . ARG A 1 79  ? -0.443  -4.037  -7.602  1.00 15.62  ? 79  ARG A NH1 1 
ATOM   579  N NH2 . ARG A 1 79  ? 1.084   -3.693  -9.309  1.00 15.00  ? 79  ARG A NH2 1 
ATOM   580  N N   . VAL A 1 80  ? -2.867  -1.049  -7.140  1.00 10.35  ? 80  VAL A N   1 
ATOM   581  C CA  . VAL A 1 80  ? -2.517  0.339   -6.918  1.00 10.21  ? 80  VAL A CA  1 
ATOM   582  C C   . VAL A 1 80  ? -2.229  1.037   -8.238  1.00 12.83  ? 80  VAL A C   1 
ATOM   583  O O   . VAL A 1 80  ? -1.685  0.432   -9.172  1.00 15.54  ? 80  VAL A O   1 
ATOM   584  C CB  . VAL A 1 80  ? -1.333  0.415   -5.943  1.00 8.84   ? 80  VAL A CB  1 
ATOM   585  C CG1 . VAL A 1 80  ? 0.006   -0.058  -6.536  1.00 11.63  ? 80  VAL A CG1 1 
ATOM   586  C CG2 . VAL A 1 80  ? -1.115  1.859   -5.461  1.00 12.46  ? 80  VAL A CG2 1 
ATOM   587  N N   . LEU A 1 81  ? -2.632  2.305   -8.294  1.00 12.30  ? 81  LEU A N   1 
ATOM   588  C CA  . LEU A 1 81  ? -2.327  3.123   -9.461  1.00 17.26  ? 81  LEU A CA  1 
ATOM   589  C C   . LEU A 1 81  ? -0.953  3.731   -9.245  1.00 23.00  ? 81  LEU A C   1 
ATOM   590  O O   . LEU A 1 81  ? -0.810  4.915   -8.959  1.00 25.46  ? 81  LEU A O   1 
ATOM   591  C CB  . LEU A 1 81  ? -3.387  4.210   -9.640  1.00 18.88  ? 81  LEU A CB  1 
ATOM   592  C CG  . LEU A 1 81  ? -4.778  3.625   -9.884  1.00 20.44  ? 81  LEU A CG  1 
ATOM   593  C CD1 . LEU A 1 81  ? -5.734  4.720   -10.336 1.00 30.40  ? 81  LEU A CD1 1 
ATOM   594  C CD2 . LEU A 1 81  ? -4.720  2.522   -10.930 1.00 22.97  ? 81  LEU A CD2 1 
ATOM   595  N N   . TRP A 1 82  ? 0.052   2.849   -9.323  1.00 22.81  ? 82  TRP A N   1 
ATOM   596  C CA  . TRP A 1 82  ? 1.356   3.189   -8.809  1.00 28.38  ? 82  TRP A CA  1 
ATOM   597  C C   . TRP A 1 82  ? 1.958   4.552   -10.676 1.00 47.28  ? 82  TRP A C   1 
ATOM   598  O O   . TRP A 1 82  ? 1.705   3.694   -11.461 1.00 58.25  ? 82  TRP A O   1 
ATOM   599  C CB  . TRP A 1 82  ? 2.380   2.103   -8.720  1.00 32.91  ? 82  TRP A CB  1 
ATOM   600  C CG  . TRP A 1 82  ? 3.056   1.541   -9.918  1.00 51.90  ? 82  TRP A CG  1 
ATOM   601  C CD1 . TRP A 1 82  ? 4.365   1.745   -10.277 1.00 61.47  ? 82  TRP A CD1 1 
ATOM   602  C CD2 . TRP A 1 82  ? 2.507   0.688   -10.929 1.00 52.46  ? 82  TRP A CD2 1 
ATOM   603  N NE1 . TRP A 1 82  ? 4.653   1.075   -11.443 1.00 60.99  ? 82  TRP A NE1 1 
ATOM   604  C CE2 . TRP A 1 82  ? 3.526   0.418   -11.863 1.00 52.22  ? 82  TRP A CE2 1 
ATOM   605  C CE3 . TRP A 1 82  ? 1.240   0.130   -11.130 1.00 60.28  ? 82  TRP A CE3 1 
ATOM   606  C CZ2 . TRP A 1 82  ? 3.344   -0.384  -12.986 1.00 51.14  ? 82  TRP A CZ2 1 
ATOM   607  C CZ3 . TRP A 1 82  ? 1.072   -0.662  -12.248 1.00 62.60  ? 82  TRP A CZ3 1 
ATOM   608  C CH2 . TRP A 1 82  ? 2.095   -0.920  -13.164 1.00 55.76  ? 82  TRP A CH2 1 
ATOM   609  N N   . GLN A 1 83  ? 2.720   5.390   -10.127 1.00 57.42  ? 83  GLN A N   1 
ATOM   610  C CA  . GLN A 1 83  ? 2.886   6.077   -8.866  1.00 76.13  ? 83  GLN A CA  1 
ATOM   611  C C   . GLN A 1 83  ? 1.621   6.917   -8.630  1.00 91.12  ? 83  GLN A C   1 
ATOM   612  O O   . GLN A 1 83  ? 0.812   6.441   -7.804  1.00 94.65  ? 83  GLN A O   1 
ATOM   613  C CB  . GLN A 1 83  ? 4.178   6.879   -8.795  1.00 118.51 ? 83  GLN A CB  1 
ATOM   614  C CG  . GLN A 1 83  ? 5.341   6.057   -8.247  1.00 112.23 ? 83  GLN A CG  1 
ATOM   615  C CD  . GLN A 1 83  ? 5.178   5.637   -6.802  1.00 102.11 ? 83  GLN A CD  1 
ATOM   616  O OE1 . GLN A 1 83  ? 4.071   5.389   -6.320  1.00 91.80  ? 83  GLN A OE1 1 
ATOM   617  N NE2 . GLN A 1 83  ? 6.301   5.546   -6.088  1.00 53.07  ? 83  GLN A NE2 1 
ATOM   618  N N   . ALA A 1 84  ? 1.126   7.572   -9.665  1.00 97.20  ? 84  ALA A N   1 
ATOM   619  C CA  . ALA A 1 84  ? 1.789   8.179   -10.801 1.00 102.15 ? 84  ALA A CA  1 
ATOM   620  C C   . ALA A 1 84  ? 1.419   9.661   -10.845 1.00 108.99 ? 84  ALA A C   1 
ATOM   621  O O   . ALA A 1 84  ? 2.226   10.528  -10.505 1.00 114.69 ? 84  ALA A O   1 
ATOM   622  C CB  . ALA A 1 84  ? 1.430   7.481   -12.100 1.00 91.84  ? 84  ALA A CB  1 
ATOM   623  N N   . ALA A 1 85  ? 0.179   9.965   -11.241 1.00 60.86  ? 85  ALA A N   1 
ATOM   624  C CA  . ALA A 1 85  ? -0.280  11.344  -11.086 1.00 56.13  ? 85  ALA A CA  1 
ATOM   625  C C   . ALA A 1 85  ? -0.576  11.557  -9.593  1.00 65.24  ? 85  ALA A C   1 
ATOM   626  O O   . ALA A 1 85  ? 0.385   11.504  -8.817  1.00 89.39  ? 85  ALA A O   1 
ATOM   627  C CB  . ALA A 1 85  ? -1.493  11.652  -11.927 1.00 58.48  ? 85  ALA A CB  1 
ATOM   628  N N   . GLY A 1 86  ? -1.836  11.384  -9.249  1.00 59.76  ? 86  GLY A N   1 
ATOM   629  C CA  . GLY A 1 86  ? -2.470  11.338  -7.961  1.00 47.16  ? 86  GLY A CA  1 
ATOM   630  C C   . GLY A 1 86  ? -2.030  12.384  -6.961  1.00 42.18  ? 86  GLY A C   1 
ATOM   631  O O   . GLY A 1 86  ? -0.838  12.616  -6.755  1.00 57.49  ? 86  GLY A O   1 
ATOM   632  N N   . PRO A 1 87  ? -3.001  13.049  -6.326  1.00 33.54  ? 87  PRO A N   1 
ATOM   633  C CA  . PRO A 1 87  ? -2.690  14.078  -5.353  1.00 26.37  ? 87  PRO A CA  1 
ATOM   634  C C   . PRO A 1 87  ? -2.118  13.519  -4.044  1.00 35.56  ? 87  PRO A C   1 
ATOM   635  O O   . PRO A 1 87  ? -2.574  12.486  -3.554  1.00 28.03  ? 87  PRO A O   1 
ATOM   636  C CB  . PRO A 1 87  ? -4.035  14.741  -5.054  1.00 35.00  ? 87  PRO A CB  1 
ATOM   637  C CG  . PRO A 1 87  ? -5.082  13.863  -5.624  1.00 32.07  ? 87  PRO A CG  1 
ATOM   638  C CD  . PRO A 1 87  ? -4.442  12.863  -6.528  1.00 28.27  ? 87  PRO A CD  1 
ATOM   639  N N   . ASP A 1 88  ? -1.137  14.263  -3.546  1.00 27.47  ? 88  ASP A N   1 
ATOM   640  C CA  . ASP A 1 88  ? -0.422  13.991  -2.307  1.00 26.65  ? 88  ASP A CA  1 
ATOM   641  C C   . ASP A 1 88  ? -0.023  12.520  -2.248  1.00 22.05  ? 88  ASP A C   1 
ATOM   642  O O   . ASP A 1 88  ? -0.166  11.904  -1.181  1.00 17.89  ? 88  ASP A O   1 
ATOM   643  C CB  . ASP A 1 88  ? -1.286  14.341  -1.103  1.00 28.30  ? 88  ASP A CB  1 
ATOM   644  C CG  . ASP A 1 88  ? -2.079  15.617  -1.334  1.00 50.53  ? 88  ASP A CG  1 
ATOM   645  O OD1 . ASP A 1 88  ? -1.422  16.638  -1.637  1.00 54.48  ? 88  ASP A OD1 1 
ATOM   646  O OD2 . ASP A 1 88  ? -3.322  15.570  -1.211  1.00 62.85  ? 88  ASP A OD2 1 
ATOM   647  N N   . THR A 1 89  ? 0.454   12.016  -3.370  1.00 19.53  ? 89  THR A N   1 
ATOM   648  C CA  . THR A 1 89  ? 0.918   10.646  -3.459  1.00 16.71  ? 89  THR A CA  1 
ATOM   649  C C   . THR A 1 89  ? 2.150   10.426  -2.587  1.00 18.18  ? 89  THR A C   1 
ATOM   650  O O   . THR A 1 89  ? 3.045   11.269  -2.514  1.00 21.03  ? 89  THR A O   1 
ATOM   651  C CB  . THR A 1 89  ? 1.248   10.259  -4.913  1.00 28.24  ? 89  THR A CB  1 
ATOM   652  O OG1 . THR A 1 89  ? 0.025   10.183  -5.667  1.00 35.57  ? 89  THR A OG1 1 
ATOM   653  C CG2 . THR A 1 89  ? 1.847   8.867   -5.000  1.00 24.56  ? 89  THR A CG2 1 
ATOM   654  N N   . ILE A 1 90  ? 2.249   9.273   -1.934  1.00 14.31  ? 90  ILE A N   1 
ATOM   655  C CA  . ILE A 1 90  ? 3.501   8.950   -1.251  1.00 12.35  ? 90  ILE A CA  1 
ATOM   656  C C   . ILE A 1 90  ? 4.674   8.989   -2.236  1.00 13.07  ? 90  ILE A C   1 
ATOM   657  O O   . ILE A 1 90  ? 4.533   8.634   -3.423  1.00 15.84  ? 90  ILE A O   1 
ATOM   658  C CB  . ILE A 1 90  ? 3.405   7.580   -0.563  1.00 12.53  ? 90  ILE A CB  1 
ATOM   659  C CG1 . ILE A 1 90  ? 4.584   7.283   0.364   1.00 10.22  ? 90  ILE A CG1 1 
ATOM   660  C CG2 . ILE A 1 90  ? 3.181   6.471   -1.591  1.00 17.11  ? 90  ILE A CG2 1 
ATOM   661  C CD1 . ILE A 1 90  ? 4.338   6.112   1.308   1.00 13.40  ? 90  ILE A CD1 1 
ATOM   662  N N   . SER A 1 91  ? 5.792   9.464   -1.703  1.00 14.17  ? 91  SER A N   1 
ATOM   663  C CA  . SER A 1 91  ? 7.004   9.563   -2.528  1.00 16.37  ? 91  SER A CA  1 
ATOM   664  C C   . SER A 1 91  ? 7.634   8.205   -2.721  1.00 17.37  ? 91  SER A C   1 
ATOM   665  O O   . SER A 1 91  ? 7.623   7.375   -1.815  1.00 16.05  ? 91  SER A O   1 
ATOM   666  C CB  . SER A 1 91  ? 8.007   10.513  -1.849  1.00 20.11  ? 91  SER A CB  1 
ATOM   667  O OG  . SER A 1 91  ? 9.266   10.533  -2.526  1.00 24.89  ? 91  SER A OG  1 
ATOM   668  N N   . GLY A 1 92  ? 8.235   7.972   -3.893  1.00 20.46  ? 92  GLY A N   1 
ATOM   669  C CA  . GLY A 1 92  ? 8.922   6.686   -4.018  1.00 19.03  ? 92  GLY A CA  1 
ATOM   670  C C   . GLY A 1 92  ? 10.392  6.802   -3.639  1.00 21.84  ? 92  GLY A C   1 
ATOM   671  O O   . GLY A 1 92  ? 11.134  5.828   -3.837  1.00 19.83  ? 92  GLY A O   1 
ATOM   672  N N   . ALA A 1 93  ? 10.820  7.959   -3.114  1.00 20.96  ? 93  ALA A N   1 
ATOM   673  C CA  . ALA A 1 93  ? 12.242  8.132   -2.792  1.00 17.45  ? 93  ALA A CA  1 
ATOM   674  C C   . ALA A 1 93  ? 12.740  7.251   -1.651  1.00 16.52  ? 93  ALA A C   1 
ATOM   675  O O   . ALA A 1 93  ? 11.993  6.899   -0.733  1.00 18.28  ? 93  ALA A O   1 
ATOM   676  C CB  . ALA A 1 93  ? 12.509  9.593   -2.426  1.00 21.61  ? 93  ALA A CB  1 
ATOM   677  N N   . THR A 1 94  ? 14.029  6.901   -1.710  1.00 17.01  ? 94  THR A N   1 
ATOM   678  C CA  . THR A 1 94  ? 14.687  6.121   -0.668  1.00 14.05  ? 94  THR A CA  1 
ATOM   679  C C   . THR A 1 94  ? 14.795  6.936   0.610   1.00 13.35  ? 94  THR A C   1 
ATOM   680  O O   . THR A 1 94  ? 15.144  8.117   0.603   1.00 16.44  ? 94  THR A O   1 
ATOM   681  C CB  . THR A 1 94  ? 16.110  5.718   -1.114  1.00 15.10  ? 94  THR A CB  1 
ATOM   682  O OG1 . THR A 1 94  ? 15.991  4.897   -2.282  1.00 22.40  ? 94  THR A OG1 1 
ATOM   683  C CG2 . THR A 1 94  ? 16.843  4.862   -0.106  1.00 18.54  ? 94  THR A CG2 1 
ATOM   684  N N   . ILE A 1 95  ? 14.487  6.282   1.728   1.00 14.82  ? 95  ILE A N   1 
ATOM   685  C CA  . ILE A 1 95  ? 14.580  7.021   3.006   1.00 15.56  ? 95  ILE A CA  1 
ATOM   686  C C   . ILE A 1 95  ? 15.572  6.329   3.921   1.00 15.04  ? 95  ILE A C   1 
ATOM   687  O O   . ILE A 1 95  ? 15.612  5.107   4.039   1.00 14.55  ? 95  ILE A O   1 
ATOM   688  C CB  . ILE A 1 95  ? 13.226  7.072   3.706   1.00 20.17  ? 95  ILE A CB  1 
ATOM   689  C CG1 . ILE A 1 95  ? 12.644  5.686   3.909   1.00 19.92  ? 95  ILE A CG1 1 
ATOM   690  C CG2 . ILE A 1 95  ? 12.283  7.988   2.930   1.00 23.68  ? 95  ILE A CG2 1 
ATOM   691  C CD1 . ILE A 1 95  ? 11.564  5.631   4.986   1.00 27.44  ? 95  ILE A CD1 1 
ATOM   692  N N   . PRO A 1 96  ? 16.395  7.099   4.626   1.00 13.31  ? 96  PRO A N   1 
ATOM   693  C CA  . PRO A 1 96  ? 17.369  6.520   5.533   1.00 12.59  ? 96  PRO A CA  1 
ATOM   694  C C   . PRO A 1 96  ? 16.722  5.930   6.785   1.00 14.19  ? 96  PRO A C   1 
ATOM   695  O O   . PRO A 1 96  ? 15.583  6.285   7.154   1.00 13.01  ? 96  PRO A O   1 
ATOM   696  C CB  . PRO A 1 96  ? 18.228  7.724   5.959   1.00 17.13  ? 96  PRO A CB  1 
ATOM   697  C CG  . PRO A 1 96  ? 17.370  8.916   5.711   1.00 20.86  ? 96  PRO A CG  1 
ATOM   698  C CD  . PRO A 1 96  ? 16.399  8.567   4.606   1.00 20.18  ? 96  PRO A CD  1 
ATOM   699  N N   . GLN A 1 97  ? 17.465  5.041   7.435   1.00 12.60  ? 97  GLN A N   1 
ATOM   700  C CA  . GLN A 1 97  ? 17.024  4.430   8.671   1.00 10.88  ? 97  GLN A CA  1 
ATOM   701  C C   . GLN A 1 97  ? 16.574  5.487   9.683   1.00 12.33  ? 97  GLN A C   1 
ATOM   702  O O   . GLN A 1 97  ? 17.269  6.495   9.858   1.00 15.44  ? 97  GLN A O   1 
ATOM   703  C CB  . GLN A 1 97  ? 18.171  3.617   9.303   1.00 11.95  ? 97  GLN A CB  1 
ATOM   704  C CG  . GLN A 1 97  ? 17.736  2.845   10.537  1.00 11.38  ? 97  GLN A CG  1 
ATOM   705  C CD  . GLN A 1 97  ? 18.838  1.942   11.064  1.00 13.62  ? 97  GLN A CD  1 
ATOM   706  O OE1 . GLN A 1 97  ? 19.423  1.186   10.280  1.00 17.09  ? 97  GLN A OE1 1 
ATOM   707  N NE2 . GLN A 1 97  ? 19.102  2.035   12.352  1.00 17.53  ? 97  GLN A NE2 1 
ATOM   708  N N   . GLY A 1 98  ? 15.442  5.225   10.323  1.00 10.67  ? 98  GLY A N   1 
ATOM   709  C CA  . GLY A 1 98  ? 14.932  6.107   11.372  1.00 11.43  ? 98  GLY A CA  1 
ATOM   710  C C   . GLY A 1 98  ? 13.943  7.142   10.861  1.00 11.74  ? 98  GLY A C   1 
ATOM   711  O O   . GLY A 1 98  ? 13.294  7.777   11.674  1.00 13.59  ? 98  GLY A O   1 
ATOM   712  N N   . GLU A 1 99  ? 13.829  7.306   9.548   1.00 10.36  ? 99  GLU A N   1 
ATOM   713  C CA  . GLU A 1 99  ? 12.864  8.244   8.954   1.00 8.71   ? 99  GLU A CA  1 
ATOM   714  C C   . GLU A 1 99  ? 11.637  7.476   8.492   1.00 8.99   ? 99  GLU A C   1 
ATOM   715  O O   . GLU A 1 99  ? 11.595  6.234   8.512   1.00 10.62  ? 99  GLU A O   1 
ATOM   716  C CB  . GLU A 1 99  ? 13.544  8.997   7.803   1.00 11.09  ? 99  GLU A CB  1 
ATOM   717  C CG  . GLU A 1 99  ? 14.718  9.822   8.317   1.00 12.02  ? 99  GLU A CG  1 
ATOM   718  C CD  . GLU A 1 99  ? 15.133  10.922  7.378   1.00 17.97  ? 99  GLU A CD  1 
ATOM   719  O OE1 . GLU A 1 99  ? 14.536  11.122  6.297   1.00 19.76  ? 99  GLU A OE1 1 
ATOM   720  O OE2 . GLU A 1 99  ? 16.106  11.618  7.776   1.00 21.92  ? 99  GLU A OE2 1 
ATOM   721  N N   . GLN A 1 100 ? 10.639  8.249   8.104   1.00 10.68  ? 100 GLN A N   1 
ATOM   722  C CA  . GLN A 1 100 ? 9.366   7.745   7.604   1.00 12.65  ? 100 GLN A CA  1 
ATOM   723  C C   . GLN A 1 100 ? 8.947   8.537   6.382   1.00 10.29  ? 100 GLN A C   1 
ATOM   724  O O   . GLN A 1 100 ? 9.441   9.655   6.180   1.00 10.87  ? 100 GLN A O   1 
ATOM   725  C CB  . GLN A 1 100 ? 8.266   7.803   8.692   1.00 12.18  ? 100 GLN A CB  1 
ATOM   726  C CG  . GLN A 1 100 ? 8.712   7.133   9.973   1.00 9.41   ? 100 GLN A CG  1 
ATOM   727  C CD  . GLN A 1 100 ? 7.632   6.654   10.895  1.00 11.30  ? 100 GLN A CD  1 
ATOM   728  O OE1 . GLN A 1 100 ? 6.489   6.472   10.465  1.00 12.64  ? 100 GLN A OE1 1 
ATOM   729  N NE2 . GLN A 1 100 ? 7.964   6.398   12.149  1.00 10.04  ? 100 GLN A NE2 1 
ATOM   730  N N   . SER A 1 101 ? 8.006   7.954   5.625   1.00 9.07   ? 101 SER A N   1 
ATOM   731  C CA  . SER A 1 101 ? 7.498   8.641   4.441   1.00 10.77  ? 101 SER A CA  1 
ATOM   732  C C   . SER A 1 101 ? 6.015   8.372   4.311   1.00 11.66  ? 101 SER A C   1 
ATOM   733  O O   . SER A 1 101 ? 5.640   7.195   4.433   1.00 13.34  ? 101 SER A O   1 
ATOM   734  C CB  . SER A 1 101 ? 8.314   8.183   3.231   1.00 15.00  ? 101 SER A CB  1 
ATOM   735  O OG  . SER A 1 101 ? 8.012   8.876   2.053   1.00 19.18  ? 101 SER A OG  1 
ATOM   736  N N   . THR A 1 102 ? 5.189   9.381   4.084   1.00 8.78   ? 102 THR A N   1 
ATOM   737  C CA  . THR A 1 102 ? 3.755   9.115   4.054   1.00 12.44  ? 102 THR A CA  1 
ATOM   738  C C   . THR A 1 102 ? 3.099   9.747   2.835   1.00 10.34  ? 102 THR A C   1 
ATOM   739  O O   . THR A 1 102 ? 3.638   10.672  2.214   1.00 13.17  ? 102 THR A O   1 
ATOM   740  C CB  . THR A 1 102 ? 3.123   9.618   5.379   1.00 10.79  ? 102 THR A CB  1 
ATOM   741  O OG1 . THR A 1 102 ? 1.811   9.086   5.536   1.00 13.10  ? 102 THR A OG1 1 
ATOM   742  C CG2 . THR A 1 102 ? 2.953   11.141  5.314   1.00 10.80  ? 102 THR A CG2 1 
ATOM   743  N N   . GLY A 1 103 ? 1.908   9.242   2.523   1.00 10.36  ? 103 GLY A N   1 
ATOM   744  C CA  . GLY A 1 103 ? 1.149   9.902   1.447   1.00 11.78  ? 103 GLY A CA  1 
ATOM   745  C C   . GLY A 1 103 ? 0.020   8.993   1.015   1.00 9.21   ? 103 GLY A C   1 
ATOM   746  O O   . GLY A 1 103 ? -0.249  7.933   1.582   1.00 11.90  ? 103 GLY A O   1 
ATOM   747  N N   . LYS A 1 104 ? -0.672  9.423   -0.045  1.00 11.01  ? 104 LYS A N   1 
ATOM   748  C CA  . LYS A 1 104 ? -1.747  8.596   -0.569  1.00 10.82  ? 104 LYS A CA  1 
ATOM   749  C C   . LYS A 1 104 ? -1.325  7.583   -1.620  1.00 11.45  ? 104 LYS A C   1 
ATOM   750  O O   . LYS A 1 104 ? -0.343  7.738   -2.338  1.00 11.50  ? 104 LYS A O   1 
ATOM   751  C CB  . LYS A 1 104 ? -2.791  9.522   -1.235  1.00 12.71  ? 104 LYS A CB  1 
ATOM   752  C CG  . LYS A 1 104 ? -3.284  10.614  -0.293  1.00 16.67  ? 104 LYS A CG  1 
ATOM   753  C CD  . LYS A 1 104 ? -4.074  10.031  0.853   1.00 25.39  ? 104 LYS A CD  1 
ATOM   754  C CE  . LYS A 1 104 ? -5.230  10.885  1.331   1.00 39.13  ? 104 LYS A CE  1 
ATOM   755  N NZ  . LYS A 1 104 ? -4.928  12.324  1.503   1.00 42.99  ? 104 LYS A NZ  1 
ATOM   756  N N   . ILE A 1 105 ? -2.147  6.538   -1.710  1.00 11.42  ? 105 ILE A N   1 
ATOM   757  C CA  . ILE A 1 105 ? -2.061  5.564   -2.806  1.00 9.20   ? 105 ILE A CA  1 
ATOM   758  C C   . ILE A 1 105 ? -3.481  5.454   -3.347  1.00 11.63  ? 105 ILE A C   1 
ATOM   759  O O   . ILE A 1 105 ? -4.442  5.644   -2.590  1.00 13.27  ? 105 ILE A O   1 
ATOM   760  C CB  . ILE A 1 105 ? -1.527  4.202   -2.335  1.00 10.92  ? 105 ILE A CB  1 
ATOM   761  C CG1 . ILE A 1 105 ? -2.258  3.655   -1.102  1.00 9.88   ? 105 ILE A CG1 1 
ATOM   762  C CG2 . ILE A 1 105 ? -0.010  4.236   -2.069  1.00 12.19  ? 105 ILE A CG2 1 
ATOM   763  C CD1 . ILE A 1 105 ? -1.861  2.242   -0.722  1.00 10.15  ? 105 ILE A CD1 1 
ATOM   764  N N   . TYR A 1 106 ? -3.640  5.198   -4.629  1.00 11.99  ? 106 TYR A N   1 
ATOM   765  C CA  . TYR A 1 106 ? -4.954  5.148   -5.262  1.00 10.61  ? 106 TYR A CA  1 
ATOM   766  C C   . TYR A 1 106 ? -5.258  3.825   -5.947  1.00 10.87  ? 106 TYR A C   1 
ATOM   767  O O   . TYR A 1 106 ? -4.342  3.086   -6.290  1.00 11.67  ? 106 TYR A O   1 
ATOM   768  C CB  . TYR A 1 106 ? -5.014  6.296   -6.287  1.00 11.75  ? 106 TYR A CB  1 
ATOM   769  C CG  . TYR A 1 106 ? -4.912  7.656   -5.612  1.00 11.57  ? 106 TYR A CG  1 
ATOM   770  C CD1 . TYR A 1 106 ? -6.031  8.187   -5.002  1.00 11.11  ? 106 TYR A CD1 1 
ATOM   771  C CD2 . TYR A 1 106 ? -3.726  8.377   -5.573  1.00 13.73  ? 106 TYR A CD2 1 
ATOM   772  C CE1 . TYR A 1 106 ? -5.987  9.421   -4.377  1.00 13.42  ? 106 TYR A CE1 1 
ATOM   773  C CE2 . TYR A 1 106 ? -3.668  9.614   -4.943  1.00 14.32  ? 106 TYR A CE2 1 
ATOM   774  C CZ  . TYR A 1 106 ? -4.804  10.123  -4.352  1.00 14.46  ? 106 TYR A CZ  1 
ATOM   775  O OH  . TYR A 1 106 ? -4.727  11.350  -3.715  1.00 15.65  ? 106 TYR A OH  1 
ATOM   776  N N   . PHE A 1 107 ? -6.547  3.555   -6.159  1.00 8.58   ? 107 PHE A N   1 
ATOM   777  C CA  . PHE A 1 107 ? -7.030  2.326   -6.794  1.00 9.76   ? 107 PHE A CA  1 
ATOM   778  C C   . PHE A 1 107 ? -8.203  2.653   -7.733  1.00 11.48  ? 107 PHE A C   1 
ATOM   779  O O   . PHE A 1 107 ? -8.943  3.606   -7.445  1.00 13.12  ? 107 PHE A O   1 
ATOM   780  C CB  . PHE A 1 107 ? -7.490  1.305   -5.750  1.00 10.46  ? 107 PHE A CB  1 
ATOM   781  C CG  . PHE A 1 107 ? -6.505  1.063   -4.624  1.00 10.45  ? 107 PHE A CG  1 
ATOM   782  C CD1 . PHE A 1 107 ? -5.490  0.141   -4.736  1.00 9.05   ? 107 PHE A CD1 1 
ATOM   783  C CD2 . PHE A 1 107 ? -6.634  1.794   -3.451  1.00 11.37  ? 107 PHE A CD2 1 
ATOM   784  C CE1 . PHE A 1 107 ? -4.608  -0.037  -3.703  1.00 11.47  ? 107 PHE A CE1 1 
ATOM   785  C CE2 . PHE A 1 107 ? -5.728  1.614   -2.401  1.00 12.65  ? 107 PHE A CE2 1 
ATOM   786  C CZ  . PHE A 1 107 ? -4.707  0.696   -2.524  1.00 10.51  ? 107 PHE A CZ  1 
ATOM   787  N N   . ASP A 1 108 ? -8.410  1.910   -8.800  1.00 10.53  ? 108 ASP A N   1 
ATOM   788  C CA  . ASP A 1 108 ? -9.583  2.124   -9.663  1.00 13.90  ? 108 ASP A CA  1 
ATOM   789  C C   . ASP A 1 108 ? -10.589 1.029   -9.374  1.00 13.07  ? 108 ASP A C   1 
ATOM   790  O O   . ASP A 1 108 ? -10.438 -0.117  -9.793  1.00 14.53  ? 108 ASP A O   1 
ATOM   791  C CB  . ASP A 1 108 ? -9.134  2.087   -11.128 1.00 19.77  ? 108 ASP A CB  1 
ATOM   792  C CG  . ASP A 1 108 ? -10.229 2.411   -12.118 1.00 29.41  ? 108 ASP A CG  1 
ATOM   793  O OD1 . ASP A 1 108 ? -11.348 2.732   -11.649 1.00 15.80  ? 108 ASP A OD1 1 
ATOM   794  O OD2 . ASP A 1 108 ? -9.941  2.339   -13.341 1.00 22.28  ? 108 ASP A OD2 1 
ATOM   795  N N   . VAL A 1 109 ? -11.628 1.329   -8.567  1.00 13.77  ? 109 VAL A N   1 
ATOM   796  C CA  . VAL A 1 109 ? -12.521 0.280   -8.112  1.00 13.63  ? 109 VAL A CA  1 
ATOM   797  C C   . VAL A 1 109 ? -13.649 0.085   -9.127  1.00 12.49  ? 109 VAL A C   1 
ATOM   798  O O   . VAL A 1 109 ? -14.481 0.966   -9.299  1.00 14.91  ? 109 VAL A O   1 
ATOM   799  C CB  . VAL A 1 109 ? -13.063 0.617   -6.708  1.00 13.19  ? 109 VAL A CB  1 
ATOM   800  C CG1 . VAL A 1 109 ? -14.165 -0.350  -6.286  1.00 14.05  ? 109 VAL A CG1 1 
ATOM   801  C CG2 . VAL A 1 109 ? -11.931 0.632   -5.675  1.00 13.46  ? 109 VAL A CG2 1 
ATOM   802  N N   . THR A 1 110 ? -13.602 -1.067  -9.767  1.00 15.20  ? 110 THR A N   1 
ATOM   803  C CA  . THR A 1 110 ? -14.576 -1.362  -10.806 1.00 22.53  ? 110 THR A CA  1 
ATOM   804  C C   . THR A 1 110 ? -15.607 -2.395  -10.398 1.00 21.04  ? 110 THR A C   1 
ATOM   805  O O   . THR A 1 110 ? -16.489 -2.766  -11.190 1.00 30.06  ? 110 THR A O   1 
ATOM   806  C CB  . THR A 1 110 ? -13.826 -1.925  -12.045 1.00 16.80  ? 110 THR A CB  1 
ATOM   807  O OG1 . THR A 1 110 ? -13.065 -3.031  -11.594 1.00 18.69  ? 110 THR A OG1 1 
ATOM   808  C CG2 . THR A 1 110 ? -12.926 -0.867  -12.645 1.00 19.22  ? 110 THR A CG2 1 
ATOM   809  N N   . GLY A 1 111 ? -15.562 -2.932  -9.203  1.00 13.51  ? 111 GLY A N   1 
ATOM   810  C CA  . GLY A 1 111 ? -16.525 -3.884  -8.705  1.00 16.47  ? 111 GLY A CA  1 
ATOM   811  C C   . GLY A 1 111 ? -16.952 -3.519  -7.279  1.00 11.14  ? 111 GLY A C   1 
ATOM   812  O O   . GLY A 1 111 ? -16.993 -2.313  -6.999  1.00 14.43  ? 111 GLY A O   1 
ATOM   813  N N   . PRO A 1 112 ? -17.236 -4.501  -6.471  1.00 11.84  ? 112 PRO A N   1 
ATOM   814  C CA  . PRO A 1 112 ? -17.603 -4.237  -5.067  1.00 11.51  ? 112 PRO A CA  1 
ATOM   815  C C   . PRO A 1 112 ? -16.513 -3.420  -4.372  1.00 12.11  ? 112 PRO A C   1 
ATOM   816  O O   . PRO A 1 112 ? -15.314 -3.488  -4.708  1.00 13.16  ? 112 PRO A O   1 
ATOM   817  C CB  . PRO A 1 112 ? -17.711 -5.618  -4.432  1.00 17.04  ? 112 PRO A CB  1 
ATOM   818  C CG  . PRO A 1 112 ? -18.006 -6.540  -5.578  1.00 18.93  ? 112 PRO A CG  1 
ATOM   819  C CD  . PRO A 1 112 ? -17.254 -5.959  -6.744  1.00 17.26  ? 112 PRO A CD  1 
ATOM   820  N N   . SER A 1 113 ? -16.943 -2.620  -3.398  1.00 9.40   ? 113 SER A N   1 
ATOM   821  C CA  . SER A 1 113 ? -16.004 -1.780  -2.682  1.00 11.80  ? 113 SER A CA  1 
ATOM   822  C C   . SER A 1 113 ? -14.993 -2.560  -1.842  1.00 9.57   ? 113 SER A C   1 
ATOM   823  O O   . SER A 1 113 ? -15.353 -3.514  -1.140  1.00 10.99  ? 113 SER A O   1 
ATOM   824  C CB  . SER A 1 113 ? -16.769 -0.827  -1.756  1.00 10.53  ? 113 SER A CB  1 
ATOM   825  O OG  . SER A 1 113 ? -17.671 0.012   -2.466  1.00 11.14  ? 113 SER A OG  1 
ATOM   826  N N   . PRO A 1 114 ? -13.725 -2.150  -1.822  1.00 8.98   ? 114 PRO A N   1 
ATOM   827  C CA  . PRO A 1 114 ? -12.767 -2.893  -1.010  1.00 9.19   ? 114 PRO A CA  1 
ATOM   828  C C   . PRO A 1 114 ? -12.817 -2.540  0.471   1.00 10.03  ? 114 PRO A C   1 
ATOM   829  O O   . PRO A 1 114 ? -13.232 -1.436  0.828   1.00 11.25  ? 114 PRO A O   1 
ATOM   830  C CB  . PRO A 1 114 ? -11.431 -2.378  -1.611  1.00 11.31  ? 114 PRO A CB  1 
ATOM   831  C CG  . PRO A 1 114 ? -11.705 -0.970  -2.045  1.00 11.11  ? 114 PRO A CG  1 
ATOM   832  C CD  . PRO A 1 114 ? -13.150 -0.981  -2.508  1.00 11.46  ? 114 PRO A CD  1 
ATOM   833  N N   . THR A 1 115 ? -12.303 -3.465  1.278   1.00 8.72   ? 115 THR A N   1 
ATOM   834  C CA  . THR A 1 115 ? -12.222 -3.289  2.709   1.00 8.76   ? 115 THR A CA  1 
ATOM   835  C C   . THR A 1 115 ? -10.882 -3.709  3.267   1.00 14.33  ? 115 THR A C   1 
ATOM   836  O O   . THR A 1 115 ? -10.669 -3.713  4.492   1.00 10.37  ? 115 THR A O   1 
ATOM   837  C CB  . THR A 1 115 ? -13.296 -4.154  3.405   1.00 7.51   ? 115 THR A CB  1 
ATOM   838  O OG1 . THR A 1 115 ? -13.234 -5.518  2.966   1.00 11.77  ? 115 THR A OG1 1 
ATOM   839  C CG2 . THR A 1 115 ? -14.638 -3.581  3.006   1.00 10.38  ? 115 THR A CG2 1 
ATOM   840  N N   . ILE A 1 116 ? -9.970  -4.087  2.386   1.00 10.57  ? 116 ILE A N   1 
ATOM   841  C CA  . ILE A 1 116 ? -8.683  -4.671  2.719   1.00 9.64   ? 116 ILE A CA  1 
ATOM   842  C C   . ILE A 1 116 ? -7.612  -4.039  1.841   1.00 12.45  ? 116 ILE A C   1 
ATOM   843  O O   . ILE A 1 116 ? -7.857  -3.695  0.682   1.00 9.94   ? 116 ILE A O   1 
ATOM   844  C CB  . ILE A 1 116 ? -8.737  -6.179  2.450   1.00 9.63   ? 116 ILE A CB  1 
ATOM   845  C CG1 . ILE A 1 116 ? -9.708  -6.889  3.410   1.00 11.15  ? 116 ILE A CG1 1 
ATOM   846  C CG2 . ILE A 1 116 ? -7.359  -6.845  2.472   1.00 13.48  ? 116 ILE A CG2 1 
ATOM   847  C CD1 . ILE A 1 116 ? -10.141 -8.238  2.836   1.00 15.52  ? 116 ILE A CD1 1 
ATOM   848  N N   . VAL A 1 117 ? -6.391  -3.852  2.399   1.00 10.01  ? 117 VAL A N   1 
ATOM   849  C CA  . VAL A 1 117 ? -5.257  -3.525  1.549   1.00 8.55   ? 117 VAL A CA  1 
ATOM   850  C C   . VAL A 1 117 ? -4.214  -4.632  1.714   1.00 10.41  ? 117 VAL A C   1 
ATOM   851  O O   . VAL A 1 117 ? -3.995  -5.144  2.804   1.00 10.46  ? 117 VAL A O   1 
ATOM   852  C CB  . VAL A 1 117 ? -4.657  -2.144  1.874   1.00 10.04  ? 117 VAL A CB  1 
ATOM   853  C CG1 . VAL A 1 117 ? -3.334  -1.897  1.158   1.00 11.24  ? 117 VAL A CG1 1 
ATOM   854  C CG2 . VAL A 1 117 ? -5.649  -1.074  1.467   1.00 9.88   ? 117 VAL A CG2 1 
ATOM   855  N N   . ALA A 1 118 ? -3.579  -5.053  0.619   1.00 12.72  ? 118 ALA A N   1 
ATOM   856  C CA  . ALA A 1 118 ? -2.568  -6.121  0.731   1.00 11.14  ? 118 ALA A CA  1 
ATOM   857  C C   . ALA A 1 118 ? -1.318  -5.715  -0.049  1.00 12.23  ? 118 ALA A C   1 
ATOM   858  O O   . ALA A 1 118 ? -1.476  -5.132  -1.148  1.00 12.89  ? 118 ALA A O   1 
ATOM   859  C CB  . ALA A 1 118 ? -3.101  -7.430  0.185   1.00 11.36  ? 118 ALA A CB  1 
ATOM   860  N N   . MET A 1 119 ? -0.135  -6.008  0.464   1.00 8.44   ? 119 MET A N   1 
ATOM   861  C CA  . MET A 1 119 ? 1.089   -5.829  -0.314  1.00 9.10   ? 119 MET A CA  1 
ATOM   862  C C   . MET A 1 119 ? 1.512   -7.216  -0.815  1.00 11.13  ? 119 MET A C   1 
ATOM   863  O O   . MET A 1 119 ? 1.679   -8.110  0.014   1.00 11.56  ? 119 MET A O   1 
ATOM   864  C CB  . MET A 1 119 ? 2.266   -5.212  0.465   1.00 13.81  ? 119 MET A CB  1 
ATOM   865  C CG  . MET A 1 119 ? 2.119   -3.737  0.808   1.00 17.34  ? 119 MET A CG  1 
ATOM   866  S SD  . MET A 1 119 ? 3.647   -3.030  1.562   1.00 20.05  ? 119 MET A SD  1 
ATOM   867  C CE  . MET A 1 119 ? 4.425   -4.600  1.943   1.00 45.87  ? 119 MET A CE  1 
ATOM   868  N N   . ASN A 1 120 ? 1.695   -7.360  -2.132  1.00 10.47  ? 120 ASN A N   1 
ATOM   869  C CA  . ASN A 1 120 ? 2.119   -8.611  -2.759  1.00 9.90   ? 120 ASN A CA  1 
ATOM   870  C C   . ASN A 1 120 ? 3.284   -8.313  -3.699  1.00 10.93  ? 120 ASN A C   1 
ATOM   871  O O   . ASN A 1 120 ? 3.227   -7.339  -4.435  1.00 12.67  ? 120 ASN A O   1 
ATOM   872  C CB  . ASN A 1 120 ? 0.921   -9.199  -3.482  1.00 12.93  ? 120 ASN A CB  1 
ATOM   873  C CG  . ASN A 1 120 ? 1.114   -10.514 -4.243  1.00 13.20  ? 120 ASN A CG  1 
ATOM   874  O OD1 . ASN A 1 120 ? 0.468   -11.526 -3.900  1.00 17.77  ? 120 ASN A OD1 1 
ATOM   875  N ND2 . ASN A 1 120 ? 1.939   -10.457 -5.261  1.00 14.11  ? 120 ASN A ND2 1 
ATOM   876  N N   . ASN A 1 121 ? 4.307   -9.192  -3.617  1.00 11.15  ? 121 ASN A N   1 
ATOM   877  C CA  . ASN A 1 121 ? 5.538   -8.888  -4.342  1.00 12.76  ? 121 ASN A CA  1 
ATOM   878  C C   . ASN A 1 121 ? 5.608   -9.698  -5.652  1.00 12.08  ? 121 ASN A C   1 
ATOM   879  O O   . ASN A 1 121 ? 6.743   -9.754  -6.143  1.00 16.33  ? 121 ASN A O   1 
ATOM   880  C CB  . ASN A 1 121 ? 6.793   -9.183  -3.505  1.00 13.86  ? 121 ASN A CB  1 
ATOM   881  C CG  . ASN A 1 121 ? 6.865   -10.656 -3.129  1.00 10.93  ? 121 ASN A CG  1 
ATOM   882  O OD1 . ASN A 1 121 ? 6.080   -11.521 -3.477  1.00 12.18  ? 121 ASN A OD1 1 
ATOM   883  N ND2 . ASN A 1 121 ? 7.926   -10.943 -2.333  1.00 19.40  ? 121 ASN A ND2 1 
ATOM   884  N N   . GLY A 1 122 ? 4.528   -10.237 -6.153  1.00 14.23  ? 122 GLY A N   1 
ATOM   885  C CA  . GLY A 1 122 ? 4.531   -11.062 -7.383  1.00 13.21  ? 122 GLY A CA  1 
ATOM   886  C C   . GLY A 1 122 ? 4.739   -12.530 -7.063  1.00 20.30  ? 122 GLY A C   1 
ATOM   887  O O   . GLY A 1 122 ? 4.355   -13.379 -7.873  1.00 22.94  ? 122 GLY A O   1 
ATOM   888  N N   . MET A 1 123 ? 5.323   -12.785 -5.893  1.00 19.75  ? 123 MET A N   1 
ATOM   889  C CA  . MET A 1 123 ? 5.580   -14.158 -5.450  1.00 21.15  ? 123 MET A CA  1 
ATOM   890  C C   . MET A 1 123 ? 4.543   -14.573 -4.413  1.00 23.07  ? 123 MET A C   1 
ATOM   891  O O   . MET A 1 123 ? 4.066   -15.708 -4.415  1.00 23.62  ? 123 MET A O   1 
ATOM   892  C CB  . MET A 1 123 ? 7.014   -14.286 -4.938  1.00 24.19  ? 123 MET A CB  1 
ATOM   893  C CG  . MET A 1 123 ? 8.075   -13.704 -5.862  1.00 32.22  ? 123 MET A CG  1 
ATOM   894  S SD  . MET A 1 123 ? 8.438   -14.792 -7.258  1.00 35.15  ? 123 MET A SD  1 
ATOM   895  C CE  . MET A 1 123 ? 9.172   -16.198 -6.419  1.00 47.90  ? 123 MET A CE  1 
ATOM   896  N N   . GLU A 1 124 ? 4.161   -13.666 -3.508  1.00 15.98  ? 124 GLU A N   1 
ATOM   897  C CA  . GLU A 1 124 ? 3.199   -14.018 -2.484  1.00 15.90  ? 124 GLU A CA  1 
ATOM   898  C C   . GLU A 1 124 ? 2.676   -12.757 -1.785  1.00 12.08  ? 124 GLU A C   1 
ATOM   899  O O   . GLU A 1 124 ? 3.261   -11.709 -2.006  1.00 14.18  ? 124 GLU A O   1 
ATOM   900  C CB  . GLU A 1 124 ? 3.850   -14.887 -1.400  1.00 13.55  ? 124 GLU A CB  1 
ATOM   901  C CG  . GLU A 1 124 ? 4.937   -14.166 -0.622  1.00 15.88  ? 124 GLU A CG  1 
ATOM   902  C CD  . GLU A 1 124 ? 5.816   -15.112 0.185   1.00 18.57  ? 124 GLU A CD  1 
ATOM   903  O OE1 . GLU A 1 124 ? 5.264   -15.980 0.884   1.00 19.33  ? 124 GLU A OE1 1 
ATOM   904  O OE2 . GLU A 1 124 ? 7.062   -14.940 0.088   1.00 21.43  ? 124 GLU A OE2 1 
ATOM   905  N N   . ASP A 1 125 ? 1.636   -12.891 -0.986  1.00 12.63  ? 125 ASP A N   1 
ATOM   906  C CA  . ASP A 1 125 ? 1.130   -11.828 -0.123  1.00 11.51  ? 125 ASP A CA  1 
ATOM   907  C C   . ASP A 1 125 ? 2.099   -11.679 1.069   1.00 15.02  ? 125 ASP A C   1 
ATOM   908  O O   . ASP A 1 125 ? 2.473   -12.682 1.705   1.00 15.64  ? 125 ASP A O   1 
ATOM   909  C CB  . ASP A 1 125 ? -0.251  -12.086 0.434   1.00 13.07  ? 125 ASP A CB  1 
ATOM   910  C CG  . ASP A 1 125 ? -1.379  -11.925 -0.566  1.00 15.48  ? 125 ASP A CG  1 
ATOM   911  O OD1 . ASP A 1 125 ? -1.138  -11.359 -1.648  1.00 14.40  ? 125 ASP A OD1 1 
ATOM   912  O OD2 . ASP A 1 125 ? -2.492  -12.419 -0.260  1.00 16.23  ? 125 ASP A OD2 1 
ATOM   913  N N   . LEU A 1 126 ? 2.520   -10.466 1.354   1.00 11.93  ? 126 LEU A N   1 
ATOM   914  C CA  . LEU A 1 126 ? 3.453   -10.186 2.444   1.00 9.91   ? 126 LEU A CA  1 
ATOM   915  C C   . LEU A 1 126 ? 2.746   -9.576  3.647   1.00 10.88  ? 126 LEU A C   1 
ATOM   916  O O   . LEU A 1 126 ? 2.939   -10.048 4.775   1.00 15.38  ? 126 LEU A O   1 
ATOM   917  C CB  . LEU A 1 126 ? 4.551   -9.223  1.964   1.00 13.68  ? 126 LEU A CB  1 
ATOM   918  C CG  . LEU A 1 126 ? 5.511   -9.793  0.913   1.00 17.86  ? 126 LEU A CG  1 
ATOM   919  C CD1 . LEU A 1 126 ? 6.496   -8.720  0.501   1.00 12.29  ? 126 LEU A CD1 1 
ATOM   920  C CD2 . LEU A 1 126 ? 6.233   -11.048 1.400   1.00 15.04  ? 126 LEU A CD2 1 
ATOM   921  N N   . LEU A 1 127 ? 1.949   -8.548  3.411   1.00 9.80   ? 127 LEU A N   1 
ATOM   922  C CA  . LEU A 1 127 ? 1.294   -7.782  4.485   1.00 9.44   ? 127 LEU A CA  1 
ATOM   923  C C   . LEU A 1 127 ? -0.157  -7.508  4.097   1.00 10.71  ? 127 LEU A C   1 
ATOM   924  O O   . LEU A 1 127 ? -0.421  -7.145  2.938   1.00 12.35  ? 127 LEU A O   1 
ATOM   925  C CB  . LEU A 1 127 ? 1.974   -6.450  4.737   1.00 9.18   ? 127 LEU A CB  1 
ATOM   926  C CG  . LEU A 1 127 ? 3.440   -6.418  5.132   1.00 8.86   ? 127 LEU A CG  1 
ATOM   927  C CD1 . LEU A 1 127 ? 4.000   -4.998  5.179   1.00 13.47  ? 127 LEU A CD1 1 
ATOM   928  C CD2 . LEU A 1 127 ? 3.587   -7.057  6.505   1.00 17.57  ? 127 LEU A CD2 1 
ATOM   929  N N   . ILE A 1 128 ? -1.068  -7.679  5.056   1.00 10.55  ? 128 ILE A N   1 
ATOM   930  C CA  . ILE A 1 128 ? -2.484  -7.455  4.795   1.00 7.46   ? 128 ILE A CA  1 
ATOM   931  C C   . ILE A 1 128 ? -3.092  -6.638  5.927   1.00 11.69  ? 128 ILE A C   1 
ATOM   932  O O   . ILE A 1 128 ? -2.844  -7.011  7.080   1.00 11.03  ? 128 ILE A O   1 
ATOM   933  C CB  . ILE A 1 128 ? -3.201  -8.818  4.678   1.00 11.38  ? 128 ILE A CB  1 
ATOM   934  C CG1 . ILE A 1 128 ? -2.595  -9.661  3.545   1.00 14.23  ? 128 ILE A CG1 1 
ATOM   935  C CG2 . ILE A 1 128 ? -4.689  -8.553  4.522   1.00 14.59  ? 128 ILE A CG2 1 
ATOM   936  C CD1 . ILE A 1 128 ? -3.206  -11.044 3.474   1.00 24.36  ? 128 ILE A CD1 1 
ATOM   937  N N   . TRP A 1 129 ? -3.847  -5.610  5.626   1.00 10.50  ? 129 TRP A N   1 
ATOM   938  C CA  . TRP A 1 129 ? -4.577  -4.759  6.555   1.00 10.03  ? 129 TRP A CA  1 
ATOM   939  C C   . TRP A 1 129 ? -6.079  -4.938  6.331   1.00 12.97  ? 129 TRP A C   1 
ATOM   940  O O   . TRP A 1 129 ? -6.527  -4.746  5.201   1.00 12.83  ? 129 TRP A O   1 
ATOM   941  C CB  . TRP A 1 129 ? -4.247  -3.277  6.425   1.00 10.11  ? 129 TRP A CB  1 
ATOM   942  C CG  . TRP A 1 129 ? -2.805  -2.924  6.665   1.00 9.00   ? 129 TRP A CG  1 
ATOM   943  C CD1 . TRP A 1 129 ? -2.323  -2.394  7.842   1.00 9.67   ? 129 TRP A CD1 1 
ATOM   944  C CD2 . TRP A 1 129 ? -1.694  -3.052  5.787   1.00 8.55   ? 129 TRP A CD2 1 
ATOM   945  N NE1 . TRP A 1 129 ? -0.958  -2.197  7.723   1.00 10.43  ? 129 TRP A NE1 1 
ATOM   946  C CE2 . TRP A 1 129 ? -0.560  -2.594  6.464   1.00 9.20   ? 129 TRP A CE2 1 
ATOM   947  C CE3 . TRP A 1 129 ? -1.548  -3.523  4.471   1.00 12.58  ? 129 TRP A CE3 1 
ATOM   948  C CZ2 . TRP A 1 129 ? 0.700   -2.580  5.885   1.00 11.75  ? 129 TRP A CZ2 1 
ATOM   949  C CZ3 . TRP A 1 129 ? -0.283  -3.512  3.888   1.00 12.35  ? 129 TRP A CZ3 1 
ATOM   950  C CH2 . TRP A 1 129 ? 0.830   -3.041  4.603   1.00 11.61  ? 129 TRP A CH2 1 
ATOM   951  N N   . GLU A 1 130 ? -6.797  -5.334  7.375   1.00 11.79  ? 130 GLU A N   1 
ATOM   952  C CA  . GLU A 1 130 ? -8.222  -5.639  7.255   1.00 10.93  ? 130 GLU A CA  1 
ATOM   953  C C   . GLU A 1 130 ? -9.027  -4.902  8.306   1.00 10.65  ? 130 GLU A C   1 
ATOM   954  O O   . GLU A 1 130 ? -8.459  -4.321  9.236   1.00 12.81  ? 130 GLU A O   1 
ATOM   955  C CB  . GLU A 1 130 ? -8.446  -7.142  7.387   1.00 13.43  ? 130 GLU A CB  1 
ATOM   956  C CG  . GLU A 1 130 ? -8.137  -7.727  8.733   1.00 15.72  ? 130 GLU A CG  1 
ATOM   957  C CD  . GLU A 1 130 ? -8.128  -9.247  8.803   1.00 30.92  ? 130 GLU A CD  1 
ATOM   958  O OE1 . GLU A 1 130 ? -8.247  -9.889  7.743   1.00 35.87  ? 130 GLU A OE1 1 
ATOM   959  O OE2 . GLU A 1 130 ? -7.991  -9.758  9.940   1.00 35.54  ? 130 GLU A OE2 1 
ATOM   960  N N   . PRO A 1 131 ? -10.353 -4.854  8.174   1.00 9.85   ? 131 PRO A N   1 
ATOM   961  C CA  . PRO A 1 131 ? -11.127 -4.248  9.251   1.00 10.16  ? 131 PRO A CA  1 
ATOM   962  C C   . PRO A 1 131 ? -10.847 -5.022  10.524  1.00 17.38  ? 131 PRO A C   1 
ATOM   963  O O   . PRO A 1 131 ? -10.792 -6.245  10.543  1.00 19.84  ? 131 PRO A O   1 
ATOM   964  C CB  . PRO A 1 131 ? -12.562 -4.443  8.770   1.00 12.73  ? 131 PRO A CB  1 
ATOM   965  C CG  . PRO A 1 131 ? -12.474 -4.566  7.268   1.00 10.45  ? 131 PRO A CG  1 
ATOM   966  C CD  . PRO A 1 131 ? -11.178 -5.331  7.041   1.00 10.29  ? 131 PRO A CD  1 
ATOM   967  O OXT . PRO A 1 131 ? -10.627 -4.284  11.457  1.00 29.15  ? 131 PRO A OXT 1 
HETATM 968  O O   . HOH B 2 .   ? 10.941  6.595   12.539  1.00 12.27  ? 132 HOH A O   1 
HETATM 969  O O   . HOH B 2 .   ? 11.066  11.268  8.280   1.00 12.28  ? 133 HOH A O   1 
HETATM 970  O O   . HOH B 2 .   ? -0.773  8.503   11.158  1.00 11.24  ? 134 HOH A O   1 
HETATM 971  O O   . HOH B 2 .   ? -6.784  -3.814  -10.921 1.00 20.09  ? 135 HOH A O   1 
HETATM 972  O O   . HOH B 2 .   ? 21.421  -7.385  1.382   1.00 22.43  ? 136 HOH A O   1 
HETATM 973  O O   . HOH B 2 .   ? -13.307 -7.213  5.011   1.00 14.03  ? 137 HOH A O   1 
HETATM 974  O O   . HOH B 2 .   ? 0.081   10.191  7.213   1.00 14.57  ? 138 HOH A O   1 
HETATM 975  O O   . HOH B 2 .   ? -15.954 5.321   1.103   1.00 12.02  ? 139 HOH A O   1 
HETATM 976  O O   . HOH B 2 .   ? -10.626 8.667   6.589   1.00 14.97  ? 140 HOH A O   1 
HETATM 977  O O   . HOH B 2 .   ? -0.565  5.733   7.220   1.00 14.25  ? 141 HOH A O   1 
HETATM 978  O O   . HOH B 2 .   ? 9.602   7.796   0.166   1.00 17.19  ? 142 HOH A O   1 
HETATM 979  O O   . HOH B 2 .   ? -6.701  8.147   2.644   1.00 12.47  ? 143 HOH A O   1 
HETATM 980  O O   . HOH B 2 .   ? 3.902   -6.304  13.057  1.00 18.65  ? 144 HOH A O   1 
HETATM 981  O O   . HOH B 2 .   ? -1.508  8.160   8.436   1.00 17.81  ? 145 HOH A O   1 
HETATM 982  O O   . HOH B 2 .   ? 6.438   12.087  3.955   1.00 14.81  ? 146 HOH A O   1 
HETATM 983  O O   . HOH B 2 .   ? 12.255  3.858   12.723  1.00 17.58  ? 147 HOH A O   1 
HETATM 984  O O   . HOH B 2 .   ? -4.577  6.689   11.954  1.00 22.39  ? 148 HOH A O   1 
HETATM 985  O O   . HOH B 2 .   ? 20.255  4.757   6.432   1.00 20.00  ? 149 HOH A O   1 
HETATM 986  O O   . HOH B 2 .   ? 14.941  -12.730 4.021   1.00 21.30  ? 150 HOH A O   1 
HETATM 987  O O   . HOH B 2 .   ? 6.138   10.624  0.962   1.00 18.21  ? 151 HOH A O   1 
HETATM 988  O O   . HOH B 2 .   ? 17.073  -7.371  8.209   1.00 25.79  ? 152 HOH A O   1 
HETATM 989  O O   . HOH B 2 .   ? -9.280  -10.933 0.046   1.00 25.06  ? 153 HOH A O   1 
HETATM 990  O O   . HOH B 2 .   ? 16.879  8.957   11.214  1.00 16.22  ? 154 HOH A O   1 
HETATM 991  O O   . HOH B 2 .   ? -2.791  -9.210  -5.575  1.00 31.82  ? 155 HOH A O   1 
HETATM 992  O O   . HOH B 2 .   ? -17.110 1.775   -4.732  1.00 15.51  ? 156 HOH A O   1 
HETATM 993  O O   . HOH B 2 .   ? -11.589 -9.221  6.482   1.00 18.21  ? 157 HOH A O   1 
HETATM 994  O O   . HOH B 2 .   ? 21.480  -11.050 1.183   1.00 20.29  ? 158 HOH A O   1 
HETATM 995  O O   . HOH B 2 .   ? -4.119  -13.737 -2.413  1.00 39.12  ? 159 HOH A O   1 
HETATM 996  O O   . HOH B 2 .   ? -15.382 8.158   1.027   1.00 18.61  ? 160 HOH A O   1 
HETATM 997  O O   . HOH B 2 .   ? -9.801  -9.698  -8.980  1.00 20.74  ? 161 HOH A O   1 
HETATM 998  O O   . HOH B 2 .   ? -6.712  -10.513 1.055   1.00 21.53  ? 162 HOH A O   1 
HETATM 999  O O   . HOH B 2 .   ? 9.081   -10.728 8.428   1.00 22.28  ? 163 HOH A O   1 
HETATM 1000 O O   . HOH B 2 .   ? 8.106   -1.758  0.739   1.00 17.43  ? 164 HOH A O   1 
HETATM 1001 O O   . HOH B 2 .   ? -10.707 11.912  -1.110  1.00 24.49  ? 165 HOH A O   1 
HETATM 1002 O O   . HOH B 2 .   ? 5.251   5.002   12.339  1.00 11.34  ? 166 HOH A O   1 
HETATM 1003 O O   . HOH B 2 .   ? 0.436   -15.531 -0.278  1.00 22.85  ? 167 HOH A O   1 
HETATM 1004 O O   . HOH B 2 .   ? 9.887   3.536   -4.622  1.00 24.62  ? 168 HOH A O   1 
HETATM 1005 O O   . HOH B 2 .   ? 0.405   -14.296 -5.036  1.00 27.99  ? 169 HOH A O   1 
HETATM 1006 O O   . HOH B 2 .   ? 17.105  -0.804  13.777  1.00 24.37  ? 170 HOH A O   1 
HETATM 1007 O O   . HOH B 2 .   ? -6.119  -6.917  -10.087 1.00 25.16  ? 171 HOH A O   1 
HETATM 1008 O O   . HOH B 2 .   ? -4.111  8.943   8.267   1.00 24.05  ? 172 HOH A O   1 
HETATM 1009 O O   . HOH B 2 .   ? -8.848  -1.865  -11.233 1.00 23.51  ? 173 HOH A O   1 
HETATM 1010 O O   . HOH B 2 .   ? 4.861   -2.297  14.033  1.00 22.51  ? 174 HOH A O   1 
HETATM 1011 O O   . HOH B 2 .   ? 11.738  10.738  4.962   1.00 34.59  ? 175 HOH A O   1 
HETATM 1012 O O   . HOH B 2 .   ? -15.785 9.683   -3.169  1.00 29.37  ? 176 HOH A O   1 
HETATM 1013 O O   . HOH B 2 .   ? -3.194  -14.167 1.563   1.00 29.53  ? 177 HOH A O   1 
HETATM 1014 O O   . HOH B 2 .   ? 2.484   -16.688 1.528   1.00 38.29  ? 178 HOH A O   1 
HETATM 1015 O O   . HOH B 2 .   ? -12.680 12.027  3.486   1.00 29.63  ? 179 HOH A O   1 
HETATM 1016 O O   . HOH B 2 .   ? -6.880  -0.391  -9.659  1.00 18.27  ? 180 HOH A O   1 
HETATM 1017 O O   . HOH B 2 .   ? -13.555 8.524   -9.557  1.00 22.18  ? 181 HOH A O   1 
HETATM 1018 O O   . HOH B 2 .   ? -11.377 -8.429  9.310   1.00 23.81  ? 182 HOH A O   1 
HETATM 1019 O O   . HOH B 2 .   ? -13.085 10.366  -7.850  1.00 27.77  ? 183 HOH A O   1 
HETATM 1020 O O   . HOH B 2 .   ? 19.123  4.644   14.015  1.00 31.39  ? 184 HOH A O   1 
HETATM 1021 O O   . HOH B 2 .   ? -17.032 -10.521 -5.331  1.00 23.07  ? 185 HOH A O   1 
HETATM 1022 O O   . HOH B 2 .   ? -5.401  -0.279  13.831  1.00 34.48  ? 186 HOH A O   1 
HETATM 1023 O O   . HOH B 2 .   ? -16.362 -10.026 -0.537  1.00 22.13  ? 187 HOH A O   1 
HETATM 1024 O O   . HOH B 2 .   ? -8.317  12.439  1.987   1.00 26.07  ? 188 HOH A O   1 
HETATM 1025 O O   . HOH B 2 .   ? -8.087  1.592   -14.472 1.00 30.25  ? 189 HOH A O   1 
HETATM 1026 O O   . HOH B 2 .   ? -0.396  -12.463 11.089  1.00 27.39  ? 190 HOH A O   1 
HETATM 1027 O O   . HOH B 2 .   ? 16.822  0.901   -0.577  1.00 29.27  ? 191 HOH A O   1 
HETATM 1028 O O   . HOH B 2 .   ? 15.617  8.479   -3.728  1.00 33.85  ? 192 HOH A O   1 
HETATM 1029 O O   . HOH B 2 .   ? 20.659  0.406   0.535   1.00 67.62  ? 193 HOH A O   1 
HETATM 1030 O O   . HOH B 2 .   ? 9.866   12.701  3.594   1.00 52.63  ? 194 HOH A O   1 
HETATM 1031 O O   . HOH B 2 .   ? -13.845 13.752  5.311   1.00 34.09  ? 195 HOH A O   1 
HETATM 1032 O O   . HOH B 2 .   ? -1.305  12.187  5.950   1.00 22.85  ? 196 HOH A O   1 
HETATM 1033 O O   . HOH B 2 .   ? 6.807   -4.408  0.531   1.00 27.58  ? 197 HOH A O   1 
HETATM 1034 O O   . HOH B 2 .   ? -6.471  12.486  -2.017  1.00 34.79  ? 198 HOH A O   1 
HETATM 1035 O O   . HOH B 2 .   ? -5.456  -3.875  -13.132 1.00 20.50  ? 199 HOH A O   1 
HETATM 1036 O O   . HOH B 2 .   ? 7.246   0.830   -6.609  1.00 28.53  ? 200 HOH A O   1 
HETATM 1037 O O   . HOH B 2 .   ? -1.399  5.455   -6.499  1.00 26.10  ? 201 HOH A O   1 
HETATM 1038 O O   . HOH B 2 .   ? -1.045  12.252  3.163   1.00 24.79  ? 202 HOH A O   1 
HETATM 1039 O O   . HOH B 2 .   ? 10.645  -12.530 0.730   0.50 41.82  ? 203 HOH A O   1 
HETATM 1040 O O   . HOH B 2 .   ? -8.051  15.867  -7.421  1.00 28.63  ? 204 HOH A O   1 
HETATM 1041 O O   . HOH B 2 .   ? -4.078  -7.672  -11.834 1.00 28.95  ? 205 HOH A O   1 
HETATM 1042 O O   . HOH B 2 .   ? 0.906   -2.275  15.150  1.00 29.94  ? 206 HOH A O   1 
HETATM 1043 O O   . HOH B 2 .   ? -10.217 -6.310  -10.576 1.00 25.71  ? 207 HOH A O   1 
HETATM 1044 O O   . HOH B 2 .   ? -12.537 11.038  0.457   1.00 31.32  ? 208 HOH A O   1 
HETATM 1045 O O   . HOH B 2 .   ? -4.225  11.541  6.912   1.00 29.24  ? 209 HOH A O   1 
HETATM 1046 O O   . HOH B 2 .   ? 5.262   -8.377  12.440  1.00 37.63  ? 210 HOH A O   1 
HETATM 1047 O O   . HOH B 2 .   ? 11.091  -11.550 4.601   1.00 38.77  ? 211 HOH A O   1 
HETATM 1048 O O   . HOH B 2 .   ? -18.056 5.875   -4.101  1.00 26.21  ? 212 HOH A O   1 
HETATM 1049 O O   . HOH B 2 .   ? 18.793  -3.337  0.841   0.50 27.44  ? 213 HOH A O   1 
HETATM 1050 O O   . HOH B 2 .   ? 7.735   10.023  -6.131  1.00 52.33  ? 214 HOH A O   1 
HETATM 1051 O O   . HOH B 2 .   ? -12.352 -6.865  -11.228 1.00 50.98  ? 215 HOH A O   1 
HETATM 1052 O O   . HOH B 2 .   ? -2.319  -0.356  -11.833 1.00 34.03  ? 216 HOH A O   1 
HETATM 1053 O O   . HOH B 2 .   ? -16.112 6.327   -13.968 1.00 35.42  ? 217 HOH A O   1 
HETATM 1054 O O   . HOH B 2 .   ? -1.746  -13.769 7.760   1.00 33.04  ? 218 HOH A O   1 
HETATM 1055 O O   . HOH B 2 .   ? 17.094  -0.936  0.774   1.00 28.48  ? 219 HOH A O   1 
HETATM 1056 O O   . HOH B 2 .   ? -16.220 3.337   -17.031 1.00 29.44  ? 220 HOH A O   1 
HETATM 1057 O O   . HOH B 2 .   ? 5.135   -4.715  15.230  1.00 30.49  ? 221 HOH A O   1 
HETATM 1058 O O   . HOH B 2 .   ? -16.338 -9.069  -3.692  1.00 37.37  ? 222 HOH A O   1 
HETATM 1059 O O   . HOH B 2 .   ? 13.363  -7.717  13.169  1.00 29.61  ? 223 HOH A O   1 
HETATM 1060 O O   . HOH B 2 .   ? 4.957   10.437  -5.555  1.00 36.14  ? 224 HOH A O   1 
HETATM 1061 O O   . HOH B 2 .   ? -6.921  -11.586 -4.296  1.00 37.52  ? 225 HOH A O   1 
HETATM 1062 O O   . HOH B 2 .   ? 10.299  -14.526 2.109   1.00 28.12  ? 226 HOH A O   1 
HETATM 1063 O O   . HOH B 2 .   ? -9.889  -15.234 -1.041  1.00 93.21  ? 227 HOH A O   1 
HETATM 1064 O O   . HOH B 2 .   ? -6.843  10.266  4.837   1.00 32.14  ? 228 HOH A O   1 
HETATM 1065 O O   . HOH B 2 .   ? 20.973  6.713   4.462   1.00 31.67  ? 229 HOH A O   1 
HETATM 1066 O O   . HOH B 2 .   ? -18.322 3.118   -10.956 1.00 43.03  ? 230 HOH A O   1 
HETATM 1067 O O   . HOH B 2 .   ? -5.222  -12.537 5.397   1.00 33.14  ? 231 HOH A O   1 
HETATM 1068 O O   . HOH B 2 .   ? 17.001  9.745   -0.868  1.00 39.07  ? 232 HOH A O   1 
HETATM 1069 O O   . HOH B 2 .   ? 20.334  -0.525  3.836   1.00 31.03  ? 233 HOH A O   1 
HETATM 1070 O O   . HOH B 2 .   ? -10.519 -2.370  -15.439 1.00 39.06  ? 234 HOH A O   1 
HETATM 1071 O O   . HOH B 2 .   ? -12.681 -4.065  12.462  1.00 128.93 ? 235 HOH A O   1 
HETATM 1072 O O   . HOH B 2 .   ? -13.247 -11.661 6.225   1.00 35.94  ? 236 HOH A O   1 
HETATM 1073 O O   . HOH B 2 .   ? -15.062 10.782  2.128   1.00 30.91  ? 237 HOH A O   1 
HETATM 1074 O O   . HOH B 2 .   ? -7.223  -9.265  -10.067 1.00 30.21  ? 238 HOH A O   1 
HETATM 1075 O O   . HOH B 2 .   ? -15.972 -0.075  -14.030 1.00 29.89  ? 239 HOH A O   1 
HETATM 1076 O O   . HOH B 2 .   ? 1.827   15.418  -3.159  1.00 39.30  ? 240 HOH A O   1 
HETATM 1077 O O   . HOH B 2 .   ? 1.755   13.463  -5.676  1.00 44.03  ? 241 HOH A O   1 
HETATM 1078 O O   . HOH B 2 .   ? 13.287  -5.342  14.254  1.00 38.80  ? 242 HOH A O   1 
HETATM 1079 O O   . HOH B 2 .   ? -17.178 -6.645  -11.373 1.00 44.07  ? 243 HOH A O   1 
HETATM 1080 O O   . HOH B 2 .   ? -7.328  -11.338 3.890   1.00 32.03  ? 244 HOH A O   1 
HETATM 1081 O O   . HOH B 2 .   ? -1.843  -15.963 0.821   1.00 41.45  ? 245 HOH A O   1 
HETATM 1082 O O   . HOH B 2 .   ? -10.134 -4.790  -14.322 1.00 51.42  ? 246 HOH A O   1 
HETATM 1083 O O   . HOH B 2 .   ? 13.703  -11.950 6.439   1.00 46.64  ? 247 HOH A O   1 
HETATM 1084 O O   . HOH B 2 .   ? 21.313  9.508   4.473   1.00 29.16  ? 248 HOH A O   1 
HETATM 1085 O O   . HOH B 2 .   ? 13.866  -13.667 8.024   1.00 31.88  ? 249 HOH A O   1 
HETATM 1086 O O   . HOH B 2 .   ? 19.428  6.553   2.247   1.00 28.88  ? 250 HOH A O   1 
HETATM 1087 O O   . HOH B 2 .   ? 11.574  -12.198 8.877   1.00 43.46  ? 251 HOH A O   1 
HETATM 1088 O O   . HOH B 2 .   ? 0.892   -18.374 3.595   1.00 44.70  ? 252 HOH A O   1 
HETATM 1089 O O   . HOH B 2 .   ? -14.749 12.755  -6.948  1.00 44.63  ? 253 HOH A O   1 
HETATM 1090 O O   . HOH B 2 .   ? -10.539 -2.318  -12.689 1.00 81.11  ? 254 HOH A O   1 
HETATM 1091 O O   . HOH B 2 .   ? 10.578  10.341  1.096   1.00 33.30  ? 255 HOH A O   1 
HETATM 1092 O O   . HOH B 2 .   ? 10.054  2.397   -12.748 1.00 64.10  ? 256 HOH A O   1 
HETATM 1093 O O   . HOH B 2 .   ? -3.262  -0.427  -14.258 1.00 53.39  ? 257 HOH A O   1 
HETATM 1094 O O   . HOH B 2 .   ? 21.622  -0.227  10.857  1.00 58.78  ? 258 HOH A O   1 
HETATM 1095 O O   . HOH B 2 .   ? -12.963 -6.146  -14.389 1.00 56.43  ? 259 HOH A O   1 
HETATM 1096 O O   . HOH B 2 .   ? 21.557  2.977   7.153   1.00 44.58  ? 260 HOH A O   1 
HETATM 1097 O O   . HOH B 2 .   ? -18.038 5.040   -14.106 1.00 40.42  ? 261 HOH A O   1 
HETATM 1098 O O   . HOH B 2 .   ? 18.114  9.092   1.033   1.00 45.88  ? 262 HOH A O   1 
HETATM 1099 O O   . HOH B 2 .   ? -12.745 -10.827 -10.842 1.00 51.79  ? 263 HOH A O   1 
HETATM 1100 O O   . HOH B 2 .   ? -14.017 -6.671  -17.516 1.00 70.12  ? 264 HOH A O   1 
HETATM 1101 O O   . HOH B 2 .   ? 16.592  14.253  2.091   1.00 51.66  ? 265 HOH A O   1 
HETATM 1102 O O   . HOH B 2 .   ? 20.641  -2.656  5.515   1.00 59.40  ? 266 HOH A O   1 
HETATM 1103 O O   . HOH B 2 .   ? -8.700  0.865   -17.816 1.00 44.24  ? 267 HOH A O   1 
HETATM 1104 O O   . HOH B 2 .   ? -0.001  -9.015  13.401  1.00 42.24  ? 268 HOH A O   1 
HETATM 1105 O O   . HOH B 2 .   ? 10.207  -0.623  -12.035 1.00 44.45  ? 269 HOH A O   1 
HETATM 1106 O O   . HOH B 2 .   ? -8.901  -7.917  12.368  1.00 36.19  ? 270 HOH A O   1 
HETATM 1107 O O   . HOH B 2 .   ? -5.195  -1.115  -13.220 1.00 35.89  ? 271 HOH A O   1 
HETATM 1108 O O   . HOH B 2 .   ? -0.506  -8.781  -7.184  1.00 40.25  ? 272 HOH A O   1 
HETATM 1109 O O   . HOH B 2 .   ? 16.981  13.466  5.841   1.00 33.20  ? 273 HOH A O   1 
HETATM 1110 O O   . HOH B 2 .   ? -0.509  16.934  -4.690  1.00 42.17  ? 274 HOH A O   1 
HETATM 1111 O O   . HOH B 2 .   ? 6.280   -8.728  14.472  1.00 58.09  ? 275 HOH A O   1 
HETATM 1112 O O   . HOH B 2 .   ? 7.501   -0.270  -9.595  1.00 47.56  ? 276 HOH A O   1 
HETATM 1113 O O   . HOH B 2 .   ? 5.110   14.389  2.881   1.00 47.31  ? 277 HOH A O   1 
HETATM 1114 O O   . HOH B 2 .   ? 12.046  8.596   -6.585  1.00 82.41  ? 278 HOH A O   1 
HETATM 1115 O O   . HOH B 2 .   ? 22.891  -7.943  8.777   1.00 58.36  ? 279 HOH A O   1 
HETATM 1116 O O   . HOH B 2 .   ? 1.506   -7.517  14.262  1.00 74.91  ? 280 HOH A O   1 
HETATM 1117 O O   . HOH B 2 .   ? 12.272  -14.424 9.698   1.00 48.60  ? 281 HOH A O   1 
HETATM 1118 O O   . HOH B 2 .   ? -7.140  11.517  6.919   1.00 51.57  ? 282 HOH A O   1 
HETATM 1119 O O   . HOH B 2 .   ? 1.068   -11.305 -7.844  1.00 39.02  ? 283 HOH A O   1 
HETATM 1120 O O   . HOH B 2 .   ? -6.345  12.934  8.737   1.00 55.88  ? 284 HOH A O   1 
HETATM 1121 O O   . HOH B 2 .   ? -6.657  -13.008 1.777   1.00 58.43  ? 285 HOH A O   1 
HETATM 1122 O O   . HOH B 2 .   ? 21.287  0.357   13.481  1.00 53.18  ? 286 HOH A O   1 
HETATM 1123 O O   . HOH B 2 .   ? 10.292  12.552  -2.927  1.00 84.58  ? 287 HOH A O   1 
HETATM 1124 O O   . HOH B 2 .   ? 13.351  5.982   -5.454  1.00 42.89  ? 288 HOH A O   1 
HETATM 1125 O O   . HOH B 2 .   ? -14.721 6.658   -16.162 1.00 47.32  ? 289 HOH A O   1 
HETATM 1126 O O   . HOH B 2 .   ? -0.702  8.612   -7.846  1.00 41.45  ? 290 HOH A O   1 
HETATM 1127 O O   . HOH B 2 .   ? -15.987 8.673   -9.435  1.00 102.52 ? 291 HOH A O   1 
HETATM 1128 O O   . HOH B 2 .   ? -9.903  -11.215 2.443   1.00 66.76  ? 292 HOH A O   1 
HETATM 1129 O O   . HOH B 2 .   ? -7.718  -6.476  19.997  1.00 63.65  ? 293 HOH A O   1 
HETATM 1130 O O   . HOH B 2 .   ? 22.936  -4.827  11.900  1.00 80.08  ? 294 HOH A O   1 
HETATM 1131 O O   . HOH B 2 .   ? 21.608  2.080   3.106   1.00 55.84  ? 295 HOH A O   1 
HETATM 1132 O O   . HOH B 2 .   ? -16.641 -4.750  -15.210 1.00 53.72  ? 296 HOH A O   1 
HETATM 1133 O O   . HOH B 2 .   ? 9.587   -9.253  11.547  1.00 42.75  ? 297 HOH A O   1 
HETATM 1134 O O   . HOH B 2 .   ? 3.918   9.463   -7.514  1.00 40.13  ? 298 HOH A O   1 
HETATM 1135 O O   . HOH B 2 .   ? -4.583  -10.446 12.597  1.00 63.77  ? 299 HOH A O   1 
HETATM 1136 O O   . HOH B 2 .   ? 0.849   18.394  -0.626  1.00 96.70  ? 300 HOH A O   1 
HETATM 1137 O O   . HOH B 2 .   ? 20.872  -2.920  11.789  1.00 43.83  ? 301 HOH A O   1 
HETATM 1138 O O   . HOH B 2 .   ? -18.272 7.819   -17.037 1.00 85.16  ? 302 HOH A O   1 
HETATM 1139 O O   . HOH B 2 .   ? -6.111  13.323  3.559   1.00 54.47  ? 303 HOH A O   1 
# 
